data_5MHO
#
_entry.id   5MHO
#
_cell.length_a   56.555
_cell.length_b   80.508
_cell.length_c   102.904
_cell.angle_alpha   88.20
_cell.angle_beta   76.91
_cell.angle_gamma   82.23
#
_symmetry.space_group_name_H-M   'P 1'
#
loop_
_entity.id
_entity.type
_entity.pdbx_description
1 polymer 'Coagulation factor XIII A chain'
2 polymer 'inhibitor ZED2369'
3 non-polymer 'CALCIUM ION'
4 non-polymer 'SULFATE ION'
5 water water
#
loop_
_entity_poly.entity_id
_entity_poly.type
_entity_poly.pdbx_seq_one_letter_code
_entity_poly.pdbx_strand_id
1 'polypeptide(L)'
;MHHHHHHSETSRTAFGGRRAVPPNNSNAAEDDLPTVELQGVVPRGVNLQEFLNVTSVHLFKERWDTNKVDHHTDKYENNK
LIVRRGQSFYVQIDFSRPYDPRRDLFRVEYVIGRYPQENKGTYIPVPIVSELQSGKWGAKIVMREDRSVRLSIQSSPKCI
VGKFRMYVAVWTPYGVLRTSRNPETDTYILFNPWCEDDAVYLDNEKEREEYVLNDIGVIFYGEVNDIKTRSWSYGQFEDG
ILDTCLYVMDRAQMDLSGRGNPIKVSRVGSAMVNAKDDEGVLVGSWDNIYAYGVPPSAWTGSVDILLEYRSSENPVRYGQ
CWVFAGVFNTFLRCLGIPARIVTNYFSAHDNDANLQMDIFLEEDGNVNSKLTKDSVWNYHCWNEAWMTRPDLPVGFGGWQ
AVDSTPQENSDGMYRCGPASVQAIKHGHVCFQFDAPFVFAEVNSDLIYITAKKDGTHVVENVDATHIGKLIVTKQIGGDG
MMDITDTYKFQEGQEEERLALETALMYGAKKPLNTEGVMKSRSNVDMDFEVENAVLGKDFKLSITFRNNSHNRYTITAYL
SANITFYTGVPKAEFKKETFDVTLEPLSFKKEAVLIQAGEYMGQLLEQASLHFFVTARINETRDVLAKQKSTVLTIPEII
IKVRGTQVVGSDMTVIVEFTNPLKETLRNVWVHLDGPGVTRPMKKMFREIRPNSTVQWEEVCRPWVSGHRKLIASMSSDS
LRHVYGELDVQIQRRPSM
;
A,B
2 'polypeptide(L)' (TRM)(1TX)LILPWP(NH2) G,H
#
loop_
_chem_comp.id
_chem_comp.type
_chem_comp.name
_chem_comp.formula
CA non-polymer 'CALCIUM ION' 'Ca 2'
NH2 non-polymer 'AMINO GROUP' 'H2 N'
SO4 non-polymer 'SULFATE ION' 'O4 S -2'
TRM non-polymer '1H-BENOXIMIDAZOLE-2-CARBOXYLIC ACID' 'C8 H6 N2 O2'
#
# COMPACT_ATOMS: atom_id res chain seq x y z
N PRO A 22 -6.46 -48.03 41.78
CA PRO A 22 -5.09 -47.51 41.67
C PRO A 22 -4.92 -46.61 40.45
N PRO A 23 -3.91 -45.75 40.44
CA PRO A 23 -3.66 -44.93 39.25
C PRO A 23 -3.33 -45.81 38.06
N ASN A 24 -3.80 -45.38 36.89
CA ASN A 24 -3.66 -46.13 35.63
C ASN A 24 -2.80 -45.31 34.69
N ASN A 25 -1.48 -45.37 34.88
CA ASN A 25 -0.55 -44.50 34.20
C ASN A 25 0.58 -45.29 33.54
N SER A 26 0.25 -46.37 32.85
CA SER A 26 1.27 -47.16 32.18
C SER A 26 0.67 -47.82 30.94
N ASN A 27 1.14 -47.42 29.76
CA ASN A 27 0.73 -48.07 28.52
C ASN A 27 1.28 -49.49 28.45
N ALA A 28 2.46 -49.73 29.03
CA ALA A 28 3.04 -51.06 29.00
C ALA A 28 2.21 -52.04 29.83
N ALA A 29 1.78 -51.63 31.02
CA ALA A 29 0.97 -52.49 31.88
C ALA A 29 -0.33 -52.88 31.19
N GLU A 30 -0.77 -54.09 31.46
CA GLU A 30 -2.02 -54.60 30.89
C GLU A 30 -2.81 -55.34 31.97
N ASP A 31 -4.13 -55.22 31.91
CA ASP A 31 -4.99 -56.13 32.64
C ASP A 31 -5.28 -57.35 31.76
N ASP A 32 -5.92 -58.35 32.35
CA ASP A 32 -6.28 -59.57 31.65
C ASP A 32 -7.79 -59.60 31.47
N LEU A 33 -8.23 -59.59 30.21
CA LEU A 33 -9.66 -59.59 29.91
C LEU A 33 -10.12 -61.02 29.68
N PRO A 34 -11.11 -61.50 30.43
CA PRO A 34 -11.52 -62.90 30.31
C PRO A 34 -12.06 -63.24 28.93
N THR A 35 -11.89 -64.49 28.55
CA THR A 35 -12.46 -65.00 27.31
C THR A 35 -13.84 -65.60 27.50
N VAL A 36 -14.22 -65.93 28.74
CA VAL A 36 -15.53 -66.48 29.05
C VAL A 36 -16.08 -65.78 30.28
N GLU A 37 -16.68 -64.59 30.08
CA GLU A 37 -17.19 -63.79 31.20
C GLU A 37 -18.61 -64.25 31.56
N LEU A 38 -18.67 -65.47 32.09
CA LEU A 38 -19.94 -66.02 32.55
C LEU A 38 -20.49 -65.21 33.72
N GLN A 39 -21.81 -65.10 33.76
CA GLN A 39 -22.50 -64.26 34.73
C GLN A 39 -23.50 -65.12 35.49
N GLY A 40 -23.58 -64.90 36.81
CA GLY A 40 -24.50 -65.68 37.62
C GLY A 40 -24.10 -67.15 37.68
N VAL A 41 -25.08 -67.99 37.96
CA VAL A 41 -24.86 -69.43 38.07
C VAL A 41 -25.26 -70.12 36.78
N VAL A 42 -24.44 -70.00 35.75
CA VAL A 42 -24.67 -70.64 34.46
C VAL A 42 -24.78 -72.15 34.66
N PRO A 43 -25.89 -72.77 34.27
CA PRO A 43 -26.05 -74.21 34.48
C PRO A 43 -25.01 -75.02 33.71
N ARG A 44 -24.70 -76.19 34.23
CA ARG A 44 -23.75 -77.07 33.56
C ARG A 44 -24.38 -77.64 32.30
N GLY A 45 -23.56 -77.75 31.24
CA GLY A 45 -24.05 -78.25 29.97
C GLY A 45 -24.57 -77.18 29.04
N VAL A 46 -24.33 -75.90 29.33
CA VAL A 46 -24.72 -74.83 28.43
C VAL A 46 -23.90 -74.95 27.14
N ASN A 47 -24.53 -74.56 26.03
CA ASN A 47 -23.93 -74.73 24.71
C ASN A 47 -23.66 -73.35 24.11
N LEU A 48 -22.40 -72.91 24.21
CA LEU A 48 -21.97 -71.63 23.66
C LEU A 48 -21.68 -71.70 22.16
N GLN A 49 -21.81 -72.86 21.53
CA GLN A 49 -21.62 -72.95 20.09
C GLN A 49 -22.75 -72.27 19.31
N GLU A 50 -23.88 -72.02 19.96
CA GLU A 50 -25.01 -71.32 19.35
C GLU A 50 -24.61 -69.92 18.86
N PHE A 51 -23.54 -69.34 19.38
CA PHE A 51 -23.19 -67.95 19.16
C PHE A 51 -21.94 -67.81 18.30
N LEU A 52 -21.76 -66.61 17.76
CA LEU A 52 -20.61 -66.33 16.90
C LEU A 52 -19.31 -66.44 17.69
N ASN A 53 -18.24 -66.78 16.97
CA ASN A 53 -16.88 -66.67 17.49
C ASN A 53 -15.96 -66.28 16.35
N VAL A 54 -14.90 -65.56 16.70
CA VAL A 54 -14.03 -64.95 15.70
C VAL A 54 -12.98 -65.96 15.26
N THR A 55 -12.97 -66.30 13.98
CA THR A 55 -11.93 -67.16 13.41
C THR A 55 -10.70 -66.37 13.00
N SER A 56 -10.86 -65.11 12.62
CA SER A 56 -9.73 -64.29 12.17
C SER A 56 -10.14 -62.83 12.17
N VAL A 57 -9.16 -61.96 12.38
CA VAL A 57 -9.33 -60.51 12.31
C VAL A 57 -8.27 -59.95 11.37
N HIS A 58 -8.68 -59.09 10.45
CA HIS A 58 -7.77 -58.41 9.55
C HIS A 58 -7.80 -56.92 9.81
N LEU A 59 -6.62 -56.31 9.84
CA LEU A 59 -6.50 -54.87 10.08
C LEU A 59 -5.96 -54.13 8.86
N PHE A 60 -5.64 -54.84 7.78
CA PHE A 60 -5.04 -54.27 6.58
C PHE A 60 -3.89 -53.34 6.96
N LYS A 61 -3.03 -53.82 7.86
CA LYS A 61 -2.03 -52.98 8.52
C LYS A 61 -0.85 -52.64 7.62
N GLU A 62 -0.73 -53.28 6.45
CA GLU A 62 0.43 -53.07 5.61
C GLU A 62 0.59 -51.59 5.26
N ARG A 63 1.82 -51.20 4.97
CA ARG A 63 2.18 -49.80 4.79
C ARG A 63 1.94 -49.30 3.37
N TRP A 64 1.44 -50.15 2.48
CA TRP A 64 0.95 -49.72 1.19
C TRP A 64 -0.56 -49.63 1.10
N ASP A 65 -1.28 -50.25 2.04
CA ASP A 65 -2.73 -50.30 2.00
C ASP A 65 -3.32 -48.95 2.41
N THR A 66 -4.64 -48.83 2.27
CA THR A 66 -5.28 -47.53 2.43
C THR A 66 -5.14 -47.01 3.86
N ASN A 67 -5.21 -47.91 4.84
CA ASN A 67 -5.23 -47.50 6.25
C ASN A 67 -4.02 -46.63 6.59
N LYS A 68 -2.82 -47.15 6.39
CA LYS A 68 -1.62 -46.39 6.77
C LYS A 68 -1.43 -45.17 5.87
N VAL A 69 -1.71 -45.30 4.57
CA VAL A 69 -1.52 -44.17 3.66
C VAL A 69 -2.51 -43.06 3.99
N ASP A 70 -3.79 -43.39 4.14
CA ASP A 70 -4.79 -42.38 4.43
C ASP A 70 -4.55 -41.72 5.79
N HIS A 71 -3.93 -42.44 6.72
CA HIS A 71 -3.68 -41.93 8.06
C HIS A 71 -2.27 -41.37 8.22
N HIS A 72 -1.49 -41.32 7.14
CA HIS A 72 -0.14 -40.74 7.15
C HIS A 72 0.75 -41.42 8.20
N THR A 73 0.74 -42.75 8.21
CA THR A 73 1.55 -43.53 9.14
C THR A 73 2.35 -44.61 8.43
N ASP A 74 2.37 -44.61 7.09
CA ASP A 74 3.16 -45.58 6.34
C ASP A 74 4.65 -45.40 6.59
N LYS A 75 5.08 -44.22 7.07
CA LYS A 75 6.50 -43.98 7.26
C LYS A 75 7.05 -44.77 8.44
N TYR A 76 6.29 -44.85 9.54
CA TYR A 76 6.74 -45.52 10.76
C TYR A 76 7.29 -46.91 10.46
N GLU A 77 8.55 -47.14 10.86
CA GLU A 77 9.14 -48.49 10.77
C GLU A 77 8.54 -49.33 11.89
N ASN A 78 7.35 -49.86 11.62
CA ASN A 78 6.57 -50.58 12.61
C ASN A 78 5.55 -51.43 11.89
N ASN A 79 5.49 -52.72 12.23
CA ASN A 79 4.66 -53.68 11.52
C ASN A 79 3.27 -53.83 12.11
N LYS A 80 2.81 -52.86 12.89
CA LYS A 80 1.49 -52.91 13.51
C LYS A 80 0.64 -51.75 13.00
N LEU A 81 -0.67 -51.90 13.15
CA LEU A 81 -1.61 -50.87 12.71
C LEU A 81 -1.37 -49.58 13.49
N ILE A 82 -1.18 -48.49 12.77
CA ILE A 82 -1.00 -47.17 13.37
C ILE A 82 -1.98 -46.22 12.69
N VAL A 83 -2.99 -45.76 13.44
CA VAL A 83 -4.00 -44.85 12.93
C VAL A 83 -3.91 -43.54 13.69
N ARG A 84 -4.57 -42.52 13.16
CA ARG A 84 -4.72 -41.25 13.85
C ARG A 84 -6.18 -41.06 14.23
N ARG A 85 -6.39 -40.39 15.37
CA ARG A 85 -7.72 -40.34 15.96
C ARG A 85 -8.65 -39.45 15.14
N GLY A 86 -9.95 -39.64 15.35
CA GLY A 86 -10.96 -38.88 14.64
C GLY A 86 -11.02 -39.18 13.16
N GLN A 87 -10.66 -40.39 12.74
CA GLN A 87 -10.65 -40.75 11.33
C GLN A 87 -11.05 -42.21 11.19
N SER A 88 -11.51 -42.56 9.99
CA SER A 88 -12.04 -43.89 9.73
C SER A 88 -10.98 -44.80 9.16
N PHE A 89 -10.94 -46.04 9.65
CA PHE A 89 -10.07 -47.06 9.10
C PHE A 89 -10.84 -48.37 8.99
N TYR A 90 -10.38 -49.23 8.08
CA TYR A 90 -11.09 -50.46 7.74
C TYR A 90 -10.49 -51.65 8.46
N VAL A 91 -11.36 -52.52 8.99
CA VAL A 91 -10.99 -53.80 9.56
C VAL A 91 -11.95 -54.86 9.04
N GLN A 92 -11.52 -56.12 9.13
CA GLN A 92 -12.35 -57.25 8.72
C GLN A 92 -12.35 -58.30 9.83
N ILE A 93 -13.53 -58.79 10.17
CA ILE A 93 -13.69 -59.83 11.19
C ILE A 93 -14.33 -61.05 10.52
N ASP A 94 -13.72 -62.21 10.74
CA ASP A 94 -14.20 -63.48 10.19
C ASP A 94 -14.83 -64.30 11.30
N PHE A 95 -16.11 -64.64 11.14
CA PHE A 95 -16.84 -65.38 12.15
C PHE A 95 -16.95 -66.86 11.78
N SER A 96 -17.43 -67.66 12.74
CA SER A 96 -17.58 -69.09 12.51
C SER A 96 -18.74 -69.38 11.56
N ARG A 97 -19.79 -68.57 11.61
CA ARG A 97 -20.92 -68.62 10.71
C ARG A 97 -21.23 -67.19 10.30
N PRO A 98 -21.97 -66.98 9.22
CA PRO A 98 -22.26 -65.61 8.79
C PRO A 98 -22.98 -64.83 9.88
N TYR A 99 -22.59 -63.57 10.04
CA TYR A 99 -23.16 -62.71 11.07
C TYR A 99 -24.60 -62.36 10.71
N ASP A 100 -25.51 -62.57 11.66
CA ASP A 100 -26.93 -62.30 11.46
C ASP A 100 -27.36 -61.24 12.47
N PRO A 101 -27.76 -60.05 12.04
CA PRO A 101 -28.14 -59.01 13.00
C PRO A 101 -29.35 -59.37 13.85
N ARG A 102 -30.18 -60.32 13.42
CA ARG A 102 -31.37 -60.67 14.18
C ARG A 102 -31.04 -61.49 15.42
N ARG A 103 -29.93 -62.22 15.42
CA ARG A 103 -29.57 -63.07 16.55
C ARG A 103 -28.18 -62.82 17.10
N ASP A 104 -27.32 -62.10 16.38
CA ASP A 104 -25.95 -61.86 16.81
C ASP A 104 -25.81 -60.41 17.29
N LEU A 105 -25.02 -60.22 18.34
CA LEU A 105 -24.69 -58.90 18.85
C LEU A 105 -23.26 -58.91 19.32
N PHE A 106 -22.42 -58.06 18.74
CA PHE A 106 -21.03 -57.97 19.14
C PHE A 106 -20.56 -56.53 19.11
N ARG A 107 -19.38 -56.30 19.68
CA ARG A 107 -18.76 -54.99 19.73
C ARG A 107 -17.25 -55.16 19.67
N VAL A 108 -16.57 -54.12 19.23
CA VAL A 108 -15.11 -54.08 19.25
C VAL A 108 -14.68 -53.28 20.47
N GLU A 109 -13.58 -53.71 21.09
CA GLU A 109 -13.06 -53.04 22.27
C GLU A 109 -11.60 -52.68 22.07
N TYR A 110 -11.24 -51.47 22.51
CA TYR A 110 -9.86 -51.03 22.56
C TYR A 110 -9.53 -50.71 24.00
N VAL A 111 -8.51 -51.38 24.54
CA VAL A 111 -8.19 -51.37 25.96
C VAL A 111 -6.74 -50.93 26.14
N ILE A 112 -6.49 -50.14 27.19
CA ILE A 112 -5.16 -49.63 27.46
C ILE A 112 -4.95 -49.56 28.96
N GLY A 113 -3.77 -49.97 29.41
CA GLY A 113 -3.42 -49.92 30.81
C GLY A 113 -3.85 -51.16 31.58
N ARG A 114 -3.39 -51.23 32.83
CA ARG A 114 -3.76 -52.33 33.71
C ARG A 114 -5.09 -52.11 34.42
N TYR A 115 -5.59 -50.89 34.45
CA TYR A 115 -6.83 -50.55 35.16
C TYR A 115 -7.73 -49.76 34.22
N PRO A 116 -8.31 -50.42 33.22
CA PRO A 116 -9.11 -49.71 32.22
C PRO A 116 -10.57 -49.56 32.61
N GLN A 117 -11.06 -48.33 32.63
CA GLN A 117 -12.46 -48.02 32.87
C GLN A 117 -13.00 -47.23 31.69
N GLU A 118 -14.30 -47.37 31.43
CA GLU A 118 -14.91 -46.64 30.33
C GLU A 118 -14.96 -45.14 30.60
N ASN A 119 -15.38 -44.77 31.82
CA ASN A 119 -15.51 -43.36 32.16
C ASN A 119 -14.17 -42.65 32.27
N LYS A 120 -13.06 -43.38 32.24
CA LYS A 120 -11.73 -42.80 32.23
C LYS A 120 -11.11 -42.75 30.85
N GLY A 121 -11.82 -43.23 29.82
CA GLY A 121 -11.32 -43.23 28.47
C GLY A 121 -10.45 -44.41 28.10
N THR A 122 -10.19 -45.33 29.03
CA THR A 122 -9.22 -46.40 28.82
C THR A 122 -9.86 -47.73 28.44
N TYR A 123 -11.17 -47.88 28.62
CA TYR A 123 -11.93 -48.98 28.03
C TYR A 123 -12.93 -48.38 27.05
N ILE A 124 -12.76 -48.66 25.77
CA ILE A 124 -13.53 -48.01 24.72
C ILE A 124 -14.45 -49.02 24.03
N PRO A 125 -15.73 -49.08 24.38
CA PRO A 125 -16.67 -49.92 23.63
C PRO A 125 -16.99 -49.29 22.29
N VAL A 126 -16.94 -50.09 21.24
CA VAL A 126 -17.20 -49.64 19.87
C VAL A 126 -18.41 -50.41 19.35
N PRO A 127 -19.60 -49.82 19.42
CA PRO A 127 -20.80 -50.55 19.03
C PRO A 127 -20.95 -50.61 17.52
N ILE A 128 -21.54 -51.70 17.06
CA ILE A 128 -21.83 -51.89 15.64
C ILE A 128 -23.07 -51.07 15.33
N VAL A 129 -22.91 -50.01 14.54
CA VAL A 129 -23.98 -49.06 14.27
C VAL A 129 -24.29 -49.07 12.78
N SER A 130 -25.37 -48.39 12.41
CA SER A 130 -25.78 -48.31 11.02
C SER A 130 -25.23 -47.08 10.31
N GLU A 131 -25.02 -45.99 11.04
CA GLU A 131 -24.44 -44.77 10.48
C GLU A 131 -23.38 -44.24 11.44
N LEU A 132 -22.18 -43.99 10.94
CA LEU A 132 -21.16 -43.36 11.78
C LEU A 132 -21.59 -41.95 12.14
N GLN A 133 -21.38 -41.59 13.41
CA GLN A 133 -21.74 -40.29 13.94
C GLN A 133 -20.50 -39.44 14.13
N SER A 134 -20.69 -38.12 14.10
CA SER A 134 -19.58 -37.18 14.14
C SER A 134 -18.90 -37.21 15.50
N GLY A 135 -17.60 -37.49 15.51
CA GLY A 135 -16.82 -37.44 16.73
C GLY A 135 -17.14 -38.51 17.75
N LYS A 136 -17.81 -39.58 17.35
CA LYS A 136 -18.16 -40.67 18.25
C LYS A 136 -17.51 -41.96 17.79
N TRP A 137 -17.08 -42.78 18.77
CA TRP A 137 -16.61 -44.12 18.45
C TRP A 137 -17.75 -44.95 17.87
N GLY A 138 -17.48 -45.63 16.77
CA GLY A 138 -18.44 -46.54 16.20
C GLY A 138 -17.86 -47.29 15.03
N ALA A 139 -18.51 -48.39 14.69
CA ALA A 139 -18.11 -49.24 13.58
C ALA A 139 -19.34 -49.57 12.72
N LYS A 140 -19.22 -49.35 11.42
CA LYS A 140 -20.30 -49.58 10.48
C LYS A 140 -19.90 -50.68 9.50
N ILE A 141 -20.81 -51.63 9.26
CA ILE A 141 -20.55 -52.70 8.31
C ILE A 141 -20.68 -52.16 6.89
N VAL A 142 -19.75 -52.55 6.03
CA VAL A 142 -19.74 -52.11 4.63
C VAL A 142 -19.57 -53.27 3.67
N MET A 143 -19.40 -54.49 4.17
CA MET A 143 -19.26 -55.67 3.33
C MET A 143 -19.65 -56.88 4.18
N ARG A 144 -20.26 -57.88 3.53
CA ARG A 144 -20.79 -59.02 4.25
C ARG A 144 -20.53 -60.36 3.54
N GLU A 145 -19.51 -60.41 2.66
CA GLU A 145 -19.29 -61.60 1.86
C GLU A 145 -18.96 -62.81 2.73
N ASP A 146 -19.67 -63.91 2.47
CA ASP A 146 -19.46 -65.21 3.14
C ASP A 146 -19.56 -65.00 4.65
N ARG A 147 -18.63 -65.53 5.45
CA ARG A 147 -18.65 -65.39 6.90
C ARG A 147 -17.90 -64.15 7.37
N SER A 148 -17.56 -63.24 6.47
CA SER A 148 -16.76 -62.07 6.79
C SER A 148 -17.63 -60.81 6.77
N VAL A 149 -17.40 -59.93 7.74
CA VAL A 149 -17.95 -58.59 7.73
C VAL A 149 -16.77 -57.62 7.71
N ARG A 150 -16.92 -56.55 6.92
CA ARG A 150 -15.90 -55.49 6.85
C ARG A 150 -16.46 -54.25 7.54
N LEU A 151 -15.63 -53.63 8.37
CA LEU A 151 -16.06 -52.51 9.20
C LEU A 151 -15.25 -51.26 8.88
N SER A 152 -15.92 -50.12 8.92
CA SER A 152 -15.27 -48.82 8.98
C SER A 152 -15.41 -48.33 10.42
N ILE A 153 -14.30 -48.37 11.16
CA ILE A 153 -14.29 -47.95 12.56
C ILE A 153 -13.84 -46.50 12.62
N GLN A 154 -14.55 -45.71 13.42
CA GLN A 154 -14.23 -44.29 13.59
C GLN A 154 -13.87 -44.05 15.05
N SER A 155 -12.71 -43.44 15.27
CA SER A 155 -12.25 -43.13 16.62
C SER A 155 -12.74 -41.76 17.06
N SER A 156 -12.73 -41.54 18.36
CA SER A 156 -13.07 -40.21 18.87
C SER A 156 -11.93 -39.24 18.59
N PRO A 157 -12.23 -38.00 18.19
CA PRO A 157 -11.16 -37.04 17.92
C PRO A 157 -10.52 -36.50 19.18
N LYS A 158 -10.88 -37.07 20.33
CA LYS A 158 -10.25 -36.71 21.59
C LYS A 158 -9.73 -37.96 22.33
N CYS A 159 -9.48 -39.04 21.60
CA CYS A 159 -9.10 -40.30 22.19
C CYS A 159 -7.68 -40.25 22.77
N ILE A 160 -7.46 -41.10 23.78
CA ILE A 160 -6.13 -41.21 24.38
C ILE A 160 -5.15 -41.74 23.33
N VAL A 161 -3.95 -41.17 23.32
CA VAL A 161 -2.91 -41.55 22.37
C VAL A 161 -2.03 -42.62 22.99
N GLY A 162 -1.86 -43.73 22.27
CA GLY A 162 -1.05 -44.82 22.77
C GLY A 162 -1.32 -46.10 22.00
N LYS A 163 -0.73 -47.18 22.52
CA LYS A 163 -0.84 -48.51 21.92
C LYS A 163 -1.98 -49.26 22.63
N PHE A 164 -3.05 -49.53 21.89
CA PHE A 164 -4.24 -50.17 22.42
C PHE A 164 -4.25 -51.67 22.08
N ARG A 165 -4.97 -52.42 22.90
CA ARG A 165 -5.23 -53.84 22.63
C ARG A 165 -6.64 -53.99 22.08
N MET A 166 -6.77 -54.80 21.03
CA MET A 166 -8.04 -54.97 20.34
C MET A 166 -8.71 -56.27 20.75
N TYR A 167 -10.04 -56.23 20.88
CA TYR A 167 -10.84 -57.40 21.20
C TYR A 167 -12.16 -57.33 20.44
N VAL A 168 -12.72 -58.50 20.14
CA VAL A 168 -14.09 -58.62 19.64
C VAL A 168 -14.90 -59.35 20.70
N ALA A 169 -15.96 -58.72 21.18
CA ALA A 169 -16.76 -59.23 22.29
C ALA A 169 -18.16 -59.57 21.78
N VAL A 170 -18.54 -60.84 21.90
CA VAL A 170 -19.85 -61.32 21.47
C VAL A 170 -20.72 -61.49 22.70
N TRP A 171 -21.91 -60.91 22.67
CA TRP A 171 -22.83 -60.95 23.80
C TRP A 171 -23.75 -62.16 23.70
N THR A 172 -23.90 -62.89 24.79
CA THR A 172 -24.77 -64.05 24.91
C THR A 172 -25.61 -63.89 26.18
N PRO A 173 -26.72 -64.62 26.29
CA PRO A 173 -27.52 -64.55 27.53
C PRO A 173 -26.76 -65.00 28.77
N TYR A 174 -25.61 -65.65 28.62
CA TYR A 174 -24.83 -66.12 29.75
C TYR A 174 -23.60 -65.27 30.03
N GLY A 175 -23.28 -64.33 29.16
CA GLY A 175 -22.15 -63.45 29.34
C GLY A 175 -21.61 -63.00 27.99
N VAL A 176 -20.39 -62.47 28.02
CA VAL A 176 -19.72 -61.97 26.82
C VAL A 176 -18.60 -62.95 26.46
N LEU A 177 -18.56 -63.36 25.20
CA LEU A 177 -17.50 -64.21 24.66
C LEU A 177 -16.48 -63.31 23.97
N ARG A 178 -15.35 -63.09 24.61
CA ARG A 178 -14.29 -62.23 24.11
C ARG A 178 -13.18 -63.07 23.48
N THR A 179 -12.51 -62.48 22.49
CA THR A 179 -11.35 -63.11 21.89
C THR A 179 -10.19 -63.14 22.88
N SER A 180 -9.23 -64.03 22.63
CA SER A 180 -8.06 -64.12 23.48
C SER A 180 -7.08 -63.01 23.13
N ARG A 181 -6.14 -62.77 24.05
CA ARG A 181 -5.12 -61.75 23.84
C ARG A 181 -4.32 -62.04 22.58
N ASN A 182 -4.15 -61.01 21.75
CA ASN A 182 -3.47 -61.14 20.47
C ASN A 182 -2.71 -59.85 20.21
N PRO A 183 -1.41 -59.80 20.51
CA PRO A 183 -0.65 -58.57 20.29
C PRO A 183 -0.49 -58.17 18.83
N GLU A 184 -0.82 -59.06 17.89
CA GLU A 184 -0.75 -58.68 16.48
C GLU A 184 -1.89 -57.77 16.07
N THR A 185 -2.96 -57.72 16.86
CA THR A 185 -4.07 -56.81 16.59
C THR A 185 -3.97 -55.52 17.38
N ASP A 186 -2.88 -55.32 18.13
CA ASP A 186 -2.69 -54.07 18.84
C ASP A 186 -2.56 -52.91 17.87
N THR A 187 -3.07 -51.74 18.27
CA THR A 187 -3.24 -50.62 17.37
C THR A 187 -2.80 -49.33 18.05
N TYR A 188 -1.87 -48.61 17.43
CA TYR A 188 -1.49 -47.29 17.88
C TYR A 188 -2.48 -46.25 17.35
N ILE A 189 -2.99 -45.40 18.23
CA ILE A 189 -3.87 -44.30 17.84
C ILE A 189 -3.14 -43.01 18.20
N LEU A 190 -2.86 -42.19 17.19
CA LEU A 190 -2.02 -41.00 17.34
C LEU A 190 -2.84 -39.73 17.19
N PHE A 191 -2.18 -38.61 17.53
CA PHE A 191 -2.74 -37.30 17.24
C PHE A 191 -2.89 -37.12 15.73
N ASN A 192 -3.98 -36.48 15.32
CA ASN A 192 -4.35 -36.33 13.91
C ASN A 192 -4.36 -34.86 13.53
N PRO A 193 -3.26 -34.32 12.99
CA PRO A 193 -3.27 -32.92 12.54
C PRO A 193 -4.03 -32.74 11.23
N TRP A 194 -4.65 -33.80 10.73
CA TRP A 194 -5.44 -33.76 9.51
C TRP A 194 -6.93 -33.70 9.77
N CYS A 195 -7.38 -33.93 11.00
CA CYS A 195 -8.80 -34.00 11.32
C CYS A 195 -9.20 -32.69 12.02
N GLU A 196 -10.07 -31.92 11.36
CA GLU A 196 -10.46 -30.61 11.87
C GLU A 196 -11.09 -30.65 13.26
N ASP A 197 -11.45 -31.83 13.76
CA ASP A 197 -12.01 -31.96 15.09
C ASP A 197 -10.93 -32.27 16.14
N ASP A 198 -9.68 -32.41 15.73
CA ASP A 198 -8.58 -32.66 16.66
C ASP A 198 -7.96 -31.34 17.10
N ALA A 199 -7.59 -31.28 18.38
CA ALA A 199 -6.99 -30.06 18.94
C ALA A 199 -5.68 -29.68 18.23
N VAL A 200 -5.01 -30.63 17.59
CA VAL A 200 -3.77 -30.36 16.89
C VAL A 200 -4.01 -30.16 15.39
N TYR A 201 -5.23 -29.79 15.00
CA TYR A 201 -5.54 -29.63 13.59
C TYR A 201 -4.74 -28.49 12.98
N LEU A 202 -4.20 -28.74 11.79
CA LEU A 202 -3.41 -27.77 11.04
C LEU A 202 -3.89 -27.78 9.60
N ASP A 203 -4.62 -26.73 9.21
CA ASP A 203 -5.31 -26.69 7.91
C ASP A 203 -4.38 -26.38 6.74
N ASN A 204 -3.17 -26.93 6.74
CA ASN A 204 -2.20 -26.63 5.70
C ASN A 204 -1.35 -27.88 5.46
N GLU A 205 -1.48 -28.46 4.26
CA GLU A 205 -0.75 -29.69 3.98
C GLU A 205 0.75 -29.46 3.96
N LYS A 206 1.21 -28.34 3.41
CA LYS A 206 2.63 -28.03 3.40
C LYS A 206 3.17 -27.89 4.82
N GLU A 207 2.44 -27.18 5.68
CA GLU A 207 2.84 -27.07 7.08
C GLU A 207 2.78 -28.42 7.78
N ARG A 208 1.81 -29.26 7.42
CA ARG A 208 1.70 -30.58 8.03
C ARG A 208 2.88 -31.47 7.63
N GLU A 209 3.27 -31.43 6.35
CA GLU A 209 4.38 -32.27 5.90
C GLU A 209 5.70 -31.88 6.55
N GLU A 210 5.88 -30.60 6.88
CA GLU A 210 7.13 -30.15 7.49
C GLU A 210 7.15 -30.34 9.00
N TYR A 211 6.04 -30.03 9.67
CA TYR A 211 5.98 -30.05 11.12
C TYR A 211 5.53 -31.38 11.69
N VAL A 212 5.31 -32.40 10.86
CA VAL A 212 4.83 -33.69 11.33
C VAL A 212 5.55 -34.82 10.61
N LEU A 213 5.54 -34.79 9.28
CA LEU A 213 6.04 -35.91 8.50
C LEU A 213 7.52 -35.81 8.16
N ASN A 214 8.12 -34.62 8.27
CA ASN A 214 9.54 -34.47 8.01
C ASN A 214 10.33 -34.97 9.21
N ASP A 215 11.23 -35.94 8.97
CA ASP A 215 12.00 -36.56 10.03
C ASP A 215 13.43 -36.04 10.12
N ILE A 216 13.78 -35.02 9.32
CA ILE A 216 15.04 -34.31 9.45
C ILE A 216 14.76 -32.82 9.40
N GLY A 217 15.75 -32.04 9.79
CA GLY A 217 15.62 -30.60 9.78
C GLY A 217 16.92 -29.93 10.13
N VAL A 218 16.85 -28.62 10.35
CA VAL A 218 18.03 -27.83 10.67
C VAL A 218 17.76 -27.00 11.92
N ILE A 219 18.83 -26.74 12.67
CA ILE A 219 18.80 -25.90 13.86
C ILE A 219 19.84 -24.81 13.68
N PHE A 220 19.47 -23.57 14.00
CA PHE A 220 20.35 -22.43 13.85
C PHE A 220 20.98 -22.06 15.17
N TYR A 221 22.23 -21.59 15.10
CA TYR A 221 22.98 -21.22 16.29
C TYR A 221 24.09 -20.27 15.89
N GLY A 222 24.94 -19.90 16.84
CA GLY A 222 25.98 -18.92 16.59
C GLY A 222 25.66 -17.57 17.17
N GLU A 223 26.14 -16.51 16.53
CA GLU A 223 25.81 -15.14 16.91
C GLU A 223 24.74 -14.58 15.96
N VAL A 224 24.27 -13.39 16.30
CA VAL A 224 23.25 -12.74 15.46
C VAL A 224 23.80 -12.42 14.08
N ASN A 225 25.08 -12.03 14.02
CA ASN A 225 25.72 -11.64 12.78
C ASN A 225 26.60 -12.73 12.18
N ASP A 226 26.85 -13.80 12.93
CA ASP A 226 27.55 -14.98 12.43
C ASP A 226 26.65 -16.17 12.77
N ILE A 227 25.92 -16.67 11.77
CA ILE A 227 24.85 -17.64 11.98
C ILE A 227 25.28 -18.97 11.37
N LYS A 228 25.40 -19.99 12.21
CA LYS A 228 25.72 -21.34 11.77
C LYS A 228 24.46 -22.20 11.72
N THR A 229 24.57 -23.35 11.05
CA THR A 229 23.44 -24.23 10.81
C THR A 229 23.83 -25.66 11.12
N ARG A 230 23.14 -26.26 12.09
CA ARG A 230 23.33 -27.66 12.45
C ARG A 230 22.12 -28.47 12.01
N SER A 231 22.38 -29.53 11.25
CA SER A 231 21.32 -30.42 10.80
C SER A 231 21.03 -31.47 11.86
N TRP A 232 19.78 -31.92 11.90
CA TRP A 232 19.35 -32.86 12.93
C TRP A 232 18.47 -33.92 12.31
N SER A 233 18.73 -35.18 12.66
CA SER A 233 17.93 -36.32 12.21
C SER A 233 16.95 -36.66 13.33
N TYR A 234 15.70 -36.21 13.19
CA TYR A 234 14.71 -36.46 14.23
C TYR A 234 14.34 -37.93 14.30
N GLY A 235 14.23 -38.59 13.14
CA GLY A 235 13.98 -40.02 13.06
C GLY A 235 12.82 -40.52 13.89
N GLN A 236 11.67 -39.87 13.78
CA GLN A 236 10.50 -40.30 14.55
C GLN A 236 9.86 -41.56 14.01
N PHE A 237 10.14 -41.92 12.75
CA PHE A 237 9.53 -43.08 12.13
C PHE A 237 10.41 -44.33 12.19
N GLU A 238 11.55 -44.26 12.88
CA GLU A 238 12.47 -45.38 12.91
C GLU A 238 12.10 -46.34 14.04
N ASP A 239 12.54 -47.59 13.88
CA ASP A 239 12.14 -48.67 14.78
C ASP A 239 12.48 -48.34 16.23
N GLY A 240 11.49 -48.43 17.11
CA GLY A 240 11.67 -48.24 18.52
C GLY A 240 11.33 -46.86 19.03
N ILE A 241 11.36 -45.84 18.16
CA ILE A 241 11.19 -44.46 18.60
C ILE A 241 9.78 -44.23 19.14
N LEU A 242 8.76 -44.74 18.43
CA LEU A 242 7.39 -44.56 18.88
C LEU A 242 7.16 -45.22 20.23
N ASP A 243 7.54 -46.49 20.36
CA ASP A 243 7.44 -47.17 21.65
C ASP A 243 8.21 -46.42 22.72
N THR A 244 9.38 -45.87 22.38
CA THR A 244 10.15 -45.09 23.34
C THR A 244 9.35 -43.90 23.85
N CYS A 245 8.69 -43.17 22.94
CA CYS A 245 7.91 -42.01 23.36
C CYS A 245 6.80 -42.41 24.32
N LEU A 246 6.15 -43.55 24.06
CA LEU A 246 5.18 -44.06 25.03
C LEU A 246 5.85 -44.44 26.34
N TYR A 247 7.09 -44.94 26.26
CA TYR A 247 7.86 -45.25 27.47
C TYR A 247 8.20 -43.98 28.24
N VAL A 248 8.57 -42.90 27.52
CA VAL A 248 8.83 -41.62 28.17
C VAL A 248 7.62 -41.16 28.95
N MET A 249 6.42 -41.38 28.40
CA MET A 249 5.20 -41.01 29.13
C MET A 249 4.92 -41.97 30.27
N ASP A 250 5.25 -43.26 30.10
CA ASP A 250 5.11 -44.21 31.20
C ASP A 250 6.04 -43.86 32.35
N ARG A 251 7.27 -43.47 32.04
CA ARG A 251 8.25 -43.15 33.07
C ARG A 251 7.84 -41.93 33.87
N ALA A 252 7.16 -40.97 33.24
CA ALA A 252 6.64 -39.80 33.94
C ALA A 252 5.52 -40.14 34.90
N GLN A 253 4.99 -41.35 34.86
CA GLN A 253 3.78 -41.73 35.60
C GLN A 253 2.60 -40.86 35.18
N MET A 254 2.57 -40.45 33.92
CA MET A 254 1.48 -39.62 33.41
C MET A 254 0.21 -40.46 33.31
N ASP A 255 -0.81 -40.08 34.08
CA ASP A 255 -2.10 -40.76 34.04
C ASP A 255 -2.60 -40.85 32.60
N LEU A 256 -3.04 -42.05 32.22
CA LEU A 256 -3.39 -42.31 30.82
C LEU A 256 -4.56 -41.45 30.35
N SER A 257 -5.46 -41.10 31.27
CA SER A 257 -6.67 -40.36 30.89
C SER A 257 -6.35 -38.98 30.31
N GLY A 258 -5.13 -38.49 30.49
CA GLY A 258 -4.73 -37.19 29.99
C GLY A 258 -3.84 -37.22 28.77
N ARG A 259 -3.50 -38.40 28.25
CA ARG A 259 -2.62 -38.51 27.10
C ARG A 259 -3.33 -38.24 25.78
N GLY A 260 -4.57 -37.74 25.82
CA GLY A 260 -5.24 -37.29 24.62
C GLY A 260 -5.26 -35.78 24.55
N ASN A 261 -4.82 -35.14 25.62
CA ASN A 261 -4.79 -33.68 25.71
C ASN A 261 -3.40 -33.20 25.31
N PRO A 262 -3.26 -32.47 24.20
CA PRO A 262 -1.92 -32.07 23.77
C PRO A 262 -1.24 -31.11 24.73
N ILE A 263 -1.99 -30.35 25.52
CA ILE A 263 -1.38 -29.46 26.50
C ILE A 263 -0.68 -30.25 27.59
N LYS A 264 -1.29 -31.36 28.03
CA LYS A 264 -0.66 -32.20 29.04
C LYS A 264 0.51 -32.98 28.45
N VAL A 265 0.35 -33.49 27.23
CA VAL A 265 1.42 -34.26 26.59
C VAL A 265 2.64 -33.38 26.34
N SER A 266 2.42 -32.13 25.94
CA SER A 266 3.55 -31.24 25.66
C SER A 266 4.25 -30.82 26.96
N ARG A 267 3.49 -30.62 28.03
CA ARG A 267 4.10 -30.20 29.28
C ARG A 267 4.84 -31.36 29.95
N VAL A 268 4.28 -32.56 29.89
CA VAL A 268 4.97 -33.74 30.41
C VAL A 268 6.26 -33.97 29.64
N GLY A 269 6.22 -33.78 28.32
CA GLY A 269 7.43 -33.92 27.52
C GLY A 269 8.49 -32.90 27.89
N SER A 270 8.07 -31.64 28.13
CA SER A 270 9.02 -30.59 28.46
C SER A 270 9.75 -30.86 29.77
N ALA A 271 9.22 -31.74 30.61
CA ALA A 271 9.91 -32.15 31.83
C ALA A 271 10.74 -33.42 31.60
N MET A 272 10.16 -34.40 30.92
CA MET A 272 10.78 -35.72 30.78
C MET A 272 11.96 -35.75 29.81
N VAL A 273 12.16 -34.72 29.00
CA VAL A 273 13.31 -34.74 28.11
C VAL A 273 14.60 -34.44 28.87
N ASN A 274 14.53 -33.64 29.92
CA ASN A 274 15.69 -33.39 30.78
C ASN A 274 15.65 -34.29 32.00
N ALA A 275 16.83 -34.69 32.46
CA ALA A 275 16.95 -35.71 33.50
C ALA A 275 16.68 -35.19 34.90
N LYS A 276 16.56 -33.87 35.08
CA LYS A 276 16.35 -33.32 36.41
C LYS A 276 15.04 -33.79 37.02
N ASP A 277 15.04 -33.95 38.34
CA ASP A 277 13.88 -34.25 39.20
C ASP A 277 12.90 -35.30 38.68
N ASP A 278 13.18 -35.96 37.55
CA ASP A 278 12.23 -36.95 37.07
C ASP A 278 12.87 -38.10 36.28
N GLU A 279 14.19 -38.27 36.31
CA GLU A 279 14.87 -39.34 35.58
C GLU A 279 14.52 -39.31 34.10
N GLY A 280 14.69 -38.14 33.49
CA GLY A 280 14.33 -37.95 32.10
C GLY A 280 15.38 -38.48 31.14
N VAL A 281 15.25 -38.07 29.88
CA VAL A 281 16.03 -38.66 28.80
C VAL A 281 17.47 -38.16 28.82
N LEU A 282 17.66 -36.84 28.88
CA LEU A 282 18.97 -36.23 28.68
C LEU A 282 19.43 -35.50 29.93
N VAL A 283 20.72 -35.61 30.22
CA VAL A 283 21.36 -34.87 31.29
C VAL A 283 22.05 -33.65 30.71
N GLY A 284 21.77 -32.49 31.27
CA GLY A 284 22.43 -31.27 30.82
C GLY A 284 23.80 -31.10 31.46
N SER A 285 24.76 -30.70 30.63
CA SER A 285 26.10 -30.38 31.10
C SER A 285 26.68 -29.30 30.22
N TRP A 286 27.39 -28.35 30.85
CA TRP A 286 28.00 -27.24 30.12
C TRP A 286 29.47 -27.04 30.50
N ASP A 287 30.07 -27.97 31.24
CA ASP A 287 31.32 -27.73 31.95
C ASP A 287 32.56 -28.00 31.11
N ASN A 288 32.43 -28.11 29.78
CA ASN A 288 33.55 -28.25 28.84
C ASN A 288 34.28 -29.59 29.01
N ILE A 289 33.90 -30.42 29.97
CA ILE A 289 34.58 -31.70 30.19
C ILE A 289 33.74 -32.85 29.67
N TYR A 290 32.51 -32.97 30.20
CA TYR A 290 31.56 -34.00 29.81
C TYR A 290 32.13 -35.39 30.04
N ALA A 291 32.47 -35.65 31.31
CA ALA A 291 33.12 -36.89 31.68
C ALA A 291 32.16 -38.07 31.61
N TYR A 292 32.69 -39.22 31.17
CA TYR A 292 31.96 -40.49 31.18
C TYR A 292 30.67 -40.39 30.39
N GLY A 293 30.76 -39.83 29.20
CA GLY A 293 29.57 -39.65 28.38
C GLY A 293 29.91 -39.10 27.02
N VAL A 294 28.88 -38.65 26.32
CA VAL A 294 28.99 -38.14 24.96
C VAL A 294 28.91 -36.63 25.00
N PRO A 295 29.82 -35.90 24.35
CA PRO A 295 29.76 -34.43 24.36
C PRO A 295 28.52 -33.95 23.62
N PRO A 296 27.92 -32.85 24.08
CA PRO A 296 26.74 -32.31 23.37
C PRO A 296 26.96 -32.07 21.90
N SER A 297 28.12 -31.53 21.52
CA SER A 297 28.42 -31.24 20.13
C SER A 297 28.55 -32.50 19.27
N ALA A 298 28.57 -33.69 19.88
CA ALA A 298 28.78 -34.91 19.13
C ALA A 298 27.49 -35.46 18.52
N TRP A 299 26.35 -35.23 19.16
CA TRP A 299 25.09 -35.76 18.66
C TRP A 299 24.73 -35.13 17.30
N THR A 300 24.18 -35.95 16.41
CA THR A 300 23.69 -35.49 15.13
C THR A 300 22.23 -35.83 14.90
N GLY A 301 21.57 -36.46 15.88
CA GLY A 301 20.18 -36.78 15.75
C GLY A 301 19.60 -37.19 17.09
N SER A 302 18.35 -37.67 17.05
CA SER A 302 17.63 -38.02 18.26
C SER A 302 17.49 -39.52 18.49
N VAL A 303 17.70 -40.34 17.45
CA VAL A 303 17.40 -41.77 17.55
C VAL A 303 18.27 -42.44 18.62
N ASP A 304 19.58 -42.13 18.62
CA ASP A 304 20.48 -42.86 19.50
C ASP A 304 20.31 -42.46 20.96
N ILE A 305 19.96 -41.22 21.24
CA ILE A 305 19.66 -40.81 22.61
C ILE A 305 18.44 -41.54 23.13
N LEU A 306 17.33 -41.47 22.37
CA LEU A 306 16.07 -42.06 22.84
C LEU A 306 16.15 -43.58 22.93
N LEU A 307 16.79 -44.24 21.95
CA LEU A 307 16.91 -45.69 22.01
C LEU A 307 17.77 -46.13 23.18
N GLU A 308 18.86 -45.41 23.46
CA GLU A 308 19.68 -45.72 24.62
C GLU A 308 18.90 -45.52 25.91
N TYR A 309 18.00 -44.53 25.94
CA TYR A 309 17.12 -44.34 27.08
C TYR A 309 16.24 -45.57 27.31
N ARG A 310 15.63 -46.09 26.24
CA ARG A 310 14.79 -47.27 26.35
C ARG A 310 15.59 -48.49 26.77
N SER A 311 16.80 -48.66 26.22
CA SER A 311 17.59 -49.85 26.52
C SER A 311 18.15 -49.79 27.93
N SER A 312 18.84 -48.70 28.28
CA SER A 312 19.47 -48.59 29.59
C SER A 312 18.48 -48.26 30.70
N GLU A 313 17.32 -47.71 30.36
CA GLU A 313 16.30 -47.26 31.31
C GLU A 313 16.82 -46.19 32.27
N ASN A 314 17.94 -45.55 31.93
CA ASN A 314 18.53 -44.47 32.70
C ASN A 314 18.88 -43.31 31.78
N PRO A 315 18.96 -42.08 32.32
CA PRO A 315 19.30 -40.92 31.49
C PRO A 315 20.58 -41.04 30.68
N VAL A 316 20.68 -40.24 29.61
CA VAL A 316 21.81 -40.25 28.69
C VAL A 316 22.61 -38.98 28.90
N ARG A 317 23.93 -39.08 28.76
CA ARG A 317 24.82 -37.93 28.95
C ARG A 317 25.67 -37.71 27.70
N TYR A 318 25.74 -36.47 27.21
CA TYR A 318 25.05 -35.33 27.81
C TYR A 318 24.24 -34.57 26.76
N GLY A 319 23.82 -33.36 27.12
CA GLY A 319 23.08 -32.53 26.19
C GLY A 319 23.10 -31.07 26.61
N GLN A 320 22.83 -30.21 25.63
CA GLN A 320 22.69 -28.79 25.87
C GLN A 320 21.46 -28.29 25.09
N CYS A 321 21.36 -26.96 24.99
CA CYS A 321 20.18 -26.28 24.48
C CYS A 321 19.63 -26.92 23.20
N TRP A 322 20.47 -27.03 22.17
CA TRP A 322 19.98 -27.53 20.88
C TRP A 322 19.71 -29.03 20.91
N VAL A 323 20.30 -29.78 21.83
CA VAL A 323 20.08 -31.22 21.87
C VAL A 323 18.76 -31.55 22.57
N PHE A 324 18.41 -30.79 23.60
CA PHE A 324 17.12 -30.97 24.25
C PHE A 324 15.98 -30.73 23.25
N ALA A 325 16.09 -29.65 22.46
CA ALA A 325 15.07 -29.38 21.45
C ALA A 325 15.05 -30.46 20.38
N GLY A 326 16.22 -30.94 19.96
CA GLY A 326 16.27 -32.00 18.95
C GLY A 326 15.52 -33.25 19.37
N VAL A 327 15.62 -33.61 20.65
CA VAL A 327 14.91 -34.81 21.13
C VAL A 327 13.45 -34.49 21.39
N PHE A 328 13.16 -33.31 21.96
CA PHE A 328 11.78 -32.90 22.17
C PHE A 328 11.02 -32.82 20.86
N ASN A 329 11.68 -32.34 19.80
CA ASN A 329 11.03 -32.29 18.49
C ASN A 329 10.62 -33.68 18.03
N THR A 330 11.49 -34.67 18.20
CA THR A 330 11.16 -36.04 17.85
C THR A 330 9.95 -36.53 18.63
N PHE A 331 9.96 -36.30 19.94
CA PHE A 331 8.85 -36.74 20.79
C PHE A 331 7.51 -36.20 20.29
N LEU A 332 7.47 -34.93 19.91
CA LEU A 332 6.21 -34.30 19.52
C LEU A 332 5.74 -34.80 18.15
N ARG A 333 6.61 -34.77 17.15
CA ARG A 333 6.23 -35.25 15.82
C ARG A 333 5.87 -36.73 15.84
N CYS A 334 6.58 -37.52 16.67
CA CYS A 334 6.34 -38.96 16.70
C CYS A 334 4.94 -39.28 17.17
N LEU A 335 4.43 -38.53 18.16
CA LEU A 335 3.08 -38.74 18.65
C LEU A 335 2.03 -38.10 17.74
N GLY A 336 2.42 -37.11 16.95
CA GLY A 336 1.51 -36.44 16.04
C GLY A 336 1.33 -34.95 16.29
N ILE A 337 1.85 -34.40 17.37
CA ILE A 337 1.72 -32.97 17.63
C ILE A 337 2.67 -32.22 16.70
N PRO A 338 2.16 -31.31 15.86
CA PRO A 338 3.05 -30.56 14.96
C PRO A 338 4.00 -29.69 15.76
N ALA A 339 5.27 -29.71 15.37
CA ALA A 339 6.31 -29.10 16.20
C ALA A 339 7.47 -28.60 15.35
N ARG A 340 8.03 -27.47 15.74
CA ARG A 340 9.22 -26.91 15.12
C ARG A 340 10.15 -26.40 16.21
N ILE A 341 11.42 -26.23 15.82
CA ILE A 341 12.46 -25.75 16.73
C ILE A 341 12.80 -24.31 16.38
N VAL A 342 12.76 -23.43 17.39
CA VAL A 342 13.12 -22.04 17.22
C VAL A 342 14.47 -21.78 17.89
N THR A 343 15.11 -20.69 17.48
CA THR A 343 16.38 -20.26 18.07
C THR A 343 16.26 -18.77 18.40
N ASN A 344 16.47 -18.42 19.67
CA ASN A 344 16.42 -17.04 20.14
C ASN A 344 17.84 -16.55 20.37
N TYR A 345 18.27 -15.57 19.58
CA TYR A 345 19.59 -14.99 19.72
C TYR A 345 19.58 -13.89 20.78
N PHE A 346 20.56 -13.93 21.68
CA PHE A 346 20.63 -13.08 22.87
C PHE A 346 19.47 -13.38 23.82
N SER A 347 19.29 -14.67 24.13
CA SER A 347 18.22 -15.08 25.01
C SER A 347 18.58 -14.76 26.46
N ALA A 348 17.65 -14.14 27.18
CA ALA A 348 17.89 -13.72 28.55
C ALA A 348 17.45 -14.81 29.53
N HIS A 349 18.19 -14.90 30.64
CA HIS A 349 17.88 -15.84 31.71
C HIS A 349 17.54 -15.05 32.97
N ASP A 350 16.27 -15.06 33.35
CA ASP A 350 15.80 -14.33 34.52
C ASP A 350 15.78 -15.27 35.72
N ASN A 351 16.38 -14.83 36.83
CA ASN A 351 16.54 -15.68 38.00
C ASN A 351 15.57 -15.36 39.13
N ASP A 352 15.17 -14.10 39.28
CA ASP A 352 14.31 -13.70 40.39
C ASP A 352 12.89 -13.39 39.95
N ALA A 353 12.51 -13.79 38.73
CA ALA A 353 11.14 -13.69 38.24
C ALA A 353 10.60 -12.26 38.26
N ASN A 354 11.47 -11.28 38.04
CA ASN A 354 11.04 -9.89 37.94
C ASN A 354 10.92 -9.42 36.49
N LEU A 355 11.16 -10.31 35.53
CA LEU A 355 11.06 -10.01 34.10
C LEU A 355 12.05 -8.93 33.68
N GLN A 356 13.15 -8.81 34.41
CA GLN A 356 14.21 -7.86 34.10
C GLN A 356 15.57 -8.54 34.19
N MET A 357 16.53 -7.95 33.49
CA MET A 357 17.93 -8.34 33.61
C MET A 357 18.59 -7.43 34.63
N ASP A 358 18.66 -7.90 35.88
CA ASP A 358 19.25 -7.11 36.96
C ASP A 358 20.77 -7.19 36.86
N ILE A 359 21.40 -6.09 36.48
CA ILE A 359 22.84 -6.02 36.30
C ILE A 359 23.41 -5.08 37.35
N PHE A 360 24.35 -5.59 38.14
CA PHE A 360 24.93 -4.80 39.22
C PHE A 360 26.39 -4.47 38.93
N VAL A 367 32.08 -4.77 36.58
CA VAL A 367 30.68 -4.92 36.92
C VAL A 367 30.55 -5.39 38.37
N ASN A 368 30.01 -6.59 38.55
CA ASN A 368 29.83 -7.22 39.85
C ASN A 368 29.33 -8.64 39.64
N SER A 369 30.17 -9.64 39.92
CA SER A 369 29.78 -11.02 39.69
C SER A 369 29.13 -11.67 40.91
N LYS A 370 29.25 -11.07 42.10
CA LYS A 370 28.70 -11.67 43.29
C LYS A 370 27.24 -11.31 43.51
N LEU A 371 26.86 -10.05 43.26
CA LEU A 371 25.46 -9.66 43.41
C LEU A 371 24.63 -9.97 42.18
N THR A 372 25.24 -10.01 41.00
CA THR A 372 24.51 -10.27 39.77
C THR A 372 24.32 -11.77 39.57
N LYS A 373 23.08 -12.18 39.27
CA LYS A 373 22.77 -13.57 38.99
C LYS A 373 22.07 -13.77 37.66
N ASP A 374 21.67 -12.71 36.96
CA ASP A 374 20.96 -12.83 35.69
C ASP A 374 21.95 -12.91 34.54
N SER A 375 21.77 -13.90 33.68
CA SER A 375 22.66 -14.14 32.55
C SER A 375 21.93 -13.93 31.24
N VAL A 376 22.70 -13.92 30.15
CA VAL A 376 22.17 -13.77 28.80
C VAL A 376 23.01 -14.65 27.88
N TRP A 377 22.36 -15.59 27.20
CA TRP A 377 23.05 -16.52 26.31
C TRP A 377 23.21 -15.92 24.94
N ASN A 378 24.23 -16.37 24.21
CA ASN A 378 24.39 -15.96 22.82
C ASN A 378 23.21 -16.46 21.98
N TYR A 379 22.70 -17.65 22.30
CA TYR A 379 21.49 -18.15 21.67
C TYR A 379 20.88 -19.21 22.58
N HIS A 380 19.59 -19.47 22.37
CA HIS A 380 18.89 -20.54 23.06
C HIS A 380 17.92 -21.19 22.09
N CYS A 381 17.62 -22.47 22.33
CA CYS A 381 16.71 -23.25 21.49
C CYS A 381 15.62 -23.86 22.36
N TRP A 382 14.37 -23.59 22.01
CA TRP A 382 13.24 -24.31 22.59
C TRP A 382 12.31 -24.74 21.44
N ASN A 383 11.27 -25.48 21.79
CA ASN A 383 10.36 -26.02 20.80
C ASN A 383 9.07 -25.21 20.75
N GLU A 384 8.38 -25.33 19.63
CA GLU A 384 7.03 -24.82 19.47
C GLU A 384 6.12 -25.97 19.06
N ALA A 385 4.96 -26.08 19.70
CA ALA A 385 4.01 -27.14 19.43
C ALA A 385 2.67 -26.52 19.02
N TRP A 386 2.01 -27.14 18.05
CA TRP A 386 0.79 -26.63 17.47
C TRP A 386 -0.41 -27.31 18.10
N MET A 387 -1.27 -26.53 18.75
CA MET A 387 -2.47 -27.07 19.39
C MET A 387 -3.41 -25.92 19.70
N THR A 388 -4.67 -26.28 19.95
CA THR A 388 -5.62 -25.32 20.49
C THR A 388 -5.47 -25.24 22.00
N ARG A 389 -5.86 -24.10 22.57
CA ARG A 389 -5.79 -23.86 24.00
C ARG A 389 -7.20 -23.64 24.55
N PRO A 390 -7.99 -24.71 24.66
CA PRO A 390 -9.34 -24.56 25.22
C PRO A 390 -9.36 -24.08 26.66
N ASP A 391 -8.22 -24.16 27.37
CA ASP A 391 -8.12 -23.67 28.73
C ASP A 391 -7.84 -22.17 28.79
N LEU A 392 -7.56 -21.54 27.66
CA LEU A 392 -7.34 -20.11 27.57
C LEU A 392 -8.45 -19.44 26.77
N PRO A 393 -8.66 -18.14 26.93
CA PRO A 393 -9.68 -17.44 26.12
C PRO A 393 -9.38 -17.57 24.63
N VAL A 394 -10.36 -17.15 23.83
CA VAL A 394 -10.27 -17.32 22.39
C VAL A 394 -9.19 -16.41 21.83
N GLY A 395 -8.33 -16.96 20.98
CA GLY A 395 -7.26 -16.22 20.35
C GLY A 395 -5.86 -16.63 20.74
N PHE A 396 -5.70 -17.50 21.75
CA PHE A 396 -4.39 -17.86 22.26
C PHE A 396 -3.99 -19.29 21.88
N GLY A 397 -4.44 -19.76 20.73
CA GLY A 397 -4.07 -21.06 20.22
C GLY A 397 -2.87 -20.99 19.31
N GLY A 398 -2.76 -22.00 18.45
CA GLY A 398 -1.68 -22.02 17.48
C GLY A 398 -0.39 -22.50 18.10
N TRP A 399 0.69 -21.73 17.89
CA TRP A 399 2.00 -22.12 18.37
C TRP A 399 2.12 -21.91 19.87
N GLN A 400 2.60 -22.93 20.58
CA GLN A 400 2.86 -22.86 22.01
C GLN A 400 4.35 -23.12 22.23
N ALA A 401 4.99 -22.26 23.02
CA ALA A 401 6.40 -22.43 23.31
C ALA A 401 6.58 -23.44 24.44
N VAL A 402 7.47 -24.41 24.22
CA VAL A 402 7.79 -25.43 25.22
C VAL A 402 9.31 -25.59 25.25
N ASP A 403 9.88 -25.61 26.45
CA ASP A 403 11.33 -25.65 26.64
C ASP A 403 11.67 -26.77 27.61
N SER A 404 12.34 -27.81 27.11
CA SER A 404 12.78 -28.91 27.97
C SER A 404 14.14 -28.66 28.62
N THR A 405 14.95 -27.76 28.05
CA THR A 405 16.21 -27.38 28.64
C THR A 405 16.01 -26.90 30.07
N PRO A 406 16.70 -27.46 31.06
CA PRO A 406 16.52 -27.00 32.44
C PRO A 406 17.12 -25.62 32.63
N GLN A 407 16.27 -24.65 32.96
CA GLN A 407 16.74 -23.30 33.26
C GLN A 407 16.16 -22.83 34.58
N GLU A 408 14.84 -22.85 34.71
CA GLU A 408 14.19 -22.45 35.96
C GLU A 408 13.06 -23.43 36.28
N ASN A 409 12.72 -23.50 37.57
CA ASN A 409 11.63 -24.34 38.00
C ASN A 409 10.29 -23.77 37.56
N SER A 410 9.33 -24.67 37.39
CA SER A 410 7.94 -24.30 37.09
C SER A 410 7.03 -25.22 37.88
N ASP A 411 6.39 -24.68 38.91
CA ASP A 411 5.48 -25.44 39.77
C ASP A 411 6.16 -26.65 40.41
N GLY A 412 7.45 -26.54 40.68
CA GLY A 412 8.17 -27.57 41.40
C GLY A 412 9.02 -28.51 40.56
N MET A 413 9.04 -28.32 39.24
CA MET A 413 9.82 -29.19 38.36
C MET A 413 10.58 -28.35 37.35
N TYR A 414 11.51 -28.99 36.65
CA TYR A 414 12.30 -28.34 35.61
C TYR A 414 11.58 -28.54 34.28
N ARG A 415 10.65 -27.64 33.98
CA ARG A 415 9.89 -27.70 32.73
C ARG A 415 9.47 -26.29 32.38
N CYS A 416 8.89 -26.14 31.18
CA CYS A 416 8.54 -24.82 30.67
C CYS A 416 7.49 -24.97 29.59
N GLY A 417 6.35 -24.31 29.76
CA GLY A 417 5.31 -24.32 28.76
C GLY A 417 4.25 -25.37 28.99
N PRO A 418 3.25 -25.45 28.09
CA PRO A 418 3.11 -24.62 26.87
C PRO A 418 2.68 -23.18 27.13
N ALA A 419 3.49 -22.25 26.65
CA ALA A 419 3.18 -20.82 26.71
C ALA A 419 2.74 -20.34 25.33
N SER A 420 1.64 -19.61 25.29
CA SER A 420 1.08 -19.15 24.02
C SER A 420 1.92 -18.01 23.46
N VAL A 421 2.53 -18.23 22.29
CA VAL A 421 3.31 -17.19 21.64
C VAL A 421 2.47 -15.93 21.44
N GLN A 422 1.18 -16.11 21.16
CA GLN A 422 0.28 -14.97 20.99
C GLN A 422 0.15 -14.18 22.30
N ALA A 423 0.04 -14.89 23.43
CA ALA A 423 -0.05 -14.21 24.72
C ALA A 423 1.25 -13.48 25.05
N ILE A 424 2.38 -13.99 24.57
CA ILE A 424 3.66 -13.34 24.83
C ILE A 424 3.80 -12.07 24.00
N LYS A 425 3.16 -12.04 22.82
CA LYS A 425 3.32 -10.90 21.93
C LYS A 425 2.65 -9.65 22.49
N HIS A 426 1.49 -9.81 23.14
CA HIS A 426 0.75 -8.70 23.70
C HIS A 426 0.93 -8.58 25.20
N GLY A 427 1.90 -9.29 25.78
CA GLY A 427 2.19 -9.16 27.19
C GLY A 427 1.14 -9.74 28.11
N HIS A 428 0.27 -10.62 27.61
CA HIS A 428 -0.72 -11.29 28.45
C HIS A 428 -0.14 -12.58 29.04
N VAL A 429 0.92 -12.39 29.84
CA VAL A 429 1.71 -13.49 30.36
C VAL A 429 1.02 -14.12 31.56
N CYS A 430 -0.21 -13.67 31.86
CA CYS A 430 -0.98 -14.26 32.94
C CYS A 430 -1.64 -15.58 32.55
N PHE A 431 -1.54 -15.97 31.28
CA PHE A 431 -2.12 -17.23 30.83
C PHE A 431 -1.07 -18.33 30.85
N GLN A 432 -1.40 -19.42 31.54
CA GLN A 432 -0.51 -20.57 31.69
C GLN A 432 -0.09 -21.14 30.33
N PHE A 433 1.11 -21.73 30.24
CA PHE A 433 2.02 -21.91 31.36
C PHE A 433 3.35 -21.20 31.13
N ASP A 434 3.91 -20.64 32.21
CA ASP A 434 5.28 -20.12 32.21
C ASP A 434 5.49 -19.04 31.15
N ALA A 435 4.42 -18.31 30.82
CA ALA A 435 4.54 -17.23 29.86
C ALA A 435 5.48 -16.12 30.30
N PRO A 436 5.50 -15.66 31.56
CA PRO A 436 6.46 -14.60 31.93
C PRO A 436 7.90 -14.99 31.69
N PHE A 437 8.28 -16.25 31.95
CA PHE A 437 9.64 -16.70 31.70
C PHE A 437 10.00 -16.56 30.23
N VAL A 438 9.16 -17.12 29.35
CA VAL A 438 9.45 -17.06 27.92
C VAL A 438 9.43 -15.62 27.40
N PHE A 439 8.56 -14.78 27.97
CA PHE A 439 8.58 -13.36 27.61
C PHE A 439 9.92 -12.72 27.98
N ALA A 440 10.39 -12.99 29.20
CA ALA A 440 11.66 -12.42 29.62
C ALA A 440 12.81 -12.90 28.75
N GLU A 441 12.72 -14.12 28.21
CA GLU A 441 13.76 -14.63 27.34
C GLU A 441 13.85 -13.88 26.01
N VAL A 442 12.76 -13.26 25.57
CA VAL A 442 12.70 -12.70 24.23
C VAL A 442 12.66 -11.17 24.21
N ASN A 443 12.28 -10.52 25.31
CA ASN A 443 12.11 -9.07 25.27
C ASN A 443 12.23 -8.41 26.64
N SER A 444 13.10 -8.93 27.49
CA SER A 444 13.36 -8.26 28.77
C SER A 444 14.36 -7.13 28.56
N ASP A 445 14.14 -6.04 29.29
CA ASP A 445 15.07 -4.92 29.25
C ASP A 445 16.21 -5.14 30.23
N LEU A 446 17.33 -4.47 29.97
CA LEU A 446 18.48 -4.54 30.85
C LEU A 446 18.41 -3.39 31.84
N ILE A 447 18.58 -3.69 33.12
CA ILE A 447 18.44 -2.71 34.18
C ILE A 447 19.73 -2.70 34.98
N TYR A 448 20.63 -1.77 34.63
CA TYR A 448 21.86 -1.63 35.41
C TYR A 448 21.54 -0.97 36.75
N ILE A 449 21.33 -1.79 37.79
CA ILE A 449 21.03 -1.27 39.12
C ILE A 449 22.30 -1.05 39.92
N HIS A 457 19.22 -0.46 44.91
CA HIS A 457 19.29 0.86 45.54
C HIS A 457 19.19 1.97 44.50
N VAL A 458 20.24 2.10 43.68
CA VAL A 458 20.31 3.15 42.67
C VAL A 458 20.39 2.50 41.29
N VAL A 459 19.82 3.20 40.30
CA VAL A 459 19.79 2.76 38.91
C VAL A 459 20.93 3.45 38.17
N GLU A 460 20.96 3.29 36.84
CA GLU A 460 21.91 4.02 36.00
C GLU A 460 21.45 4.03 34.54
N ASN A 461 21.68 2.94 33.84
CA ASN A 461 21.32 2.81 32.43
C ASN A 461 20.20 1.80 32.25
N VAL A 462 19.47 1.93 31.14
CA VAL A 462 18.40 1.00 30.78
C VAL A 462 18.52 0.72 29.29
N ASP A 463 18.85 -0.52 28.93
CA ASP A 463 18.91 -0.96 27.55
C ASP A 463 17.63 -1.74 27.23
N ALA A 464 17.04 -1.45 26.07
CA ALA A 464 15.75 -2.02 25.71
C ALA A 464 15.75 -2.74 24.37
N THR A 465 16.91 -2.89 23.71
CA THR A 465 16.98 -3.56 22.42
C THR A 465 17.93 -4.75 22.40
N HIS A 466 18.62 -5.04 23.50
CA HIS A 466 19.69 -6.04 23.47
C HIS A 466 19.14 -7.46 23.50
N ILE A 467 18.14 -7.72 24.33
CA ILE A 467 17.60 -9.07 24.48
C ILE A 467 16.69 -9.40 23.31
N GLY A 468 16.83 -10.61 22.78
CA GLY A 468 15.97 -11.10 21.73
C GLY A 468 16.10 -10.34 20.43
N LYS A 469 17.32 -10.30 19.89
CA LYS A 469 17.54 -9.54 18.66
C LYS A 469 16.94 -10.24 17.44
N LEU A 470 16.84 -11.57 17.47
CA LEU A 470 16.37 -12.30 16.31
C LEU A 470 15.94 -13.70 16.73
N ILE A 471 14.79 -14.13 16.23
CA ILE A 471 14.27 -15.48 16.42
C ILE A 471 14.05 -16.09 15.05
N VAL A 472 14.47 -17.36 14.89
CA VAL A 472 14.47 -18.00 13.58
C VAL A 472 14.00 -19.45 13.70
N THR A 473 13.65 -20.02 12.55
CA THR A 473 13.24 -21.42 12.46
C THR A 473 13.42 -21.88 11.03
N LYS A 474 13.52 -23.19 10.85
CA LYS A 474 13.65 -23.76 9.52
C LYS A 474 12.42 -23.46 8.67
N GLN A 475 12.65 -23.02 7.44
CA GLN A 475 11.58 -22.67 6.51
C GLN A 475 10.93 -23.93 5.96
N ILE A 476 9.80 -23.73 5.27
CA ILE A 476 9.13 -24.81 4.57
C ILE A 476 9.83 -25.05 3.24
N GLY A 477 10.05 -26.32 2.90
CA GLY A 477 10.61 -26.68 1.61
C GLY A 477 12.01 -26.16 1.35
N GLY A 478 12.90 -26.36 2.31
CA GLY A 478 14.27 -25.92 2.17
C GLY A 478 14.96 -25.84 3.51
N ASP A 479 16.25 -25.49 3.45
CA ASP A 479 17.07 -25.34 4.63
C ASP A 479 17.31 -23.88 4.98
N GLY A 480 16.47 -22.98 4.48
CA GLY A 480 16.59 -21.57 4.77
C GLY A 480 16.18 -21.24 6.19
N MET A 481 16.05 -19.93 6.43
CA MET A 481 15.91 -19.37 7.77
C MET A 481 14.73 -18.40 7.80
N MET A 482 13.61 -18.83 8.38
CA MET A 482 12.38 -18.03 8.43
C MET A 482 12.43 -17.16 9.68
N ASP A 483 12.49 -15.84 9.48
CA ASP A 483 12.46 -14.89 10.59
C ASP A 483 11.06 -14.88 11.21
N ILE A 484 10.97 -15.27 12.49
CA ILE A 484 9.69 -15.32 13.18
C ILE A 484 9.73 -14.45 14.43
N THR A 485 10.60 -13.43 14.42
CA THR A 485 10.70 -12.54 15.56
C THR A 485 9.39 -11.81 15.81
N ASP A 486 8.66 -11.49 14.73
CA ASP A 486 7.41 -10.75 14.84
C ASP A 486 6.31 -11.55 15.52
N THR A 487 6.49 -12.84 15.74
CA THR A 487 5.46 -13.63 16.41
C THR A 487 5.54 -13.50 17.93
N TYR A 488 6.74 -13.25 18.46
CA TYR A 488 6.93 -13.17 19.91
C TYR A 488 6.84 -11.75 20.44
N LYS A 489 7.19 -10.76 19.64
CA LYS A 489 7.28 -9.39 20.12
C LYS A 489 7.08 -8.41 18.98
N PHE A 490 6.62 -7.21 19.33
CA PHE A 490 6.58 -6.12 18.37
C PHE A 490 7.99 -5.59 18.13
N GLN A 491 8.18 -4.96 16.97
CA GLN A 491 9.49 -4.45 16.62
C GLN A 491 9.98 -3.43 17.64
N GLU A 492 11.20 -3.64 18.13
CA GLU A 492 11.79 -2.72 19.10
C GLU A 492 11.87 -1.32 18.52
N GLY A 493 11.44 -0.33 19.31
CA GLY A 493 11.36 1.02 18.83
C GLY A 493 9.92 1.50 18.72
N GLN A 494 9.07 0.69 18.12
CA GLN A 494 7.66 1.01 18.01
C GLN A 494 7.01 1.04 19.39
N GLU A 495 5.97 1.87 19.52
CA GLU A 495 5.35 2.08 20.82
C GLU A 495 4.64 0.82 21.33
N GLU A 496 4.18 -0.04 20.41
CA GLU A 496 3.49 -1.26 20.83
C GLU A 496 4.43 -2.20 21.57
N GLU A 497 5.71 -2.23 21.18
CA GLU A 497 6.69 -3.01 21.91
C GLU A 497 6.73 -2.64 23.38
N ARG A 498 6.87 -1.34 23.66
CA ARG A 498 6.92 -0.90 25.05
C ARG A 498 5.61 -1.17 25.78
N LEU A 499 4.48 -0.87 25.12
CA LEU A 499 3.18 -1.10 25.76
C LEU A 499 2.95 -2.57 26.07
N ALA A 500 3.36 -3.46 25.15
CA ALA A 500 3.26 -4.89 25.42
C ALA A 500 4.16 -5.28 26.59
N LEU A 501 5.40 -4.78 26.60
CA LEU A 501 6.33 -5.10 27.68
C LEU A 501 5.79 -4.62 29.02
N GLU A 502 5.31 -3.38 29.08
CA GLU A 502 4.81 -2.84 30.34
C GLU A 502 3.54 -3.55 30.79
N THR A 503 2.76 -4.08 29.85
CA THR A 503 1.64 -4.95 30.22
C THR A 503 2.13 -6.24 30.85
N ALA A 504 3.22 -6.82 30.32
CA ALA A 504 3.76 -8.05 30.89
C ALA A 504 4.32 -7.80 32.28
N LEU A 505 4.99 -6.67 32.47
CA LEU A 505 5.51 -6.32 33.79
C LEU A 505 4.41 -6.13 34.82
N MET A 506 3.17 -5.94 34.37
CA MET A 506 2.04 -5.68 35.27
C MET A 506 1.38 -6.96 35.77
N TYR A 507 1.64 -8.09 35.14
CA TYR A 507 1.08 -9.36 35.58
C TYR A 507 2.05 -10.12 36.49
N SER A 523 -4.77 4.38 38.07
CA SER A 523 -4.86 5.73 38.64
C SER A 523 -6.28 6.27 38.52
N ASN A 524 -7.24 5.50 39.03
CA ASN A 524 -8.65 5.87 39.09
C ASN A 524 -9.26 6.02 37.70
N VAL A 525 -8.74 5.29 36.71
CA VAL A 525 -9.22 5.35 35.34
C VAL A 525 -9.78 3.99 34.97
N ASP A 526 -10.97 3.98 34.36
CA ASP A 526 -11.56 2.77 33.80
C ASP A 526 -11.40 2.79 32.29
N MET A 527 -11.29 1.60 31.70
CA MET A 527 -11.11 1.47 30.26
C MET A 527 -11.84 0.23 29.77
N ASP A 528 -12.57 0.38 28.66
CA ASP A 528 -13.33 -0.71 28.08
C ASP A 528 -13.56 -0.41 26.61
N PHE A 529 -13.96 -1.44 25.87
CA PHE A 529 -14.28 -1.28 24.46
C PHE A 529 -15.33 -2.30 24.06
N GLU A 530 -16.33 -1.83 23.31
CA GLU A 530 -17.38 -2.67 22.75
C GLU A 530 -17.39 -2.48 21.24
N VAL A 531 -17.73 -3.55 20.52
CA VAL A 531 -17.79 -3.51 19.07
C VAL A 531 -19.20 -3.11 18.67
N GLU A 532 -19.30 -2.18 17.72
CA GLU A 532 -20.57 -1.56 17.35
C GLU A 532 -21.17 -2.32 16.17
N ASN A 533 -22.12 -3.21 16.47
CA ASN A 533 -22.93 -3.91 15.48
C ASN A 533 -22.12 -4.39 14.29
N ALA A 534 -21.24 -5.36 14.50
CA ALA A 534 -20.36 -5.85 13.45
C ALA A 534 -21.11 -6.85 12.58
N VAL A 535 -21.35 -6.51 11.32
CA VAL A 535 -21.98 -7.40 10.36
C VAL A 535 -20.95 -7.78 9.31
N LEU A 536 -20.88 -9.07 8.99
CA LEU A 536 -19.98 -9.54 7.94
C LEU A 536 -20.23 -8.78 6.64
N GLY A 537 -19.17 -8.21 6.08
CA GLY A 537 -19.29 -7.49 4.83
C GLY A 537 -19.62 -6.02 4.95
N LYS A 538 -19.39 -5.40 6.10
CA LYS A 538 -19.74 -4.00 6.31
C LYS A 538 -18.78 -3.39 7.34
N ASP A 539 -18.39 -2.14 7.09
CA ASP A 539 -17.59 -1.40 8.07
C ASP A 539 -18.29 -1.39 9.42
N PHE A 540 -17.49 -1.35 10.49
CA PHE A 540 -18.01 -1.29 11.83
C PHE A 540 -17.06 -0.50 12.72
N LYS A 541 -17.61 0.04 13.81
CA LYS A 541 -16.88 0.92 14.70
C LYS A 541 -16.42 0.16 15.93
N LEU A 542 -15.19 0.45 16.37
CA LEU A 542 -14.62 -0.10 17.60
C LEU A 542 -14.47 1.07 18.56
N SER A 543 -15.30 1.09 19.61
CA SER A 543 -15.42 2.25 20.49
C SER A 543 -14.68 2.00 21.78
N ILE A 544 -13.47 2.54 21.89
CA ILE A 544 -12.72 2.52 23.14
C ILE A 544 -13.29 3.60 24.05
N THR A 545 -13.58 3.24 25.30
CA THR A 545 -14.17 4.16 26.25
C THR A 545 -13.25 4.32 27.46
N PHE A 546 -13.02 5.55 27.87
CA PHE A 546 -12.24 5.88 29.06
C PHE A 546 -13.13 6.66 30.02
N ARG A 547 -13.18 6.21 31.28
CA ARG A 547 -13.88 6.92 32.33
C ARG A 547 -12.86 7.40 33.35
N ASN A 548 -12.75 8.72 33.49
CA ASN A 548 -11.85 9.33 34.47
C ASN A 548 -12.68 9.80 35.65
N ASN A 549 -12.46 9.19 36.81
CA ASN A 549 -13.15 9.55 38.04
C ASN A 549 -12.28 10.40 38.95
N SER A 550 -11.08 10.76 38.53
CA SER A 550 -10.19 11.60 39.32
C SER A 550 -10.39 13.07 38.96
N HIS A 551 -9.78 13.94 39.76
CA HIS A 551 -9.81 15.37 39.52
C HIS A 551 -8.59 15.85 38.74
N ASN A 552 -7.85 14.93 38.11
CA ASN A 552 -6.64 15.25 37.37
C ASN A 552 -6.87 15.09 35.88
N ARG A 553 -6.08 15.83 35.10
CA ARG A 553 -6.07 15.67 33.65
C ARG A 553 -4.94 14.71 33.25
N TYR A 554 -5.29 13.69 32.46
CA TYR A 554 -4.36 12.64 32.09
C TYR A 554 -4.10 12.67 30.58
N THR A 555 -2.93 12.14 30.21
CA THR A 555 -2.62 11.82 28.83
C THR A 555 -2.47 10.31 28.70
N ILE A 556 -3.04 9.75 27.64
CA ILE A 556 -3.05 8.30 27.43
C ILE A 556 -2.45 7.99 26.07
N THR A 557 -1.48 7.08 26.06
CA THR A 557 -0.97 6.46 24.84
C THR A 557 -1.45 5.02 24.80
N ALA A 558 -1.85 4.55 23.62
CA ALA A 558 -2.44 3.23 23.51
C ALA A 558 -2.21 2.67 22.11
N TYR A 559 -2.40 1.36 21.98
CA TYR A 559 -2.38 0.71 20.68
C TYR A 559 -3.56 -0.26 20.58
N LEU A 560 -4.00 -0.51 19.35
CA LEU A 560 -5.08 -1.43 19.06
C LEU A 560 -4.61 -2.51 18.10
N SER A 561 -4.86 -3.78 18.45
CA SER A 561 -4.53 -4.91 17.61
C SER A 561 -5.79 -5.72 17.34
N ALA A 562 -6.16 -5.82 16.06
CA ALA A 562 -7.36 -6.52 15.64
C ALA A 562 -6.97 -7.74 14.81
N ASN A 563 -7.51 -8.90 15.17
CA ASN A 563 -7.03 -10.16 14.63
C ASN A 563 -8.20 -11.07 14.28
N ILE A 564 -8.02 -11.85 13.22
CA ILE A 564 -8.97 -12.89 12.83
C ILE A 564 -8.52 -14.21 13.46
N THR A 565 -9.43 -14.87 14.16
CA THR A 565 -9.15 -16.15 14.79
C THR A 565 -10.19 -17.17 14.33
N PHE A 566 -9.82 -18.44 14.44
CA PHE A 566 -10.69 -19.53 14.05
C PHE A 566 -11.75 -19.78 15.11
N TYR A 567 -12.72 -20.64 14.78
CA TYR A 567 -13.76 -20.99 15.74
C TYR A 567 -13.19 -21.74 16.94
N THR A 568 -12.15 -22.53 16.73
CA THR A 568 -11.49 -23.22 17.84
C THR A 568 -10.74 -22.26 18.74
N GLY A 569 -10.24 -21.15 18.19
CA GLY A 569 -9.50 -20.17 18.97
C GLY A 569 -8.07 -20.01 18.52
N VAL A 570 -7.77 -20.47 17.31
CA VAL A 570 -6.43 -20.37 16.73
C VAL A 570 -6.31 -19.04 15.99
N PRO A 571 -5.22 -18.31 16.16
CA PRO A 571 -5.07 -17.05 15.43
C PRO A 571 -4.67 -17.26 13.98
N LYS A 572 -5.17 -16.37 13.12
CA LYS A 572 -4.83 -16.38 11.70
C LYS A 572 -3.87 -15.24 11.37
N ALA A 573 -4.32 -13.99 11.48
CA ALA A 573 -3.49 -12.86 11.08
C ALA A 573 -3.97 -11.60 11.78
N GLU A 574 -3.10 -10.61 11.79
CA GLU A 574 -3.43 -9.26 12.25
C GLU A 574 -3.82 -8.43 11.03
N PHE A 575 -5.06 -7.93 11.00
CA PHE A 575 -5.51 -7.15 9.87
C PHE A 575 -5.54 -5.64 10.14
N LYS A 576 -5.35 -5.22 11.39
CA LYS A 576 -5.32 -3.80 11.71
C LYS A 576 -4.51 -3.59 12.98
N LYS A 577 -3.58 -2.64 12.94
CA LYS A 577 -2.80 -2.25 14.10
C LYS A 577 -2.65 -0.73 14.12
N GLU A 578 -3.07 -0.10 15.22
CA GLU A 578 -3.05 1.36 15.31
C GLU A 578 -2.63 1.79 16.70
N THR A 579 -1.72 2.75 16.76
CA THR A 579 -1.38 3.47 17.98
C THR A 579 -2.09 4.82 17.97
N PHE A 580 -2.50 5.28 19.16
CA PHE A 580 -3.23 6.54 19.25
C PHE A 580 -3.02 7.16 20.63
N ASP A 581 -3.25 8.47 20.69
CA ASP A 581 -3.07 9.26 21.90
C ASP A 581 -4.36 10.02 22.20
N VAL A 582 -4.86 9.89 23.43
CA VAL A 582 -6.07 10.58 23.86
C VAL A 582 -5.79 11.27 25.19
N THR A 583 -6.38 12.46 25.35
CA THR A 583 -6.30 13.22 26.60
C THR A 583 -7.59 13.05 27.40
N LEU A 584 -7.45 12.85 28.70
CA LEU A 584 -8.58 12.57 29.59
C LEU A 584 -8.75 13.72 30.58
N GLU A 585 -9.73 14.58 30.32
CA GLU A 585 -10.02 15.66 31.26
C GLU A 585 -10.65 15.08 32.53
N PRO A 586 -10.51 15.76 33.66
CA PRO A 586 -11.02 15.21 34.93
C PRO A 586 -12.53 15.10 34.93
N LEU A 587 -13.02 14.06 35.62
CA LEU A 587 -14.44 13.77 35.78
C LEU A 587 -15.16 13.75 34.43
N SER A 588 -14.66 12.90 33.54
CA SER A 588 -15.14 12.85 32.16
C SER A 588 -15.33 11.41 31.71
N PHE A 589 -15.90 11.27 30.53
CA PHE A 589 -15.93 10.00 29.80
C PHE A 589 -15.63 10.31 28.34
N LYS A 590 -14.74 9.54 27.73
CA LYS A 590 -14.34 9.76 26.35
C LYS A 590 -14.43 8.46 25.56
N LYS A 591 -15.16 8.48 24.45
CA LYS A 591 -15.42 7.31 23.63
C LYS A 591 -14.76 7.49 22.27
N GLU A 592 -13.44 7.30 22.23
CA GLU A 592 -12.73 7.23 20.96
C GLU A 592 -13.15 5.99 20.17
N ALA A 593 -13.60 6.18 18.94
CA ALA A 593 -14.15 5.11 18.12
C ALA A 593 -13.31 4.96 16.86
N VAL A 594 -12.57 3.86 16.77
CA VAL A 594 -11.78 3.55 15.58
C VAL A 594 -12.64 2.75 14.61
N LEU A 595 -12.68 3.20 13.36
CA LEU A 595 -13.46 2.55 12.31
C LEU A 595 -12.64 1.42 11.67
N ILE A 596 -13.22 0.23 11.64
CA ILE A 596 -12.66 -0.89 10.90
C ILE A 596 -13.43 -1.00 9.59
N GLN A 597 -12.77 -0.65 8.49
CA GLN A 597 -13.40 -0.76 7.18
C GLN A 597 -13.51 -2.21 6.77
N ALA A 598 -14.55 -2.52 5.98
CA ALA A 598 -14.80 -3.91 5.58
C ALA A 598 -13.63 -4.47 4.79
N GLY A 599 -13.04 -3.67 3.90
CA GLY A 599 -11.92 -4.13 3.10
C GLY A 599 -10.70 -4.52 3.90
N GLU A 600 -10.64 -4.17 5.19
CA GLU A 600 -9.47 -4.49 6.00
C GLU A 600 -9.46 -5.95 6.45
N TYR A 601 -10.63 -6.57 6.64
CA TYR A 601 -10.71 -7.93 7.14
C TYR A 601 -11.35 -8.92 6.17
N MET A 602 -12.16 -8.46 5.22
CA MET A 602 -12.85 -9.36 4.30
C MET A 602 -11.89 -10.22 3.50
N GLY A 603 -10.63 -9.82 3.36
CA GLY A 603 -9.68 -10.55 2.55
C GLY A 603 -9.09 -11.79 3.19
N GLN A 604 -9.28 -11.99 4.49
CA GLN A 604 -8.63 -13.08 5.22
C GLN A 604 -9.62 -13.81 6.12
N LEU A 605 -10.85 -14.01 5.65
CA LEU A 605 -11.88 -14.63 6.49
C LEU A 605 -12.07 -16.10 6.14
N LEU A 606 -12.54 -16.86 7.13
CA LEU A 606 -12.76 -18.30 7.00
C LEU A 606 -14.07 -18.64 7.72
N GLU A 607 -14.45 -19.91 7.62
CA GLU A 607 -15.75 -20.36 8.12
C GLU A 607 -15.85 -20.17 9.63
N GLN A 608 -16.88 -19.45 10.06
CA GLN A 608 -17.18 -19.23 11.48
C GLN A 608 -16.01 -18.55 12.20
N ALA A 609 -15.25 -17.73 11.48
CA ALA A 609 -14.17 -17.00 12.10
C ALA A 609 -14.71 -15.89 13.01
N SER A 610 -13.95 -15.60 14.06
CA SER A 610 -14.28 -14.55 15.01
C SER A 610 -13.20 -13.48 15.02
N LEU A 611 -13.47 -12.39 15.73
CA LEU A 611 -12.58 -11.24 15.77
C LEU A 611 -12.05 -11.06 17.19
N HIS A 612 -10.73 -11.02 17.32
CA HIS A 612 -10.05 -10.84 18.60
C HIS A 612 -9.36 -9.48 18.61
N PHE A 613 -9.64 -8.68 19.64
CA PHE A 613 -9.14 -7.33 19.74
C PHE A 613 -8.25 -7.17 20.97
N PHE A 614 -7.06 -6.62 20.77
CA PHE A 614 -6.18 -6.21 21.86
C PHE A 614 -6.17 -4.70 21.95
N VAL A 615 -6.40 -4.18 23.16
CA VAL A 615 -6.35 -2.74 23.42
C VAL A 615 -5.60 -2.52 24.73
N THR A 616 -4.36 -2.04 24.63
CA THR A 616 -3.54 -1.70 25.80
C THR A 616 -3.30 -0.20 25.84
N ALA A 617 -3.63 0.43 26.97
CA ALA A 617 -3.49 1.87 27.13
C ALA A 617 -2.68 2.15 28.38
N ARG A 618 -1.73 3.08 28.27
CA ARG A 618 -0.89 3.50 29.39
C ARG A 618 -1.29 4.90 29.83
N ILE A 619 -1.53 5.06 31.13
CA ILE A 619 -1.73 6.37 31.72
C ILE A 619 -0.35 7.02 31.88
N ASN A 620 -0.07 8.04 31.06
CA ASN A 620 1.29 8.58 31.00
C ASN A 620 1.71 9.20 32.33
N GLU A 621 0.81 9.92 33.00
CA GLU A 621 1.19 10.64 34.22
C GLU A 621 1.62 9.68 35.33
N THR A 622 1.01 8.51 35.41
CA THR A 622 1.29 7.56 36.47
C THR A 622 1.93 6.27 35.98
N ARG A 623 2.13 6.11 34.68
CA ARG A 623 2.73 4.93 34.07
C ARG A 623 1.94 3.66 34.35
N ASP A 624 0.66 3.80 34.71
CA ASP A 624 -0.21 2.63 34.81
C ASP A 624 -0.55 2.12 33.42
N VAL A 625 -0.92 0.85 33.35
CA VAL A 625 -1.27 0.21 32.08
C VAL A 625 -2.58 -0.54 32.24
N LEU A 626 -3.59 -0.13 31.47
CA LEU A 626 -4.87 -0.82 31.40
C LEU A 626 -4.92 -1.65 30.12
N ALA A 627 -5.25 -2.93 30.25
CA ALA A 627 -5.23 -3.83 29.11
C ALA A 627 -6.46 -4.73 29.13
N LYS A 628 -7.16 -4.78 27.99
CA LYS A 628 -8.29 -5.68 27.81
C LYS A 628 -8.11 -6.45 26.51
N GLN A 629 -8.73 -7.63 26.45
CA GLN A 629 -8.79 -8.43 25.24
C GLN A 629 -10.18 -9.05 25.16
N LYS A 630 -10.77 -9.03 23.97
CA LYS A 630 -12.14 -9.50 23.79
C LYS A 630 -12.30 -10.18 22.45
N SER A 631 -13.25 -11.11 22.38
CA SER A 631 -13.59 -11.82 21.16
C SER A 631 -15.04 -11.51 20.80
N THR A 632 -15.30 -11.42 19.50
CA THR A 632 -16.65 -11.21 19.00
C THR A 632 -16.83 -11.98 17.70
N VAL A 633 -18.03 -12.53 17.52
CA VAL A 633 -18.39 -13.24 16.29
C VAL A 633 -19.21 -12.30 15.42
N LEU A 634 -18.87 -12.26 14.13
CA LEU A 634 -19.55 -11.37 13.19
C LEU A 634 -20.97 -11.84 12.96
N THR A 635 -21.92 -10.91 13.03
CA THR A 635 -23.30 -11.18 12.63
C THR A 635 -23.31 -11.37 11.13
N ILE A 636 -23.37 -12.63 10.69
CA ILE A 636 -23.18 -12.99 9.29
C ILE A 636 -24.55 -13.15 8.65
N PRO A 637 -24.91 -12.34 7.65
CA PRO A 637 -26.12 -12.62 6.88
C PRO A 637 -25.90 -13.81 5.95
N GLU A 638 -26.99 -14.49 5.63
CA GLU A 638 -26.94 -15.63 4.73
C GLU A 638 -28.08 -15.53 3.72
N ILE A 639 -27.89 -16.18 2.59
CA ILE A 639 -28.88 -16.22 1.52
C ILE A 639 -29.58 -17.56 1.54
N ILE A 640 -30.91 -17.53 1.57
CA ILE A 640 -31.71 -18.75 1.50
C ILE A 640 -32.01 -19.04 0.04
N ILE A 641 -31.67 -20.25 -0.41
CA ILE A 641 -31.89 -20.68 -1.79
C ILE A 641 -32.84 -21.86 -1.75
N LYS A 642 -33.95 -21.74 -2.48
CA LYS A 642 -34.92 -22.82 -2.63
C LYS A 642 -35.01 -23.21 -4.09
N VAL A 643 -35.47 -24.44 -4.33
CA VAL A 643 -35.75 -24.94 -5.67
C VAL A 643 -37.15 -25.51 -5.67
N ARG A 644 -38.02 -24.98 -6.51
CA ARG A 644 -39.38 -25.49 -6.67
C ARG A 644 -39.49 -26.20 -8.01
N GLY A 645 -40.13 -27.36 -8.01
CA GLY A 645 -40.36 -28.12 -9.22
C GLY A 645 -39.55 -29.40 -9.23
N THR A 646 -39.75 -30.18 -10.28
CA THR A 646 -38.97 -31.38 -10.49
C THR A 646 -37.55 -30.99 -10.92
N GLN A 647 -36.55 -31.56 -10.25
CA GLN A 647 -35.16 -31.17 -10.48
C GLN A 647 -34.45 -32.24 -11.33
N VAL A 648 -34.99 -32.46 -12.52
CA VAL A 648 -34.43 -33.42 -13.46
C VAL A 648 -33.78 -32.66 -14.61
N VAL A 649 -33.07 -33.38 -15.45
CA VAL A 649 -32.41 -32.81 -16.62
C VAL A 649 -33.37 -32.87 -17.80
N GLY A 650 -33.43 -31.79 -18.57
CA GLY A 650 -34.31 -31.69 -19.71
C GLY A 650 -35.63 -31.00 -19.44
N SER A 651 -35.78 -30.30 -18.32
CA SER A 651 -37.00 -29.60 -18.00
C SER A 651 -36.67 -28.38 -17.15
N ASP A 652 -37.47 -27.33 -17.29
CA ASP A 652 -37.22 -26.10 -16.56
C ASP A 652 -37.57 -26.26 -15.08
N MET A 653 -36.91 -25.46 -14.25
CA MET A 653 -37.18 -25.44 -12.82
C MET A 653 -36.84 -24.06 -12.27
N THR A 654 -37.58 -23.65 -11.25
CA THR A 654 -37.48 -22.31 -10.69
C THR A 654 -36.55 -22.32 -9.49
N VAL A 655 -35.46 -21.56 -9.56
CA VAL A 655 -34.54 -21.37 -8.45
C VAL A 655 -34.88 -20.05 -7.80
N ILE A 656 -35.37 -20.11 -6.56
CA ILE A 656 -35.80 -18.93 -5.81
C ILE A 656 -34.68 -18.51 -4.86
N VAL A 657 -34.26 -17.25 -4.98
CA VAL A 657 -33.22 -16.68 -4.13
C VAL A 657 -33.86 -15.57 -3.30
N GLU A 658 -33.82 -15.72 -1.97
CA GLU A 658 -34.38 -14.75 -1.05
C GLU A 658 -33.26 -14.18 -0.19
N PHE A 659 -33.22 -12.87 -0.06
CA PHE A 659 -32.26 -12.20 0.80
C PHE A 659 -32.98 -11.19 1.68
N THR A 660 -32.56 -11.10 2.94
CA THR A 660 -33.12 -10.19 3.92
C THR A 660 -32.10 -9.12 4.27
N ASN A 661 -32.52 -7.87 4.22
CA ASN A 661 -31.62 -6.76 4.52
C ASN A 661 -31.27 -6.78 6.01
N PRO A 662 -29.99 -6.94 6.38
CA PRO A 662 -29.63 -7.12 7.79
C PRO A 662 -29.30 -5.84 8.53
N LEU A 663 -29.05 -4.74 7.83
CA LEU A 663 -28.60 -3.50 8.45
C LEU A 663 -29.77 -2.53 8.66
N LYS A 664 -29.57 -1.62 9.60
CA LYS A 664 -30.49 -0.50 9.79
C LYS A 664 -30.30 0.58 8.73
N GLU A 665 -29.35 0.38 7.82
CA GLU A 665 -29.06 1.34 6.76
C GLU A 665 -29.88 1.02 5.51
N THR A 666 -29.70 1.85 4.49
CA THR A 666 -30.39 1.71 3.21
C THR A 666 -29.44 1.09 2.20
N LEU A 667 -29.77 -0.10 1.71
CA LEU A 667 -28.94 -0.79 0.72
C LEU A 667 -29.33 -0.33 -0.68
N ARG A 668 -28.32 0.03 -1.47
CA ARG A 668 -28.53 0.54 -2.83
C ARG A 668 -27.57 -0.16 -3.78
N ASN A 669 -27.98 -0.26 -5.04
CA ASN A 669 -27.19 -0.90 -6.09
C ASN A 669 -26.90 -2.36 -5.72
N VAL A 670 -27.94 -3.06 -5.27
CA VAL A 670 -27.80 -4.43 -4.83
C VAL A 670 -27.68 -5.34 -6.05
N TRP A 671 -26.57 -6.08 -6.13
CA TRP A 671 -26.34 -7.06 -7.18
C TRP A 671 -26.37 -8.45 -6.56
N VAL A 672 -27.23 -9.32 -7.10
CA VAL A 672 -27.34 -10.70 -6.66
C VAL A 672 -26.92 -11.59 -7.82
N HIS A 673 -25.97 -12.50 -7.55
CA HIS A 673 -25.41 -13.36 -8.58
C HIS A 673 -25.72 -14.82 -8.24
N LEU A 674 -26.26 -15.54 -9.22
CA LEU A 674 -26.51 -16.97 -9.10
C LEU A 674 -25.47 -17.75 -9.89
N ASP A 675 -24.95 -18.80 -9.29
CA ASP A 675 -23.92 -19.63 -9.93
C ASP A 675 -24.21 -21.09 -9.61
N GLY A 676 -24.12 -21.93 -10.63
CA GLY A 676 -24.38 -23.35 -10.47
C GLY A 676 -24.08 -24.15 -11.73
N PRO A 677 -22.83 -24.59 -11.86
CA PRO A 677 -22.43 -25.32 -13.07
C PRO A 677 -23.24 -26.60 -13.23
N GLY A 678 -23.83 -26.76 -14.42
CA GLY A 678 -24.67 -27.89 -14.73
C GLY A 678 -26.16 -27.65 -14.55
N VAL A 679 -26.51 -26.60 -13.80
CA VAL A 679 -27.90 -26.25 -13.53
C VAL A 679 -28.33 -25.03 -14.36
N THR A 680 -27.69 -23.89 -14.13
CA THR A 680 -28.00 -22.66 -14.84
C THR A 680 -26.72 -21.90 -15.09
N ARG A 681 -26.57 -21.37 -16.31
CA ARG A 681 -25.45 -20.51 -16.60
C ARG A 681 -25.47 -19.32 -15.64
N PRO A 682 -24.31 -18.73 -15.34
CA PRO A 682 -24.28 -17.63 -14.37
C PRO A 682 -25.15 -16.47 -14.83
N MET A 683 -25.88 -15.88 -13.88
CA MET A 683 -26.74 -14.74 -14.16
C MET A 683 -26.72 -13.81 -12.97
N LYS A 684 -27.30 -12.62 -13.17
CA LYS A 684 -27.29 -11.57 -12.16
C LYS A 684 -28.63 -10.83 -12.19
N LYS A 685 -29.19 -10.58 -11.01
CA LYS A 685 -30.37 -9.74 -10.84
C LYS A 685 -29.99 -8.54 -10.00
N MET A 686 -30.24 -7.35 -10.54
CA MET A 686 -29.92 -6.12 -9.84
C MET A 686 -31.12 -5.65 -9.01
N PHE A 687 -30.82 -4.83 -8.01
CA PHE A 687 -31.85 -4.22 -7.16
C PHE A 687 -31.38 -2.82 -6.82
N ARG A 688 -32.01 -1.81 -7.42
CA ARG A 688 -31.56 -0.43 -7.24
C ARG A 688 -31.68 0.03 -5.79
N GLU A 689 -32.54 -0.60 -5.00
CA GLU A 689 -32.73 -0.20 -3.61
C GLU A 689 -33.35 -1.36 -2.84
N ILE A 690 -32.91 -1.51 -1.58
CA ILE A 690 -33.56 -2.41 -0.62
C ILE A 690 -33.73 -1.66 0.68
N ARG A 691 -34.98 -1.44 1.08
CA ARG A 691 -35.27 -0.72 2.31
C ARG A 691 -34.79 -1.51 3.51
N PRO A 692 -34.55 -0.84 4.64
CA PRO A 692 -34.08 -1.55 5.84
C PRO A 692 -35.05 -2.63 6.30
N ASN A 693 -34.49 -3.78 6.69
CA ASN A 693 -35.25 -4.92 7.19
C ASN A 693 -36.32 -5.38 6.22
N SER A 694 -36.11 -5.13 4.92
CA SER A 694 -37.01 -5.59 3.88
C SER A 694 -36.37 -6.75 3.12
N THR A 695 -37.20 -7.69 2.70
CA THR A 695 -36.74 -8.91 2.05
C THR A 695 -36.95 -8.81 0.54
N VAL A 696 -36.03 -9.40 -0.21
CA VAL A 696 -36.07 -9.41 -1.66
C VAL A 696 -36.06 -10.85 -2.15
N GLN A 697 -36.80 -11.10 -3.23
CA GLN A 697 -36.91 -12.45 -3.79
C GLN A 697 -36.59 -12.40 -5.29
N TRP A 698 -35.82 -13.38 -5.75
CA TRP A 698 -35.41 -13.46 -7.16
C TRP A 698 -35.71 -14.85 -7.67
N GLU A 699 -36.49 -14.93 -8.73
CA GLU A 699 -36.83 -16.19 -9.38
C GLU A 699 -36.03 -16.32 -10.68
N GLU A 700 -35.55 -17.53 -10.95
CA GLU A 700 -34.78 -17.79 -12.16
C GLU A 700 -35.12 -19.18 -12.66
N VAL A 701 -35.75 -19.25 -13.84
CA VAL A 701 -36.00 -20.53 -14.48
C VAL A 701 -34.73 -21.02 -15.15
N CYS A 702 -34.61 -22.34 -15.27
CA CYS A 702 -33.42 -22.94 -15.86
C CYS A 702 -33.65 -24.42 -16.07
N ARG A 703 -33.05 -24.95 -17.15
CA ARG A 703 -33.07 -26.37 -17.43
C ARG A 703 -31.67 -26.93 -17.24
N PRO A 704 -31.44 -27.80 -16.25
CA PRO A 704 -30.12 -28.39 -15.98
C PRO A 704 -29.53 -29.08 -17.21
N ARG A 710 -23.99 -31.61 -8.13
CA ARG A 710 -24.38 -30.26 -8.52
C ARG A 710 -24.65 -29.39 -7.29
N LYS A 711 -24.21 -28.13 -7.34
CA LYS A 711 -24.39 -27.21 -6.24
C LYS A 711 -24.70 -25.82 -6.77
N LEU A 712 -25.49 -25.07 -6.02
CA LEU A 712 -25.87 -23.71 -6.36
C LEU A 712 -25.29 -22.75 -5.33
N ILE A 713 -24.68 -21.67 -5.81
CA ILE A 713 -24.04 -20.67 -4.94
C ILE A 713 -24.57 -19.29 -5.32
N ALA A 714 -25.03 -18.55 -4.33
CA ALA A 714 -25.54 -17.20 -4.52
C ALA A 714 -24.64 -16.20 -3.81
N SER A 715 -24.68 -14.95 -4.28
CA SER A 715 -23.85 -13.90 -3.70
C SER A 715 -24.51 -12.54 -3.89
N MET A 716 -24.59 -11.77 -2.82
CA MET A 716 -25.11 -10.41 -2.84
C MET A 716 -23.95 -9.44 -2.59
N SER A 717 -24.01 -8.28 -3.25
CA SER A 717 -23.02 -7.22 -3.05
C SER A 717 -23.66 -5.89 -3.37
N SER A 718 -23.67 -4.97 -2.40
CA SER A 718 -24.24 -3.64 -2.59
C SER A 718 -23.18 -2.57 -2.36
N ASP A 719 -23.62 -1.34 -2.08
CA ASP A 719 -22.69 -0.24 -1.83
C ASP A 719 -22.24 -0.18 -0.37
N SER A 720 -23.07 -0.64 0.57
CA SER A 720 -22.73 -0.62 1.99
C SER A 720 -22.63 -2.02 2.57
N LEU A 721 -22.70 -3.06 1.75
CA LEU A 721 -22.62 -4.45 2.20
C LEU A 721 -22.23 -5.29 0.99
N ARG A 722 -21.08 -5.93 1.05
CA ARG A 722 -20.57 -6.69 -0.08
C ARG A 722 -20.19 -8.11 0.33
N HIS A 723 -20.35 -9.03 -0.61
CA HIS A 723 -19.79 -10.39 -0.53
C HIS A 723 -20.39 -11.17 0.64
N VAL A 724 -21.72 -11.30 0.59
CA VAL A 724 -22.47 -12.15 1.50
C VAL A 724 -23.10 -13.26 0.66
N TYR A 725 -22.87 -14.51 1.07
CA TYR A 725 -23.12 -15.65 0.20
C TYR A 725 -24.20 -16.57 0.78
N GLY A 726 -24.64 -17.48 -0.08
CA GLY A 726 -25.50 -18.58 0.30
C GLY A 726 -25.25 -19.72 -0.66
N GLU A 727 -25.68 -20.92 -0.26
CA GLU A 727 -25.44 -22.10 -1.08
C GLU A 727 -26.57 -23.11 -0.87
N LEU A 728 -26.62 -24.08 -1.77
CA LEU A 728 -27.62 -25.14 -1.73
C LEU A 728 -27.17 -26.29 -2.63
N ASP A 729 -27.10 -27.49 -2.06
CA ASP A 729 -26.78 -28.68 -2.82
C ASP A 729 -28.04 -29.27 -3.42
N VAL A 730 -28.04 -29.48 -4.74
CA VAL A 730 -29.19 -30.01 -5.45
C VAL A 730 -28.77 -31.25 -6.23
N GLN A 731 -29.64 -32.25 -6.22
CA GLN A 731 -29.41 -33.49 -6.96
C GLN A 731 -30.19 -33.45 -8.27
N ILE A 732 -29.57 -33.98 -9.33
CA ILE A 732 -30.18 -33.96 -10.65
C ILE A 732 -30.00 -35.32 -11.33
N PRO B 22 1.68 6.05 6.31
CA PRO B 22 2.98 6.68 6.05
C PRO B 22 3.00 7.50 4.76
N PRO B 23 3.95 8.42 4.63
CA PRO B 23 4.07 9.20 3.40
C PRO B 23 4.39 8.32 2.20
N ASN B 24 3.85 8.70 1.05
CA ASN B 24 3.97 7.97 -0.21
C ASN B 24 4.77 8.83 -1.19
N ASN B 25 6.08 8.83 -1.05
CA ASN B 25 6.97 9.72 -1.79
C ASN B 25 8.10 8.95 -2.45
N SER B 26 7.78 7.83 -3.10
CA SER B 26 8.81 7.04 -3.78
C SER B 26 8.17 6.31 -4.95
N ASN B 27 8.58 6.69 -6.17
CA ASN B 27 8.16 5.95 -7.35
C ASN B 27 8.82 4.57 -7.40
N ALA B 28 10.03 4.44 -6.84
CA ALA B 28 10.71 3.16 -6.84
C ALA B 28 9.97 2.14 -5.98
N ALA B 29 9.51 2.55 -4.81
CA ALA B 29 8.79 1.64 -3.93
C ALA B 29 7.51 1.14 -4.60
N GLU B 30 7.16 -0.12 -4.32
CA GLU B 30 5.95 -0.73 -4.84
C GLU B 30 5.26 -1.50 -3.73
N ASP B 31 3.94 -1.46 -3.73
CA ASP B 31 3.15 -2.39 -2.95
C ASP B 31 2.88 -3.66 -3.75
N ASP B 32 2.31 -4.66 -3.09
CA ASP B 32 1.97 -5.92 -3.71
C ASP B 32 0.45 -6.01 -3.82
N LEU B 33 -0.06 -6.04 -5.05
CA LEU B 33 -1.50 -6.13 -5.26
C LEU B 33 -1.90 -7.57 -5.49
N PRO B 34 -2.82 -8.11 -4.71
CA PRO B 34 -3.17 -9.53 -4.84
C PRO B 34 -3.74 -9.86 -6.21
N THR B 35 -3.49 -11.09 -6.65
CA THR B 35 -4.08 -11.59 -7.89
C THR B 35 -5.38 -12.33 -7.67
N VAL B 36 -5.66 -12.76 -6.43
CA VAL B 36 -6.89 -13.46 -6.10
C VAL B 36 -7.48 -12.84 -4.83
N GLU B 37 -8.19 -11.73 -4.98
CA GLU B 37 -8.75 -11.00 -3.84
C GLU B 37 -10.11 -11.59 -3.47
N LEU B 38 -10.09 -12.83 -2.99
CA LEU B 38 -11.32 -13.45 -2.53
C LEU B 38 -11.86 -12.70 -1.31
N GLN B 39 -13.19 -12.59 -1.23
CA GLN B 39 -13.82 -11.75 -0.23
C GLN B 39 -14.82 -12.57 0.59
N GLY B 40 -14.83 -12.32 1.90
CA GLY B 40 -15.74 -13.00 2.79
C GLY B 40 -15.45 -14.50 2.88
N VAL B 41 -16.50 -15.24 3.24
CA VAL B 41 -16.40 -16.69 3.37
C VAL B 41 -16.90 -17.31 2.07
N VAL B 42 -16.06 -17.27 1.04
CA VAL B 42 -16.38 -17.84 -0.27
C VAL B 42 -16.73 -19.31 -0.11
N PRO B 43 -17.93 -19.72 -0.52
CA PRO B 43 -18.33 -21.13 -0.34
C PRO B 43 -17.44 -22.06 -1.14
N ARG B 44 -17.31 -23.29 -0.65
CA ARG B 44 -16.51 -24.30 -1.30
C ARG B 44 -17.18 -24.78 -2.59
N GLY B 45 -16.36 -25.07 -3.60
CA GLY B 45 -16.86 -25.52 -4.88
C GLY B 45 -17.10 -24.45 -5.92
N VAL B 46 -16.59 -23.24 -5.72
CA VAL B 46 -16.70 -22.23 -6.77
C VAL B 46 -15.70 -22.56 -7.89
N ASN B 47 -15.98 -22.00 -9.06
CA ASN B 47 -15.14 -22.20 -10.24
C ASN B 47 -14.77 -20.83 -10.80
N LEU B 48 -13.56 -20.39 -10.54
CA LEU B 48 -13.09 -19.10 -11.04
C LEU B 48 -12.70 -19.16 -12.52
N GLN B 49 -12.77 -20.33 -13.15
CA GLN B 49 -12.53 -20.43 -14.58
C GLN B 49 -13.67 -19.84 -15.40
N GLU B 50 -14.86 -19.69 -14.81
CA GLU B 50 -15.98 -19.09 -15.53
C GLU B 50 -15.81 -17.60 -15.73
N PHE B 51 -14.77 -16.99 -15.17
CA PHE B 51 -14.50 -15.57 -15.35
C PHE B 51 -13.26 -15.38 -16.20
N LEU B 52 -13.14 -14.18 -16.77
CA LEU B 52 -12.03 -13.87 -17.65
C LEU B 52 -10.70 -13.89 -16.91
N ASN B 53 -9.64 -14.20 -17.66
CA ASN B 53 -8.28 -14.00 -17.20
C ASN B 53 -7.43 -13.59 -18.41
N VAL B 54 -6.41 -12.79 -18.14
CA VAL B 54 -5.62 -12.17 -19.20
C VAL B 54 -4.52 -13.12 -19.65
N THR B 55 -4.54 -13.47 -20.95
CA THR B 55 -3.47 -14.28 -21.50
C THR B 55 -2.27 -13.44 -21.91
N SER B 56 -2.49 -12.18 -22.30
CA SER B 56 -1.42 -11.30 -22.75
C SER B 56 -1.94 -9.88 -22.79
N VAL B 57 -1.03 -8.92 -22.62
CA VAL B 57 -1.33 -7.49 -22.75
C VAL B 57 -0.36 -6.91 -23.77
N HIS B 58 -0.90 -6.14 -24.72
CA HIS B 58 -0.10 -5.47 -25.73
C HIS B 58 -0.25 -3.96 -25.57
N LEU B 59 0.88 -3.26 -25.66
CA LEU B 59 0.90 -1.80 -25.53
C LEU B 59 1.33 -1.09 -26.81
N PHE B 60 1.60 -1.83 -27.89
CA PHE B 60 2.11 -1.24 -29.13
C PHE B 60 3.28 -0.31 -28.83
N LYS B 61 4.24 -0.84 -28.07
CA LYS B 61 5.27 -0.03 -27.43
C LYS B 61 6.33 0.49 -28.38
N GLU B 62 6.43 -0.04 -29.60
CA GLU B 62 7.55 0.31 -30.46
C GLU B 62 7.59 1.80 -30.75
N ARG B 63 8.79 2.30 -31.01
CA ARG B 63 9.04 3.73 -31.18
C ARG B 63 8.78 4.21 -32.60
N TRP B 64 8.36 3.31 -33.49
CA TRP B 64 7.83 3.69 -34.79
C TRP B 64 6.31 3.63 -34.83
N ASP B 65 5.69 2.97 -33.85
CA ASP B 65 4.26 2.79 -33.82
C ASP B 65 3.57 4.09 -33.41
N THR B 66 2.24 4.09 -33.50
CA THR B 66 1.49 5.34 -33.35
C THR B 66 1.62 5.91 -31.95
N ASN B 67 1.62 5.06 -30.92
CA ASN B 67 1.58 5.54 -29.55
C ASN B 67 2.74 6.48 -29.25
N LYS B 68 3.97 6.01 -29.44
CA LYS B 68 5.13 6.82 -29.08
C LYS B 68 5.28 8.03 -30.01
N VAL B 69 5.00 7.86 -31.29
CA VAL B 69 5.12 8.97 -32.23
C VAL B 69 4.07 10.04 -31.95
N ASP B 70 2.80 9.62 -31.76
CA ASP B 70 1.75 10.59 -31.49
C ASP B 70 1.97 11.32 -30.17
N HIS B 71 2.67 10.70 -29.22
CA HIS B 71 2.93 11.29 -27.92
C HIS B 71 4.28 11.97 -27.83
N HIS B 72 5.02 12.05 -28.94
CA HIS B 72 6.31 12.74 -29.00
C HIS B 72 7.29 12.17 -27.97
N THR B 73 7.35 10.85 -27.90
CA THR B 73 8.25 10.17 -26.97
C THR B 73 9.06 9.07 -27.65
N ASP B 74 9.00 8.96 -28.98
CA ASP B 74 9.76 7.94 -29.69
C ASP B 74 11.27 8.13 -29.54
N LYS B 75 11.72 9.32 -29.16
CA LYS B 75 13.17 9.56 -29.07
C LYS B 75 13.77 8.82 -27.87
N TYR B 76 13.06 8.79 -26.75
CA TYR B 76 13.54 8.17 -25.52
C TYR B 76 14.12 6.78 -25.76
N GLU B 77 15.38 6.60 -25.36
CA GLU B 77 16.01 5.27 -25.36
C GLU B 77 15.45 4.50 -24.18
N ASN B 78 14.30 3.86 -24.40
CA ASN B 78 13.59 3.16 -23.34
C ASN B 78 12.61 2.20 -24.00
N ASN B 79 12.64 0.94 -23.56
CA ASN B 79 11.88 -0.12 -24.21
C ASN B 79 10.49 -0.32 -23.62
N LYS B 80 9.98 0.66 -22.87
CA LYS B 80 8.67 0.57 -22.26
C LYS B 80 7.79 1.71 -22.76
N LEU B 81 6.48 1.54 -22.59
CA LEU B 81 5.53 2.55 -23.04
C LEU B 81 5.74 3.86 -22.30
N ILE B 82 5.86 4.95 -23.06
CA ILE B 82 6.02 6.29 -22.53
C ILE B 82 4.96 7.16 -23.19
N VAL B 83 3.98 7.60 -22.40
CA VAL B 83 2.89 8.43 -22.90
C VAL B 83 2.94 9.78 -22.18
N ARG B 84 2.20 10.73 -22.73
CA ARG B 84 1.99 12.02 -22.10
C ARG B 84 0.54 12.16 -21.66
N ARG B 85 0.33 12.86 -20.54
CA ARG B 85 -0.98 12.88 -19.91
C ARG B 85 -1.97 13.68 -20.74
N GLY B 86 -3.26 13.42 -20.50
CA GLY B 86 -4.30 14.11 -21.22
C GLY B 86 -4.37 13.78 -22.70
N GLN B 87 -3.94 12.58 -23.09
CA GLN B 87 -3.93 12.18 -24.50
C GLN B 87 -4.24 10.69 -24.56
N SER B 88 -4.72 10.26 -25.72
CA SER B 88 -5.20 8.90 -25.90
C SER B 88 -4.14 8.01 -26.54
N PHE B 89 -4.08 6.76 -26.09
CA PHE B 89 -3.19 5.76 -26.65
C PHE B 89 -3.89 4.41 -26.67
N TYR B 90 -3.45 3.54 -27.57
CA TYR B 90 -4.09 2.26 -27.83
C TYR B 90 -3.39 1.13 -27.09
N VAL B 91 -4.19 0.24 -26.48
CA VAL B 91 -3.70 -1.00 -25.90
C VAL B 91 -4.64 -2.12 -26.32
N GLN B 92 -4.15 -3.35 -26.22
CA GLN B 92 -4.93 -4.55 -26.54
C GLN B 92 -4.76 -5.57 -25.43
N ILE B 93 -5.86 -6.16 -24.99
CA ILE B 93 -5.86 -7.20 -23.96
C ILE B 93 -6.43 -8.47 -24.57
N ASP B 94 -5.72 -9.58 -24.38
CA ASP B 94 -6.14 -10.89 -24.87
C ASP B 94 -6.66 -11.70 -23.70
N PHE B 95 -7.92 -12.11 -23.77
CA PHE B 95 -8.56 -12.85 -22.70
C PHE B 95 -8.61 -14.35 -23.04
N SER B 96 -8.99 -15.15 -22.05
CA SER B 96 -9.06 -16.59 -22.24
C SER B 96 -10.20 -16.96 -23.19
N ARG B 97 -11.29 -16.22 -23.15
CA ARG B 97 -12.41 -16.35 -24.07
C ARG B 97 -12.82 -14.94 -24.47
N PRO B 98 -13.56 -14.79 -25.58
CA PRO B 98 -13.94 -13.44 -26.00
C PRO B 98 -14.76 -12.73 -24.93
N TYR B 99 -14.48 -11.43 -24.76
CA TYR B 99 -15.12 -10.63 -23.74
C TYR B 99 -16.58 -10.37 -24.09
N ASP B 100 -17.47 -10.62 -23.14
CA ASP B 100 -18.90 -10.43 -23.31
C ASP B 100 -19.38 -9.39 -22.31
N PRO B 101 -19.86 -8.22 -22.76
CA PRO B 101 -20.28 -7.19 -21.81
C PRO B 101 -21.47 -7.59 -20.94
N ARG B 102 -22.24 -8.60 -21.34
CA ARG B 102 -23.40 -9.00 -20.57
C ARG B 102 -23.01 -9.78 -19.31
N ARG B 103 -21.84 -10.42 -19.31
CA ARG B 103 -21.40 -11.24 -18.19
C ARG B 103 -20.09 -10.81 -17.57
N ASP B 104 -19.26 -10.03 -18.27
CA ASP B 104 -17.91 -9.71 -17.84
C ASP B 104 -17.80 -8.23 -17.49
N LEU B 105 -17.02 -7.94 -16.45
CA LEU B 105 -16.71 -6.57 -16.04
C LEU B 105 -15.27 -6.52 -15.58
N PHE B 106 -14.46 -5.67 -16.21
CA PHE B 106 -13.06 -5.52 -15.82
C PHE B 106 -12.68 -4.05 -15.90
N ARG B 107 -11.50 -3.74 -15.35
CA ARG B 107 -10.98 -2.38 -15.37
C ARG B 107 -9.46 -2.45 -15.42
N VAL B 108 -8.86 -1.43 -15.99
CA VAL B 108 -7.42 -1.25 -15.98
C VAL B 108 -7.04 -0.37 -14.80
N GLU B 109 -5.93 -0.67 -14.16
CA GLU B 109 -5.45 0.08 -13.01
C GLU B 109 -4.03 0.55 -13.26
N TYR B 110 -3.75 1.79 -12.87
CA TYR B 110 -2.39 2.31 -12.88
C TYR B 110 -2.03 2.70 -11.45
N VAL B 111 -0.97 2.10 -10.93
CA VAL B 111 -0.61 2.17 -9.52
C VAL B 111 0.81 2.72 -9.41
N ILE B 112 1.04 3.54 -8.39
CA ILE B 112 2.35 4.16 -8.18
C ILE B 112 2.60 4.28 -6.68
N GLY B 113 3.82 3.96 -6.26
CA GLY B 113 4.21 4.05 -4.87
C GLY B 113 3.90 2.80 -4.07
N ARG B 114 4.41 2.80 -2.84
CA ARG B 114 4.17 1.70 -1.91
C ARG B 114 2.86 1.83 -1.16
N TYR B 115 2.30 3.03 -1.11
CA TYR B 115 1.06 3.31 -0.39
C TYR B 115 0.12 4.10 -1.29
N PRO B 116 -0.45 3.44 -2.30
CA PRO B 116 -1.28 4.15 -3.28
C PRO B 116 -2.72 4.29 -2.85
N GLN B 117 -3.25 5.52 -2.91
CA GLN B 117 -4.64 5.79 -2.63
C GLN B 117 -5.29 6.41 -3.86
N GLU B 118 -6.58 6.16 -4.03
CA GLU B 118 -7.30 6.70 -5.18
C GLU B 118 -7.45 8.21 -5.08
N ASN B 119 -7.87 8.71 -3.91
CA ASN B 119 -8.10 10.14 -3.74
C ASN B 119 -6.81 10.96 -3.77
N LYS B 120 -5.65 10.30 -3.77
CA LYS B 120 -4.37 10.99 -3.89
C LYS B 120 -3.79 10.89 -5.30
N GLY B 121 -4.57 10.40 -6.26
CA GLY B 121 -4.10 10.27 -7.62
C GLY B 121 -3.16 9.10 -7.86
N THR B 122 -2.85 8.31 -6.83
CA THR B 122 -1.80 7.30 -6.93
C THR B 122 -2.34 5.90 -7.20
N TYR B 123 -3.64 5.68 -7.00
CA TYR B 123 -4.33 4.49 -7.50
C TYR B 123 -5.38 4.98 -8.50
N ILE B 124 -5.21 4.62 -9.77
CA ILE B 124 -6.04 5.16 -10.82
C ILE B 124 -6.91 4.05 -11.42
N PRO B 125 -8.17 3.92 -11.00
CA PRO B 125 -9.08 2.98 -11.69
C PRO B 125 -9.52 3.58 -13.02
N VAL B 126 -9.46 2.76 -14.07
CA VAL B 126 -9.79 3.17 -15.42
C VAL B 126 -10.94 2.29 -15.92
N PRO B 127 -12.18 2.77 -15.83
CA PRO B 127 -13.31 1.93 -16.23
C PRO B 127 -13.47 1.87 -17.74
N ILE B 128 -13.94 0.72 -18.21
CA ILE B 128 -14.23 0.53 -19.63
C ILE B 128 -15.59 1.17 -19.91
N VAL B 129 -15.58 2.24 -20.70
CA VAL B 129 -16.78 3.03 -20.96
C VAL B 129 -17.10 2.99 -22.44
N SER B 130 -18.29 3.51 -22.77
CA SER B 130 -18.74 3.60 -24.16
C SER B 130 -18.41 4.95 -24.77
N GLU B 131 -18.30 6.01 -23.97
CA GLU B 131 -17.94 7.33 -24.45
C GLU B 131 -16.83 7.90 -23.56
N LEU B 132 -15.72 8.28 -24.18
CA LEU B 132 -14.67 8.98 -23.45
C LEU B 132 -15.16 10.36 -23.02
N GLN B 133 -14.82 10.73 -21.79
CA GLN B 133 -15.21 12.03 -21.25
C GLN B 133 -14.00 12.95 -21.21
N SER B 134 -14.25 14.26 -21.28
CA SER B 134 -13.19 15.24 -21.38
C SER B 134 -12.40 15.30 -20.07
N GLY B 135 -11.09 15.08 -20.16
CA GLY B 135 -10.24 15.22 -19.00
C GLY B 135 -10.45 14.20 -17.90
N LYS B 136 -11.11 13.08 -18.20
CA LYS B 136 -11.35 12.03 -17.23
C LYS B 136 -10.68 10.74 -17.68
N TRP B 137 -10.13 10.00 -16.73
CA TRP B 137 -9.60 8.67 -17.01
C TRP B 137 -10.70 7.75 -17.49
N GLY B 138 -10.44 7.05 -18.60
CA GLY B 138 -11.38 6.06 -19.09
C GLY B 138 -10.80 5.32 -20.26
N ALA B 139 -11.40 4.17 -20.56
CA ALA B 139 -10.99 3.32 -21.67
C ALA B 139 -12.22 2.92 -22.46
N LYS B 140 -12.17 3.09 -23.78
CA LYS B 140 -13.27 2.75 -24.66
C LYS B 140 -12.83 1.63 -25.60
N ILE B 141 -13.67 0.62 -25.76
CA ILE B 141 -13.37 -0.49 -26.66
C ILE B 141 -13.58 -0.04 -28.09
N VAL B 142 -12.65 -0.40 -28.97
CA VAL B 142 -12.70 -0.02 -30.38
C VAL B 142 -12.50 -1.22 -31.30
N MET B 143 -12.24 -2.40 -30.77
CA MET B 143 -12.08 -3.61 -31.57
C MET B 143 -12.35 -4.81 -30.69
N ARG B 144 -12.92 -5.87 -31.29
CA ARG B 144 -13.31 -7.04 -30.52
C ARG B 144 -12.99 -8.35 -31.23
N GLU B 145 -12.05 -8.34 -32.17
CA GLU B 145 -11.77 -9.53 -32.98
C GLU B 145 -11.26 -10.68 -32.10
N ASP B 146 -11.86 -11.86 -32.29
CA ASP B 146 -11.48 -13.11 -31.63
C ASP B 146 -11.48 -12.89 -30.11
N ARG B 147 -10.44 -13.32 -29.39
CA ARG B 147 -10.37 -13.17 -27.95
C ARG B 147 -9.71 -11.86 -27.53
N SER B 148 -9.51 -10.94 -28.47
CA SER B 148 -8.81 -9.69 -28.21
C SER B 148 -9.80 -8.54 -28.19
N VAL B 149 -9.62 -7.63 -27.24
CA VAL B 149 -10.29 -6.34 -27.24
C VAL B 149 -9.22 -5.26 -27.32
N ARG B 150 -9.49 -4.22 -28.11
CA ARG B 150 -8.59 -3.09 -28.24
C ARG B 150 -9.22 -1.87 -27.57
N LEU B 151 -8.42 -1.17 -26.78
CA LEU B 151 -8.90 -0.02 -26.02
C LEU B 151 -8.10 1.22 -26.39
N SER B 152 -8.78 2.35 -26.42
CA SER B 152 -8.13 3.66 -26.43
C SER B 152 -8.29 4.24 -25.04
N ILE B 153 -7.20 4.28 -24.28
CA ILE B 153 -7.23 4.78 -22.91
C ILE B 153 -6.86 6.26 -22.92
N GLN B 154 -7.61 7.06 -22.18
CA GLN B 154 -7.38 8.50 -22.11
C GLN B 154 -7.05 8.86 -20.67
N SER B 155 -5.92 9.54 -20.49
CA SER B 155 -5.45 9.94 -19.18
C SER B 155 -6.00 11.32 -18.81
N SER B 156 -5.97 11.60 -17.51
CA SER B 156 -6.33 12.93 -17.04
C SER B 156 -5.22 13.92 -17.39
N PRO B 157 -5.57 15.14 -17.82
CA PRO B 157 -4.55 16.16 -18.09
C PRO B 157 -3.91 16.75 -16.85
N LYS B 158 -4.21 16.19 -15.68
CA LYS B 158 -3.60 16.56 -14.41
C LYS B 158 -3.02 15.36 -13.69
N CYS B 159 -2.74 14.29 -14.43
CA CYS B 159 -2.27 13.05 -13.83
C CYS B 159 -0.87 13.23 -13.28
N ILE B 160 -0.56 12.42 -12.24
CA ILE B 160 0.78 12.43 -11.67
C ILE B 160 1.79 11.98 -12.71
N VAL B 161 2.94 12.64 -12.74
CA VAL B 161 4.00 12.31 -13.68
C VAL B 161 4.96 11.33 -13.03
N GLY B 162 5.22 10.22 -13.70
CA GLY B 162 6.09 9.20 -13.16
C GLY B 162 5.90 7.88 -13.91
N LYS B 163 6.55 6.85 -13.38
CA LYS B 163 6.49 5.50 -13.95
C LYS B 163 5.42 4.71 -13.22
N PHE B 164 4.35 4.35 -13.93
CA PHE B 164 3.22 3.64 -13.35
C PHE B 164 3.30 2.14 -13.67
N ARG B 165 2.68 1.35 -12.81
CA ARG B 165 2.52 -0.08 -13.03
C ARG B 165 1.11 -0.37 -13.53
N MET B 166 1.00 -1.23 -14.53
CA MET B 166 -0.28 -1.54 -15.16
C MET B 166 -0.81 -2.87 -14.65
N TYR B 167 -2.13 -2.92 -14.46
CA TYR B 167 -2.82 -4.15 -14.08
C TYR B 167 -4.17 -4.20 -14.78
N VAL B 168 -4.63 -5.41 -15.05
CA VAL B 168 -5.99 -5.65 -15.52
C VAL B 168 -6.72 -6.44 -14.44
N ALA B 169 -7.80 -5.88 -13.92
CA ALA B 169 -8.53 -6.45 -12.80
C ALA B 169 -9.92 -6.88 -13.27
N VAL B 170 -10.21 -8.17 -13.15
CA VAL B 170 -11.49 -8.73 -13.55
C VAL B 170 -12.33 -8.93 -12.30
N TRP B 171 -13.55 -8.39 -12.32
CA TRP B 171 -14.42 -8.43 -11.16
C TRP B 171 -15.33 -9.66 -11.23
N THR B 172 -15.44 -10.36 -10.11
CA THR B 172 -16.28 -11.54 -9.95
C THR B 172 -17.09 -11.36 -8.68
N PRO B 173 -18.20 -12.10 -8.53
CA PRO B 173 -18.98 -12.00 -7.29
C PRO B 173 -18.24 -12.44 -6.05
N TYR B 174 -17.09 -13.11 -6.18
CA TYR B 174 -16.32 -13.57 -5.05
C TYR B 174 -15.07 -12.74 -4.78
N GLY B 175 -14.77 -11.79 -5.65
CA GLY B 175 -13.62 -10.93 -5.46
C GLY B 175 -13.09 -10.43 -6.79
N VAL B 176 -11.86 -9.92 -6.75
CA VAL B 176 -11.20 -9.37 -7.92
C VAL B 176 -10.12 -10.33 -8.36
N LEU B 177 -10.12 -10.69 -9.64
CA LEU B 177 -9.06 -11.47 -10.26
C LEU B 177 -8.14 -10.49 -10.97
N ARG B 178 -7.01 -10.17 -10.36
CA ARG B 178 -6.07 -9.20 -10.89
C ARG B 178 -4.90 -9.92 -11.56
N THR B 179 -4.31 -9.26 -12.56
CA THR B 179 -3.11 -9.79 -13.17
C THR B 179 -1.93 -9.68 -12.20
N SER B 180 -0.92 -10.48 -12.45
CA SER B 180 0.28 -10.46 -11.62
C SER B 180 1.18 -9.28 -12.01
N ARG B 181 2.12 -8.97 -11.13
CA ARG B 181 3.07 -7.90 -11.40
C ARG B 181 3.83 -8.20 -12.69
N ASN B 182 3.92 -7.20 -13.56
CA ASN B 182 4.55 -7.36 -14.88
C ASN B 182 5.28 -6.07 -15.23
N PRO B 183 6.60 -6.00 -14.99
CA PRO B 183 7.34 -4.78 -15.31
C PRO B 183 7.40 -4.46 -16.80
N GLU B 184 7.02 -5.39 -17.67
CA GLU B 184 6.99 -5.11 -19.10
C GLU B 184 5.81 -4.21 -19.48
N THR B 185 4.78 -4.14 -18.64
CA THR B 185 3.64 -3.26 -18.87
C THR B 185 3.75 -1.95 -18.11
N ASP B 186 4.87 -1.68 -17.45
CA ASP B 186 5.05 -0.40 -16.78
C ASP B 186 5.01 0.72 -17.80
N THR B 187 4.45 1.86 -17.40
CA THR B 187 4.15 2.93 -18.35
C THR B 187 4.53 4.27 -17.74
N TYR B 188 5.38 5.01 -18.44
CA TYR B 188 5.72 6.37 -18.06
C TYR B 188 4.67 7.34 -18.57
N ILE B 189 4.16 8.19 -17.69
CA ILE B 189 3.22 9.24 -18.06
C ILE B 189 3.89 10.59 -17.79
N LEU B 190 4.08 11.38 -18.84
CA LEU B 190 4.85 12.61 -18.77
C LEU B 190 3.95 13.83 -18.94
N PHE B 191 4.51 15.00 -18.66
CA PHE B 191 3.85 16.24 -18.99
C PHE B 191 3.64 16.35 -20.49
N ASN B 192 2.47 16.89 -20.88
CA ASN B 192 2.07 16.97 -22.28
C ASN B 192 1.92 18.43 -22.68
N PRO B 193 2.98 19.06 -23.21
CA PRO B 193 2.84 20.45 -23.67
C PRO B 193 2.09 20.57 -24.98
N TRP B 194 1.52 19.47 -25.47
CA TRP B 194 0.73 19.47 -26.70
C TRP B 194 -0.77 19.47 -26.46
N CYS B 195 -1.20 19.25 -25.22
CA CYS B 195 -2.62 19.14 -24.87
C CYS B 195 -3.06 20.42 -24.17
N GLU B 196 -4.01 21.14 -24.78
CA GLU B 196 -4.43 22.45 -24.27
C GLU B 196 -4.92 22.41 -22.83
N ASP B 197 -5.20 21.23 -22.28
CA ASP B 197 -5.68 21.12 -20.91
C ASP B 197 -4.56 20.91 -19.90
N ASP B 198 -3.31 20.81 -20.37
CA ASP B 198 -2.17 20.66 -19.48
C ASP B 198 -1.60 22.04 -19.15
N ALA B 199 -1.17 22.21 -17.90
CA ALA B 199 -0.63 23.48 -17.45
C ALA B 199 0.62 23.89 -18.24
N VAL B 200 1.31 22.93 -18.86
CA VAL B 200 2.51 23.22 -19.63
C VAL B 200 2.20 23.36 -21.12
N TYR B 201 0.95 23.66 -21.48
CA TYR B 201 0.57 23.73 -22.88
C TYR B 201 1.29 24.88 -23.57
N LEU B 202 1.82 24.60 -24.77
CA LEU B 202 2.56 25.58 -25.57
C LEU B 202 2.05 25.46 -26.99
N ASP B 203 1.28 26.46 -27.44
CA ASP B 203 0.55 26.37 -28.69
C ASP B 203 1.41 26.56 -29.94
N ASN B 204 2.72 26.38 -29.82
CA ASN B 204 3.63 26.61 -30.93
C ASN B 204 4.50 25.38 -31.12
N GLU B 205 4.34 24.72 -32.28
CA GLU B 205 5.11 23.50 -32.55
C GLU B 205 6.60 23.79 -32.65
N LYS B 206 6.97 24.92 -33.26
CA LYS B 206 8.37 25.29 -33.34
C LYS B 206 8.95 25.51 -31.95
N GLU B 207 8.22 26.23 -31.09
CA GLU B 207 8.66 26.42 -29.72
C GLU B 207 8.68 25.11 -28.96
N ARG B 208 7.74 24.21 -29.26
CA ARG B 208 7.72 22.91 -28.58
C ARG B 208 8.91 22.06 -28.98
N GLU B 209 9.25 22.04 -30.27
CA GLU B 209 10.37 21.21 -30.72
C GLU B 209 11.70 21.70 -30.15
N GLU B 210 11.83 22.99 -29.89
CA GLU B 210 13.08 23.53 -29.39
C GLU B 210 13.17 23.41 -27.87
N TYR B 211 12.09 23.71 -27.16
CA TYR B 211 12.09 23.76 -25.71
C TYR B 211 11.72 22.44 -25.05
N VAL B 212 11.53 21.37 -25.83
CA VAL B 212 11.15 20.09 -25.27
C VAL B 212 11.91 18.96 -25.95
N LEU B 213 11.85 18.91 -27.28
CA LEU B 213 12.38 17.77 -28.02
C LEU B 213 13.85 17.92 -28.41
N ASN B 214 14.40 19.13 -28.40
CA ASN B 214 15.81 19.32 -28.72
C ASN B 214 16.66 18.94 -27.52
N ASP B 215 17.59 18.00 -27.71
CA ASP B 215 18.42 17.48 -26.63
C ASP B 215 19.84 18.05 -26.66
N ILE B 216 20.12 19.01 -27.54
CA ILE B 216 21.37 19.75 -27.52
C ILE B 216 21.05 21.24 -27.52
N GLY B 217 22.04 22.03 -27.16
CA GLY B 217 21.80 23.46 -27.05
C GLY B 217 23.10 24.24 -26.92
N VAL B 218 22.94 25.52 -26.60
CA VAL B 218 24.06 26.45 -26.47
C VAL B 218 23.83 27.33 -25.26
N ILE B 219 24.85 27.48 -24.42
CA ILE B 219 24.84 28.38 -23.28
C ILE B 219 25.81 29.51 -23.58
N PHE B 220 25.38 30.74 -23.34
CA PHE B 220 26.20 31.92 -23.60
C PHE B 220 26.81 32.43 -22.30
N TYR B 221 28.03 32.97 -22.41
CA TYR B 221 28.75 33.44 -21.23
C TYR B 221 29.81 34.45 -21.67
N GLY B 222 30.64 34.87 -20.73
CA GLY B 222 31.63 35.90 -20.97
C GLY B 222 31.23 37.22 -20.35
N GLU B 223 31.66 38.33 -20.97
CA GLU B 223 31.28 39.66 -20.54
C GLU B 223 30.18 40.21 -21.43
N VAL B 224 29.67 41.39 -21.06
CA VAL B 224 28.62 42.03 -21.83
C VAL B 224 29.11 42.38 -23.22
N ASN B 225 30.39 42.72 -23.37
CA ASN B 225 30.95 43.09 -24.66
C ASN B 225 31.75 41.97 -25.31
N ASP B 226 32.03 40.89 -24.58
CA ASP B 226 32.69 39.70 -25.13
C ASP B 226 31.85 38.47 -24.81
N ILE B 227 31.17 37.94 -25.83
CA ILE B 227 30.18 36.89 -25.65
C ILE B 227 30.74 35.60 -26.25
N LYS B 228 30.93 34.61 -25.40
CA LYS B 228 31.35 33.28 -25.81
C LYS B 228 30.15 32.33 -25.81
N THR B 229 30.31 31.19 -26.47
CA THR B 229 29.23 30.25 -26.67
C THR B 229 29.71 28.84 -26.36
N ARG B 230 28.99 28.15 -25.48
N ARG B 230 29.06 28.18 -25.41
CA ARG B 230 29.32 26.81 -25.03
CA ARG B 230 29.36 26.79 -25.07
C ARG B 230 28.18 25.86 -25.40
C ARG B 230 28.20 25.91 -25.48
N SER B 231 28.50 24.81 -26.16
CA SER B 231 27.50 23.83 -26.54
C SER B 231 27.27 22.84 -25.40
N TRP B 232 26.04 22.33 -25.31
CA TRP B 232 25.66 21.47 -24.21
C TRP B 232 24.81 20.31 -24.72
N SER B 233 25.13 19.10 -24.25
CA SER B 233 24.35 17.90 -24.57
C SER B 233 23.41 17.64 -23.40
N TYR B 234 22.14 18.02 -23.56
CA TYR B 234 21.17 17.76 -22.51
C TYR B 234 20.87 16.26 -22.39
N GLY B 235 20.76 15.58 -23.53
CA GLY B 235 20.59 14.14 -23.58
C GLY B 235 19.49 13.57 -22.70
N GLN B 236 18.30 14.17 -22.75
CA GLN B 236 17.20 13.70 -21.91
C GLN B 236 16.59 12.41 -22.43
N PHE B 237 16.85 12.04 -23.68
CA PHE B 237 16.27 10.85 -24.28
C PHE B 237 17.17 9.63 -24.20
N GLU B 238 18.30 9.74 -23.50
CA GLU B 238 19.26 8.66 -23.42
C GLU B 238 18.93 7.73 -22.26
N ASP B 239 19.48 6.51 -22.33
CA ASP B 239 19.19 5.48 -21.34
C ASP B 239 19.57 5.95 -19.94
N GLY B 240 18.61 5.85 -19.02
CA GLY B 240 18.84 6.13 -17.62
C GLY B 240 18.43 7.52 -17.18
N ILE B 241 18.37 8.48 -18.10
CA ILE B 241 18.13 9.87 -17.72
C ILE B 241 16.72 10.04 -17.14
N LEU B 242 15.72 9.46 -17.81
CA LEU B 242 14.35 9.58 -17.32
C LEU B 242 14.20 8.97 -15.94
N ASP B 243 14.64 7.72 -15.79
CA ASP B 243 14.62 7.07 -14.47
C ASP B 243 15.40 7.89 -13.44
N THR B 244 16.53 8.48 -13.86
CA THR B 244 17.31 9.31 -12.95
C THR B 244 16.47 10.47 -12.42
N CYS B 245 15.71 11.13 -13.30
CA CYS B 245 14.88 12.25 -12.88
C CYS B 245 13.85 11.80 -11.84
N LEU B 246 13.27 10.61 -12.02
CA LEU B 246 12.38 10.08 -11.00
C LEU B 246 13.15 9.78 -9.71
N TYR B 247 14.40 9.33 -9.83
CA TYR B 247 15.23 9.11 -8.65
C TYR B 247 15.53 10.43 -7.94
N VAL B 248 15.82 11.48 -8.70
CA VAL B 248 16.04 12.81 -8.12
C VAL B 248 14.82 13.25 -7.34
N MET B 249 13.62 12.93 -7.85
CA MET B 249 12.40 13.26 -7.13
C MET B 249 12.18 12.34 -5.93
N ASP B 250 12.59 11.08 -6.03
CA ASP B 250 12.46 10.17 -4.90
C ASP B 250 13.34 10.60 -3.72
N ARG B 251 14.58 11.02 -3.99
CA ARG B 251 15.47 11.43 -2.91
C ARG B 251 14.99 12.70 -2.24
N ALA B 252 14.30 13.58 -2.98
CA ALA B 252 13.74 14.78 -2.38
C ALA B 252 12.64 14.49 -1.39
N GLN B 253 12.16 13.24 -1.31
CA GLN B 253 10.99 12.87 -0.54
C GLN B 253 9.75 13.63 -1.01
N MET B 254 9.72 13.95 -2.30
CA MET B 254 8.58 14.68 -2.87
C MET B 254 7.37 13.75 -2.95
N ASP B 255 6.33 14.10 -2.19
CA ASP B 255 5.08 13.35 -2.21
C ASP B 255 4.58 13.17 -3.63
N LEU B 256 4.18 11.93 -3.96
CA LEU B 256 3.80 11.61 -5.34
C LEU B 256 2.58 12.41 -5.79
N SER B 257 1.69 12.75 -4.86
CA SER B 257 0.45 13.43 -5.21
C SER B 257 0.69 14.80 -5.83
N GLY B 258 1.89 15.36 -5.69
CA GLY B 258 2.22 16.66 -6.23
C GLY B 258 3.06 16.66 -7.48
N ARG B 259 3.43 15.49 -8.00
CA ARG B 259 4.28 15.41 -9.17
C ARG B 259 3.53 15.62 -10.48
N GLY B 260 2.28 16.08 -10.42
CA GLY B 260 1.56 16.49 -11.61
C GLY B 260 1.49 18.00 -11.70
N ASN B 261 1.93 18.66 -10.65
CA ASN B 261 1.90 20.11 -10.57
C ASN B 261 3.23 20.66 -11.06
N PRO B 262 3.27 21.40 -12.18
CA PRO B 262 4.56 21.83 -12.73
C PRO B 262 5.31 22.80 -11.84
N ILE B 263 4.61 23.61 -11.03
CA ILE B 263 5.32 24.54 -10.15
C ILE B 263 6.04 23.77 -9.04
N LYS B 264 5.42 22.70 -8.53
CA LYS B 264 6.07 21.92 -7.49
C LYS B 264 7.26 21.14 -8.03
N VAL B 265 7.11 20.54 -9.22
CA VAL B 265 8.21 19.78 -9.82
C VAL B 265 9.37 20.71 -10.15
N SER B 266 9.08 21.93 -10.61
CA SER B 266 10.13 22.86 -10.97
C SER B 266 10.85 23.37 -9.73
N ARG B 267 10.13 23.58 -8.63
CA ARG B 267 10.76 24.08 -7.41
C ARG B 267 11.59 23.00 -6.74
N VAL B 268 11.11 21.75 -6.76
CA VAL B 268 11.89 20.64 -6.22
C VAL B 268 13.18 20.48 -7.02
N GLY B 269 13.10 20.66 -8.33
CA GLY B 269 14.31 20.60 -9.15
C GLY B 269 15.32 21.68 -8.78
N SER B 270 14.84 22.89 -8.52
CA SER B 270 15.75 23.98 -8.18
C SER B 270 16.49 23.73 -6.87
N ALA B 271 16.03 22.77 -6.07
CA ALA B 271 16.74 22.35 -4.87
C ALA B 271 17.55 21.08 -5.09
N MET B 272 16.95 20.06 -5.72
CA MET B 272 17.61 18.77 -5.84
C MET B 272 18.72 18.73 -6.89
N VAL B 273 18.81 19.73 -7.76
CA VAL B 273 19.92 19.71 -8.71
C VAL B 273 21.21 20.12 -8.02
N ASN B 274 21.14 20.96 -7.00
CA ASN B 274 22.30 21.31 -6.19
C ASN B 274 22.32 20.48 -4.91
N ALA B 275 23.54 20.15 -4.46
CA ALA B 275 23.74 19.20 -3.38
C ALA B 275 23.51 19.78 -1.99
N LYS B 276 23.31 21.09 -1.88
CA LYS B 276 23.16 21.71 -0.57
C LYS B 276 21.96 21.16 0.19
N ASP B 277 22.10 21.11 1.51
CA ASP B 277 21.07 20.75 2.50
C ASP B 277 20.09 19.64 2.11
N ASP B 278 20.34 18.94 1.00
CA ASP B 278 19.43 17.87 0.60
C ASP B 278 20.11 16.74 -0.15
N GLU B 279 21.44 16.73 -0.29
CA GLU B 279 22.17 15.68 -1.00
C GLU B 279 21.71 15.59 -2.45
N GLY B 280 21.73 16.73 -3.14
CA GLY B 280 21.28 16.83 -4.51
C GLY B 280 22.31 16.36 -5.50
N VAL B 281 22.10 16.75 -6.76
CA VAL B 281 22.88 16.17 -7.86
C VAL B 281 24.29 16.75 -7.91
N LEU B 282 24.42 18.08 -7.91
CA LEU B 282 25.68 18.73 -8.24
C LEU B 282 26.20 19.57 -7.09
N VAL B 283 27.52 19.60 -6.93
CA VAL B 283 28.21 20.34 -5.88
C VAL B 283 28.92 21.53 -6.51
N GLY B 284 28.70 22.72 -5.95
CA GLY B 284 29.41 23.90 -6.42
C GLY B 284 30.79 24.02 -5.80
N SER B 285 31.76 24.38 -6.64
CA SER B 285 33.12 24.63 -6.17
C SER B 285 33.80 25.67 -7.04
N TRP B 286 34.59 26.54 -6.39
CA TRP B 286 35.33 27.61 -7.06
C TRP B 286 36.81 27.63 -6.68
N ASP B 287 37.33 26.61 -5.99
CA ASP B 287 38.61 26.70 -5.30
C ASP B 287 39.81 26.33 -6.16
N ASN B 288 39.65 26.25 -7.48
CA ASN B 288 40.75 26.05 -8.42
C ASN B 288 41.45 24.69 -8.28
N ILE B 289 41.05 23.89 -7.29
CA ILE B 289 41.67 22.58 -7.04
C ILE B 289 40.75 21.44 -7.46
N TYR B 290 39.53 21.40 -6.92
CA TYR B 290 38.52 20.42 -7.30
C TYR B 290 38.99 18.99 -7.03
N ALA B 291 39.25 18.72 -5.74
CA ALA B 291 39.75 17.42 -5.33
C ALA B 291 38.67 16.35 -5.44
N TYR B 292 39.09 15.14 -5.85
CA TYR B 292 38.22 13.98 -5.94
C TYR B 292 36.99 14.25 -6.80
N GLY B 293 37.22 14.85 -7.96
CA GLY B 293 36.10 15.19 -8.82
C GLY B 293 36.57 15.74 -10.15
N VAL B 294 35.62 16.34 -10.86
CA VAL B 294 35.82 16.86 -12.21
C VAL B 294 35.70 18.38 -12.17
N PRO B 295 36.59 19.12 -12.82
CA PRO B 295 36.47 20.58 -12.85
C PRO B 295 35.20 21.01 -13.57
N PRO B 296 34.57 22.09 -13.12
CA PRO B 296 33.34 22.55 -13.79
C PRO B 296 33.48 22.77 -15.29
N SER B 297 34.60 23.34 -15.74
CA SER B 297 34.80 23.60 -17.16
C SER B 297 34.95 22.32 -17.99
N ALA B 298 35.07 21.16 -17.34
CA ALA B 298 35.30 19.93 -18.09
C ALA B 298 34.02 19.31 -18.64
N TRP B 299 32.88 19.50 -17.95
CA TRP B 299 31.63 18.91 -18.42
C TRP B 299 31.21 19.52 -19.75
N THR B 300 30.66 18.68 -20.62
CA THR B 300 30.12 19.11 -21.90
C THR B 300 28.65 18.74 -22.06
N GLY B 301 28.05 18.11 -21.07
CA GLY B 301 26.65 17.76 -21.14
C GLY B 301 26.13 17.34 -19.79
N SER B 302 24.90 16.82 -19.79
CA SER B 302 24.22 16.45 -18.56
C SER B 302 24.15 14.94 -18.33
N VAL B 303 24.34 14.13 -19.37
CA VAL B 303 24.09 12.70 -19.28
C VAL B 303 25.01 12.05 -18.24
N ASP B 304 26.30 12.37 -18.31
CA ASP B 304 27.25 11.68 -17.45
C ASP B 304 27.16 12.15 -16.01
N ILE B 305 26.79 13.42 -15.79
CA ILE B 305 26.56 13.90 -14.43
C ILE B 305 25.40 13.15 -13.79
N LEU B 306 24.25 13.12 -14.48
CA LEU B 306 23.06 12.50 -13.92
C LEU B 306 23.22 11.01 -13.75
N LEU B 307 23.84 10.34 -14.73
CA LEU B 307 24.06 8.90 -14.62
C LEU B 307 24.97 8.57 -13.45
N GLU B 308 26.00 9.39 -13.23
CA GLU B 308 26.87 9.20 -12.08
C GLU B 308 26.11 9.36 -10.77
N TYR B 309 25.15 10.29 -10.74
CA TYR B 309 24.29 10.44 -9.56
C TYR B 309 23.48 9.17 -9.32
N ARG B 310 22.85 8.64 -10.37
CA ARG B 310 22.06 7.43 -10.22
C ARG B 310 22.94 6.21 -9.94
N SER B 311 24.20 6.24 -10.37
CA SER B 311 25.10 5.12 -10.16
C SER B 311 25.81 5.20 -8.80
N SER B 312 26.44 6.33 -8.50
CA SER B 312 27.17 6.48 -7.24
C SER B 312 26.25 6.73 -6.05
N GLU B 313 25.03 7.21 -6.29
CA GLU B 313 24.09 7.60 -5.25
C GLU B 313 24.64 8.69 -4.34
N ASN B 314 25.65 9.40 -4.81
CA ASN B 314 26.28 10.51 -4.10
C ASN B 314 26.34 11.72 -5.02
N PRO B 315 26.38 12.93 -4.46
CA PRO B 315 26.49 14.13 -5.30
C PRO B 315 27.68 14.07 -6.25
N VAL B 316 27.62 14.86 -7.31
CA VAL B 316 28.65 14.86 -8.36
C VAL B 316 29.49 16.12 -8.20
N ARG B 317 30.78 15.98 -8.45
CA ARG B 317 31.75 17.06 -8.28
C ARG B 317 32.55 17.32 -9.55
N TYR B 318 32.60 18.57 -10.01
CA TYR B 318 31.90 19.68 -9.38
C TYR B 318 31.06 20.42 -10.42
N GLY B 319 30.58 21.60 -10.08
CA GLY B 319 29.76 22.36 -11.01
C GLY B 319 29.72 23.82 -10.65
N GLN B 320 29.36 24.63 -11.64
CA GLN B 320 29.14 26.06 -11.45
C GLN B 320 27.87 26.45 -12.17
N CYS B 321 27.67 27.76 -12.30
CA CYS B 321 26.40 28.34 -12.75
C CYS B 321 25.86 27.64 -14.00
N TRP B 322 26.66 27.58 -15.07
CA TRP B 322 26.16 27.03 -16.32
C TRP B 322 25.97 25.52 -16.27
N VAL B 323 26.63 24.83 -15.34
CA VAL B 323 26.48 23.39 -15.25
C VAL B 323 25.20 23.02 -14.51
N PHE B 324 24.86 23.81 -13.48
CA PHE B 324 23.58 23.62 -12.79
C PHE B 324 22.41 23.79 -13.75
N ALA B 325 22.46 24.84 -14.57
CA ALA B 325 21.39 25.07 -15.54
C ALA B 325 21.37 23.97 -16.60
N GLY B 326 22.55 23.52 -17.05
CA GLY B 326 22.61 22.45 -18.02
C GLY B 326 21.92 21.18 -17.55
N VAL B 327 22.07 20.85 -16.26
CA VAL B 327 21.43 19.67 -15.71
C VAL B 327 19.97 19.94 -15.40
N PHE B 328 19.67 21.11 -14.85
CA PHE B 328 18.27 21.47 -14.57
C PHE B 328 17.46 21.49 -15.86
N ASN B 329 18.04 21.97 -16.95
CA ASN B 329 17.34 21.97 -18.23
C ASN B 329 16.99 20.54 -18.65
N THR B 330 17.92 19.61 -18.48
CA THR B 330 17.65 18.20 -18.81
C THR B 330 16.49 17.68 -17.97
N PHE B 331 16.52 17.94 -16.67
CA PHE B 331 15.47 17.48 -15.77
C PHE B 331 14.09 17.93 -16.24
N LEU B 332 13.97 19.19 -16.66
CA LEU B 332 12.68 19.73 -17.05
C LEU B 332 12.21 19.18 -18.40
N ARG B 333 13.08 19.23 -19.41
CA ARG B 333 12.71 18.71 -20.73
C ARG B 333 12.43 17.22 -20.67
N CYS B 334 13.16 16.48 -19.83
CA CYS B 334 12.98 15.03 -19.75
C CYS B 334 11.58 14.68 -19.25
N LEU B 335 11.06 15.43 -18.28
CA LEU B 335 9.73 15.17 -17.75
C LEU B 335 8.63 15.74 -18.62
N GLY B 336 8.93 16.73 -19.47
CA GLY B 336 7.96 17.34 -20.35
C GLY B 336 7.72 18.81 -20.13
N ILE B 337 8.25 19.40 -19.06
CA ILE B 337 8.09 20.83 -18.83
C ILE B 337 9.00 21.58 -19.78
N PRO B 338 8.47 22.46 -20.63
CA PRO B 338 9.33 23.21 -21.56
C PRO B 338 10.28 24.12 -20.81
N ALA B 339 11.54 24.12 -21.24
CA ALA B 339 12.58 24.80 -20.47
C ALA B 339 13.68 25.29 -21.39
N ARG B 340 14.21 26.47 -21.06
CA ARG B 340 15.35 27.05 -21.75
C ARG B 340 16.30 27.64 -20.72
N ILE B 341 17.54 27.86 -21.14
CA ILE B 341 18.58 28.42 -20.29
C ILE B 341 18.84 29.85 -20.71
N VAL B 342 18.79 30.77 -19.75
CA VAL B 342 19.09 32.17 -20.00
C VAL B 342 20.44 32.51 -19.38
N THR B 343 21.01 33.61 -19.85
CA THR B 343 22.27 34.13 -19.31
C THR B 343 22.09 35.60 -19.01
N ASN B 344 22.31 35.99 -17.76
CA ASN B 344 22.19 37.38 -17.32
C ASN B 344 23.60 37.95 -17.16
N TYR B 345 23.95 38.91 -18.00
CA TYR B 345 25.26 39.55 -17.94
C TYR B 345 25.21 40.68 -16.92
N PHE B 346 26.24 40.73 -16.07
CA PHE B 346 26.28 41.65 -14.92
C PHE B 346 25.18 41.32 -13.92
N SER B 347 25.09 40.03 -13.59
CA SER B 347 24.07 39.53 -12.66
C SER B 347 24.46 39.89 -11.23
N ALA B 348 23.50 40.44 -10.49
CA ALA B 348 23.73 40.89 -9.13
C ALA B 348 23.40 39.79 -8.12
N HIS B 349 24.17 39.77 -7.02
CA HIS B 349 23.97 38.86 -5.91
C HIS B 349 23.64 39.69 -4.68
N ASP B 350 22.38 39.66 -4.26
CA ASP B 350 21.91 40.44 -3.11
C ASP B 350 21.95 39.58 -1.85
N ASN B 351 22.53 40.13 -0.78
CA ASN B 351 22.73 39.37 0.45
C ASN B 351 21.74 39.72 1.56
N ASP B 352 21.25 40.96 1.62
CA ASP B 352 20.38 41.39 2.70
C ASP B 352 18.93 41.56 2.28
N ALA B 353 18.55 41.04 1.11
CA ALA B 353 17.15 40.99 0.67
C ALA B 353 16.51 42.38 0.63
N ASN B 354 17.30 43.40 0.30
CA ASN B 354 16.78 44.76 0.15
C ASN B 354 16.74 45.21 -1.31
N LEU B 355 17.02 44.30 -2.25
CA LEU B 355 16.85 44.51 -3.69
C LEU B 355 17.71 45.65 -4.23
N GLN B 356 18.79 45.99 -3.54
CA GLN B 356 19.73 46.99 -4.03
C GLN B 356 21.14 46.48 -3.81
N MET B 357 22.08 47.03 -4.57
CA MET B 357 23.50 46.71 -4.40
C MET B 357 24.12 47.73 -3.46
N ASP B 358 24.20 47.37 -2.18
CA ASP B 358 24.76 48.24 -1.15
C ASP B 358 26.29 48.15 -1.22
N ILE B 359 26.92 49.23 -1.65
CA ILE B 359 28.37 49.30 -1.80
C ILE B 359 28.91 50.36 -0.86
N PHE B 360 29.86 49.99 -0.01
CA PHE B 360 30.42 50.92 0.96
C PHE B 360 31.83 51.37 0.55
N VAL B 367 37.02 51.53 -1.85
CA VAL B 367 35.90 50.62 -1.70
C VAL B 367 36.15 49.66 -0.54
N ASN B 368 35.45 49.89 0.57
CA ASN B 368 35.57 49.04 1.75
C ASN B 368 35.06 47.64 1.45
N SER B 369 35.97 46.66 1.44
CA SER B 369 35.62 45.27 1.14
C SER B 369 35.19 44.49 2.37
N LYS B 370 35.44 45.03 3.57
CA LYS B 370 35.07 44.32 4.79
C LYS B 370 33.61 44.55 5.15
N LEU B 371 33.12 45.78 4.95
CA LEU B 371 31.72 46.08 5.21
C LEU B 371 30.82 45.69 4.05
N THR B 372 31.37 45.63 2.84
CA THR B 372 30.58 45.29 1.65
C THR B 372 30.43 43.79 1.53
N LYS B 373 29.19 43.33 1.30
CA LYS B 373 28.91 41.92 1.10
C LYS B 373 28.17 41.63 -0.19
N ASP B 374 27.71 42.64 -0.92
CA ASP B 374 26.99 42.43 -2.17
C ASP B 374 27.98 42.34 -3.33
N SER B 375 27.83 41.30 -4.14
CA SER B 375 28.73 41.03 -5.25
C SER B 375 27.99 41.16 -6.58
N VAL B 376 28.78 41.12 -7.67
CA VAL B 376 28.25 41.18 -9.02
C VAL B 376 29.05 40.20 -9.88
N TRP B 377 28.36 39.24 -10.49
CA TRP B 377 29.02 38.31 -11.38
C TRP B 377 29.07 38.88 -12.79
N ASN B 378 30.09 38.45 -13.55
CA ASN B 378 30.14 38.81 -14.96
C ASN B 378 28.97 38.22 -15.72
N TYR B 379 28.54 37.02 -15.34
CA TYR B 379 27.36 36.40 -15.92
C TYR B 379 26.83 35.35 -14.94
N HIS B 380 25.56 35.02 -15.11
CA HIS B 380 24.90 33.96 -14.37
C HIS B 380 23.97 33.21 -15.30
N CYS B 381 23.73 31.94 -14.99
CA CYS B 381 22.88 31.09 -15.80
C CYS B 381 21.82 30.45 -14.91
N TRP B 382 20.55 30.67 -15.22
CA TRP B 382 19.45 29.94 -14.60
C TRP B 382 18.50 29.47 -15.69
N ASN B 383 17.48 28.73 -15.27
CA ASN B 383 16.52 28.14 -16.20
C ASN B 383 15.22 28.94 -16.22
N GLU B 384 14.48 28.76 -17.30
CA GLU B 384 13.11 29.26 -17.42
C GLU B 384 12.21 28.06 -17.74
N ALA B 385 11.08 27.97 -17.05
CA ALA B 385 10.15 26.86 -17.23
C ALA B 385 8.78 27.39 -17.62
N TRP B 386 8.14 26.69 -18.55
CA TRP B 386 6.88 27.13 -19.14
C TRP B 386 5.72 26.39 -18.47
N MET B 387 4.84 27.16 -17.84
CA MET B 387 3.68 26.59 -17.15
C MET B 387 2.68 27.70 -16.87
N THR B 388 1.45 27.30 -16.56
CA THR B 388 0.48 28.23 -16.03
C THR B 388 0.69 28.38 -14.53
N ARG B 389 0.28 29.54 -14.00
CA ARG B 389 0.38 29.83 -12.57
C ARG B 389 -1.00 30.03 -11.98
N PRO B 390 -1.77 28.95 -11.80
CA PRO B 390 -3.10 29.10 -11.18
C PRO B 390 -3.04 29.60 -9.75
N ASP B 391 -1.87 29.55 -9.11
CA ASP B 391 -1.72 30.10 -7.77
C ASP B 391 -1.47 31.60 -7.77
N LEU B 392 -1.24 32.19 -8.93
CA LEU B 392 -1.10 33.62 -9.10
C LEU B 392 -2.25 34.17 -9.93
N PRO B 393 -2.53 35.47 -9.83
CA PRO B 393 -3.60 36.06 -10.66
C PRO B 393 -3.33 35.87 -12.15
N VAL B 394 -4.36 36.15 -12.94
CA VAL B 394 -4.30 35.92 -14.37
C VAL B 394 -3.33 36.93 -15.00
N GLY B 395 -2.44 36.43 -15.86
CA GLY B 395 -1.48 37.25 -16.56
C GLY B 395 -0.03 36.97 -16.19
N PHE B 396 0.23 36.20 -15.15
CA PHE B 396 1.59 35.93 -14.69
C PHE B 396 2.04 34.50 -14.97
N GLY B 397 1.54 33.92 -16.05
CA GLY B 397 1.95 32.60 -16.46
C GLY B 397 3.09 32.64 -17.47
N GLY B 398 3.20 31.57 -18.24
CA GLY B 398 4.23 31.51 -19.27
C GLY B 398 5.56 31.13 -18.68
N TRP B 399 6.60 31.91 -19.01
CA TRP B 399 7.94 31.59 -18.56
C TRP B 399 8.11 31.91 -17.08
N GLN B 400 8.63 30.94 -16.33
CA GLN B 400 8.95 31.11 -14.92
C GLN B 400 10.44 30.87 -14.73
N ALA B 401 11.11 31.79 -14.04
CA ALA B 401 12.54 31.65 -13.78
C ALA B 401 12.76 30.69 -12.62
N VAL B 402 13.69 29.75 -12.81
CA VAL B 402 14.08 28.79 -11.79
C VAL B 402 15.59 28.66 -11.79
N ASP B 403 16.19 28.71 -10.60
CA ASP B 403 17.65 28.73 -10.45
C ASP B 403 18.05 27.65 -9.45
N SER B 404 18.77 26.64 -9.92
CA SER B 404 19.26 25.59 -9.04
C SER B 404 20.60 25.91 -8.41
N THR B 405 21.37 26.82 -9.01
CA THR B 405 22.63 27.28 -8.45
C THR B 405 22.42 27.80 -7.03
N PRO B 406 23.14 27.27 -6.04
CA PRO B 406 22.99 27.76 -4.66
C PRO B 406 23.57 29.17 -4.53
N GLN B 407 22.72 30.13 -4.21
CA GLN B 407 23.18 31.50 -3.99
C GLN B 407 22.64 32.04 -2.66
N GLU B 408 21.32 31.98 -2.48
CA GLU B 408 20.70 32.44 -1.26
C GLU B 408 19.64 31.44 -0.83
N ASN B 409 19.33 31.44 0.46
CA ASN B 409 18.29 30.57 0.99
C ASN B 409 16.92 31.05 0.51
N SER B 410 15.99 30.10 0.41
CA SER B 410 14.60 30.41 0.10
C SER B 410 13.73 29.52 0.96
N ASP B 411 13.09 30.13 1.96
CA ASP B 411 12.19 29.41 2.88
C ASP B 411 12.90 28.25 3.58
N GLY B 412 14.20 28.41 3.82
CA GLY B 412 14.97 27.45 4.59
C GLY B 412 15.85 26.52 3.78
N MET B 413 15.86 26.63 2.46
CA MET B 413 16.70 25.79 1.61
C MET B 413 17.33 26.64 0.51
N TYR B 414 18.29 26.05 -0.18
CA TYR B 414 18.98 26.73 -1.28
C TYR B 414 18.26 26.39 -2.57
N ARG B 415 17.28 27.22 -2.91
CA ARG B 415 16.48 27.05 -4.11
C ARG B 415 16.00 28.41 -4.58
N CYS B 416 15.38 28.44 -5.76
CA CYS B 416 14.98 29.70 -6.37
C CYS B 416 13.89 29.42 -7.40
N GLY B 417 12.74 30.05 -7.23
CA GLY B 417 11.65 29.93 -8.19
C GLY B 417 10.64 28.85 -7.87
N PRO B 418 9.62 28.70 -8.73
CA PRO B 418 9.41 29.48 -9.97
C PRO B 418 8.94 30.92 -9.75
N ALA B 419 9.70 31.87 -10.29
CA ALA B 419 9.35 33.28 -10.27
C ALA B 419 8.86 33.70 -11.65
N SER B 420 7.71 34.38 -11.68
CA SER B 420 7.11 34.77 -12.94
C SER B 420 7.88 35.94 -13.57
N VAL B 421 8.46 35.70 -14.74
CA VAL B 421 9.19 36.75 -15.44
C VAL B 421 8.31 37.97 -15.65
N GLN B 422 7.02 37.75 -15.92
CA GLN B 422 6.10 38.88 -16.08
C GLN B 422 5.95 39.67 -14.80
N ALA B 423 5.82 38.98 -13.66
CA ALA B 423 5.71 39.68 -12.38
C ALA B 423 6.97 40.45 -12.05
N ILE B 424 8.13 39.97 -12.51
CA ILE B 424 9.38 40.66 -12.26
C ILE B 424 9.49 41.91 -13.13
N LYS B 425 8.87 41.90 -14.32
CA LYS B 425 9.02 43.03 -15.24
C LYS B 425 8.28 44.26 -14.75
N HIS B 426 7.15 44.09 -14.07
CA HIS B 426 6.40 45.21 -13.53
C HIS B 426 6.62 45.40 -12.04
N GLY B 427 7.63 44.74 -11.46
CA GLY B 427 7.94 44.93 -10.07
C GLY B 427 6.93 44.36 -9.11
N HIS B 428 6.07 43.45 -9.56
CA HIS B 428 5.10 42.81 -8.68
C HIS B 428 5.71 41.54 -8.08
N VAL B 429 6.79 41.76 -7.33
CA VAL B 429 7.63 40.70 -6.81
C VAL B 429 7.02 40.09 -5.55
N CYS B 430 5.80 40.50 -5.21
CA CYS B 430 5.10 39.94 -4.07
C CYS B 430 4.47 38.58 -4.36
N PHE B 431 4.53 38.11 -5.60
CA PHE B 431 3.97 36.83 -5.99
C PHE B 431 5.05 35.76 -5.97
N GLN B 432 4.79 34.68 -5.24
CA GLN B 432 5.73 33.57 -5.09
C GLN B 432 6.13 32.97 -6.44
N PHE B 433 7.34 32.44 -6.56
CA PHE B 433 8.32 32.35 -5.48
C PHE B 433 9.59 33.14 -5.79
N ASP B 434 10.16 33.78 -4.77
CA ASP B 434 11.52 34.34 -4.84
C ASP B 434 11.66 35.39 -5.95
N ALA B 435 10.58 36.07 -6.29
CA ALA B 435 10.65 37.12 -7.31
C ALA B 435 11.57 38.28 -6.94
N PRO B 436 11.57 38.81 -5.71
CA PRO B 436 12.49 39.92 -5.41
C PRO B 436 13.95 39.60 -5.64
N PHE B 437 14.38 38.37 -5.33
CA PHE B 437 15.76 37.98 -5.59
C PHE B 437 16.07 38.04 -7.08
N VAL B 438 15.26 37.39 -7.91
CA VAL B 438 15.51 37.37 -9.35
C VAL B 438 15.39 38.77 -9.92
N PHE B 439 14.50 39.59 -9.37
CA PHE B 439 14.45 41.00 -9.76
C PHE B 439 15.76 41.71 -9.46
N ALA B 440 16.29 41.51 -8.25
CA ALA B 440 17.56 42.14 -7.88
C ALA B 440 18.69 41.69 -8.78
N GLU B 441 18.62 40.46 -9.29
CA GLU B 441 19.68 39.96 -10.17
C GLU B 441 19.71 40.70 -11.51
N VAL B 442 18.59 41.25 -11.94
CA VAL B 442 18.47 41.77 -13.30
C VAL B 442 18.37 43.30 -13.36
N ASN B 443 17.94 43.97 -12.31
CA ASN B 443 17.72 45.41 -12.43
C ASN B 443 17.75 46.13 -11.09
N SER B 444 18.59 45.69 -10.17
CA SER B 444 18.73 46.39 -8.89
C SER B 444 19.66 47.58 -9.04
N ASP B 445 19.33 48.66 -8.32
CA ASP B 445 20.18 49.85 -8.33
C ASP B 445 21.30 49.72 -7.30
N LEU B 446 22.40 50.41 -7.56
CA LEU B 446 23.55 50.45 -6.67
C LEU B 446 23.52 51.72 -5.83
N ILE B 447 23.77 51.58 -4.53
CA ILE B 447 23.72 52.68 -3.58
C ILE B 447 25.08 52.74 -2.89
N TYR B 448 25.96 53.61 -3.40
CA TYR B 448 27.28 53.82 -2.80
C TYR B 448 27.12 54.56 -1.48
N ILE B 449 27.11 53.82 -0.38
CA ILE B 449 27.04 54.41 0.96
C ILE B 449 28.46 54.65 1.45
N THR B 450 28.60 55.45 2.50
CA THR B 450 29.92 55.76 3.05
C THR B 450 30.00 55.38 4.53
N HIS B 457 27.95 57.17 7.06
CA HIS B 457 26.88 56.43 6.42
C HIS B 457 26.03 57.34 5.53
N VAL B 458 26.66 57.88 4.48
CA VAL B 458 26.00 58.80 3.55
C VAL B 458 26.02 58.18 2.16
N VAL B 459 25.00 58.48 1.37
CA VAL B 459 24.86 57.95 0.02
C VAL B 459 25.43 58.97 -0.94
N GLU B 460 26.58 58.66 -1.54
CA GLU B 460 27.20 59.50 -2.53
C GLU B 460 26.59 59.33 -3.92
N ASN B 461 26.93 58.23 -4.59
CA ASN B 461 26.51 57.99 -5.95
C ASN B 461 25.45 56.90 -6.02
N VAL B 462 24.67 56.92 -7.10
CA VAL B 462 23.63 55.93 -7.35
C VAL B 462 23.69 55.57 -8.83
N ASP B 463 24.07 54.32 -9.13
CA ASP B 463 24.08 53.81 -10.49
C ASP B 463 22.82 52.97 -10.72
N ALA B 464 22.18 53.18 -11.87
CA ALA B 464 20.91 52.54 -12.18
C ALA B 464 20.93 51.78 -13.50
N THR B 465 22.08 51.68 -14.16
CA THR B 465 22.18 50.98 -15.44
C THR B 465 23.21 49.86 -15.42
N HIS B 466 23.90 49.64 -14.30
CA HIS B 466 25.01 48.70 -14.28
C HIS B 466 24.53 47.25 -14.22
N ILE B 467 23.53 46.97 -13.38
CA ILE B 467 23.06 45.61 -13.19
C ILE B 467 22.15 45.21 -14.35
N GLY B 468 22.35 43.98 -14.84
CA GLY B 468 21.48 43.42 -15.86
C GLY B 468 21.52 44.15 -17.19
N LYS B 469 22.71 44.24 -17.79
CA LYS B 469 22.83 44.96 -19.05
C LYS B 469 22.21 44.19 -20.21
N LEU B 470 22.19 42.86 -20.15
CA LEU B 470 21.71 42.07 -21.26
C LEU B 470 21.37 40.66 -20.80
N ILE B 471 20.21 40.16 -21.25
CA ILE B 471 19.78 38.79 -21.01
C ILE B 471 19.52 38.13 -22.36
N VAL B 472 20.01 36.90 -22.53
CA VAL B 472 19.97 36.20 -23.81
C VAL B 472 19.65 34.73 -23.58
N THR B 473 19.30 34.06 -24.67
CA THR B 473 19.02 32.63 -24.67
C THR B 473 19.16 32.12 -26.09
N LYS B 474 19.36 30.80 -26.22
CA LYS B 474 19.47 30.19 -27.53
C LYS B 474 18.17 30.37 -28.31
N GLN B 475 18.29 30.80 -29.56
CA GLN B 475 17.12 31.03 -30.40
C GLN B 475 16.54 29.72 -30.89
N ILE B 476 15.34 29.80 -31.46
CA ILE B 476 14.69 28.66 -32.08
C ILE B 476 15.28 28.43 -33.47
N GLY B 477 15.53 27.16 -33.79
CA GLY B 477 16.03 26.78 -35.11
C GLY B 477 17.38 27.35 -35.46
N GLY B 478 18.33 27.24 -34.55
CA GLY B 478 19.67 27.72 -34.80
C GLY B 478 20.43 27.90 -33.50
N ASP B 479 21.69 28.29 -33.65
CA ASP B 479 22.58 28.55 -32.53
C ASP B 479 22.80 30.04 -32.29
N GLY B 480 21.91 30.88 -32.77
CA GLY B 480 22.02 32.31 -32.56
C GLY B 480 21.74 32.69 -31.12
N MET B 481 21.60 34.00 -30.90
CA MET B 481 21.55 34.58 -29.57
C MET B 481 20.33 35.50 -29.49
N MET B 482 19.27 35.01 -28.84
CA MET B 482 18.01 35.75 -28.77
C MET B 482 18.00 36.69 -27.57
N ASP B 483 17.94 37.99 -27.85
CA ASP B 483 17.85 39.00 -26.81
C ASP B 483 16.47 38.93 -26.14
N ILE B 484 16.45 38.62 -24.84
CA ILE B 484 15.21 38.54 -24.08
C ILE B 484 15.23 39.48 -22.87
N THR B 485 16.05 40.53 -22.94
CA THR B 485 16.12 41.48 -21.83
C THR B 485 14.77 42.18 -21.63
N ASP B 486 14.05 42.44 -22.72
CA ASP B 486 12.77 43.13 -22.64
C ASP B 486 11.70 42.33 -21.92
N THR B 487 11.95 41.04 -21.65
CA THR B 487 10.98 40.24 -20.91
C THR B 487 11.12 40.41 -19.40
N TYR B 488 12.32 40.72 -18.91
CA TYR B 488 12.58 40.85 -17.48
C TYR B 488 12.47 42.27 -16.97
N LYS B 489 12.76 43.27 -17.80
CA LYS B 489 12.79 44.65 -17.32
C LYS B 489 12.52 45.58 -18.48
N PHE B 490 12.02 46.77 -18.17
CA PHE B 490 11.86 47.80 -19.18
C PHE B 490 13.22 48.38 -19.56
N GLN B 491 13.28 48.94 -20.77
CA GLN B 491 14.52 49.50 -21.29
C GLN B 491 15.05 50.60 -20.38
N GLU B 492 16.32 50.46 -19.99
CA GLU B 492 16.95 51.47 -19.16
C GLU B 492 16.94 52.83 -19.86
N GLY B 493 16.55 53.86 -19.14
CA GLY B 493 16.38 55.18 -19.71
C GLY B 493 14.92 55.61 -19.72
N GLN B 494 14.04 54.72 -20.20
CA GLN B 494 12.61 55.00 -20.17
C GLN B 494 12.12 55.05 -18.73
N GLU B 495 11.06 55.83 -18.51
CA GLU B 495 10.57 56.04 -17.16
C GLU B 495 9.97 54.77 -16.57
N GLU B 496 9.49 53.86 -17.43
CA GLU B 496 8.88 52.63 -16.93
C GLU B 496 9.86 51.75 -16.15
N GLU B 497 11.16 51.89 -16.40
CA GLU B 497 12.13 51.09 -15.67
C GLU B 497 12.14 51.45 -14.19
N ARG B 498 12.24 52.75 -13.89
CA ARG B 498 12.24 53.20 -12.50
C ARG B 498 10.92 52.86 -11.81
N LEU B 499 9.80 53.11 -12.48
CA LEU B 499 8.50 52.85 -11.86
C LEU B 499 8.32 51.37 -11.54
N ALA B 500 8.78 50.49 -12.43
CA ALA B 500 8.77 49.06 -12.12
C ALA B 500 9.69 48.76 -10.93
N LEU B 501 10.89 49.32 -10.93
CA LEU B 501 11.84 49.09 -9.85
C LEU B 501 11.29 49.59 -8.51
N GLU B 502 10.77 50.82 -8.48
CA GLU B 502 10.27 51.38 -7.23
C GLU B 502 9.03 50.65 -6.75
N THR B 503 8.25 50.06 -7.65
CA THR B 503 7.16 49.18 -7.24
C THR B 503 7.71 47.92 -6.57
N ALA B 504 8.80 47.37 -7.10
CA ALA B 504 9.40 46.19 -6.51
C ALA B 504 10.00 46.47 -5.14
N LEU B 505 10.62 47.64 -4.97
CA LEU B 505 11.23 47.98 -3.69
C LEU B 505 10.23 48.07 -2.55
N MET B 506 8.94 48.27 -2.85
CA MET B 506 7.95 48.40 -1.80
C MET B 506 7.36 47.07 -1.36
N TYR B 507 7.55 46.00 -2.14
CA TYR B 507 7.03 44.68 -1.79
C TYR B 507 8.07 43.85 -1.04
N GLY B 508 8.71 44.46 -0.05
CA GLY B 508 9.72 43.78 0.74
C GLY B 508 11.03 43.58 -0.02
N SER B 523 1.71 59.71 1.50
CA SER B 523 1.27 60.74 0.57
C SER B 523 -0.23 60.99 0.68
N ASN B 524 -0.94 60.04 1.29
CA ASN B 524 -2.38 60.14 1.54
C ASN B 524 -3.18 60.16 0.24
N VAL B 525 -2.67 59.49 -0.80
CA VAL B 525 -3.30 59.46 -2.11
C VAL B 525 -3.76 58.04 -2.39
N ASP B 526 -5.00 57.91 -2.88
CA ASP B 526 -5.56 56.64 -3.33
C ASP B 526 -5.56 56.58 -4.85
N MET B 527 -5.47 55.37 -5.38
CA MET B 527 -5.46 55.17 -6.83
C MET B 527 -6.19 53.89 -7.18
N ASP B 528 -6.92 53.92 -8.29
CA ASP B 528 -7.59 52.74 -8.83
C ASP B 528 -7.96 53.04 -10.27
N PHE B 529 -8.32 51.98 -11.00
CA PHE B 529 -8.72 52.13 -12.40
C PHE B 529 -9.74 51.04 -12.74
N GLU B 530 -10.79 51.42 -13.46
CA GLU B 530 -11.79 50.48 -13.93
C GLU B 530 -11.89 50.54 -15.45
N VAL B 531 -12.10 49.38 -16.07
CA VAL B 531 -12.25 49.25 -17.51
C VAL B 531 -13.74 49.23 -17.84
N GLU B 532 -14.12 49.97 -18.89
CA GLU B 532 -15.54 50.17 -19.20
C GLU B 532 -15.99 49.16 -20.24
N ASN B 533 -16.54 48.03 -19.77
CA ASN B 533 -17.28 47.04 -20.56
C ASN B 533 -16.73 46.87 -21.97
N ALA B 534 -15.53 46.32 -22.10
CA ALA B 534 -14.85 46.26 -23.38
C ALA B 534 -15.38 45.10 -24.21
N VAL B 535 -15.99 45.41 -25.35
CA VAL B 535 -16.47 44.42 -26.31
C VAL B 535 -15.59 44.49 -27.54
N LEU B 536 -15.20 43.32 -28.04
CA LEU B 536 -14.36 43.21 -29.22
C LEU B 536 -14.91 44.02 -30.40
N GLY B 537 -14.04 44.80 -31.01
CA GLY B 537 -14.41 45.62 -32.16
C GLY B 537 -14.88 47.01 -31.82
N LYS B 538 -14.54 47.54 -30.66
CA LYS B 538 -14.94 48.89 -30.28
C LYS B 538 -13.94 49.47 -29.30
N ASP B 539 -13.63 50.75 -29.47
CA ASP B 539 -12.81 51.47 -28.51
C ASP B 539 -13.43 51.38 -27.11
N PHE B 540 -12.59 51.46 -26.09
CA PHE B 540 -13.09 51.45 -24.72
C PHE B 540 -12.20 52.32 -23.85
N LYS B 541 -12.78 52.83 -22.78
CA LYS B 541 -12.13 53.81 -21.91
C LYS B 541 -11.60 53.14 -20.65
N LEU B 542 -10.39 53.55 -20.25
CA LEU B 542 -9.77 53.11 -19.00
C LEU B 542 -9.65 54.32 -18.10
N SER B 543 -10.45 54.37 -17.04
CA SER B 543 -10.57 55.56 -16.20
C SER B 543 -9.81 55.32 -14.90
N ILE B 544 -8.57 55.82 -14.85
CA ILE B 544 -7.79 55.81 -13.62
C ILE B 544 -8.23 56.97 -12.74
N THR B 545 -8.48 56.68 -11.46
CA THR B 545 -8.99 57.67 -10.52
C THR B 545 -7.98 57.88 -9.40
N PHE B 546 -7.36 59.05 -9.38
CA PHE B 546 -6.50 59.46 -8.29
C PHE B 546 -7.31 60.25 -7.27
N ARG B 547 -7.22 59.86 -6.01
CA ARG B 547 -7.85 60.60 -4.91
C ARG B 547 -6.77 61.17 -4.01
N ASN B 548 -6.70 62.49 -3.92
CA ASN B 548 -5.77 63.19 -3.04
C ASN B 548 -6.54 63.68 -1.83
N ASN B 549 -6.21 63.14 -0.65
CA ASN B 549 -6.87 63.53 0.59
C ASN B 549 -6.04 64.48 1.43
N SER B 550 -4.87 64.90 0.96
CA SER B 550 -4.04 65.84 1.69
C SER B 550 -4.34 67.27 1.22
N HIS B 551 -3.76 68.23 1.95
CA HIS B 551 -3.88 69.64 1.60
C HIS B 551 -2.72 70.12 0.73
N ASN B 552 -1.98 69.19 0.13
CA ASN B 552 -0.83 69.52 -0.70
C ASN B 552 -1.14 69.28 -2.17
N ARG B 553 -0.42 70.01 -3.02
CA ARG B 553 -0.46 69.77 -4.46
C ARG B 553 0.64 68.77 -4.81
N TYR B 554 0.33 67.87 -5.75
CA TYR B 554 1.27 66.82 -6.11
C TYR B 554 1.44 66.76 -7.62
N THR B 555 2.58 66.22 -8.03
CA THR B 555 2.83 65.81 -9.40
C THR B 555 2.97 64.30 -9.44
N ILE B 556 2.34 63.68 -10.43
CA ILE B 556 2.29 62.23 -10.54
C ILE B 556 2.87 61.83 -11.89
N THR B 557 3.84 60.91 -11.86
CA THR B 557 4.30 60.21 -13.05
C THR B 557 3.78 58.79 -13.00
N ALA B 558 3.32 58.29 -14.14
CA ALA B 558 2.70 56.98 -14.18
C ALA B 558 2.87 56.39 -15.57
N TYR B 559 2.70 55.07 -15.66
CA TYR B 559 2.67 54.38 -16.93
C TYR B 559 1.53 53.38 -16.93
N LEU B 560 1.03 53.08 -18.12
CA LEU B 560 -0.05 52.12 -18.32
C LEU B 560 0.45 51.03 -19.26
N SER B 561 0.26 49.78 -18.86
CA SER B 561 0.63 48.64 -19.69
C SER B 561 -0.61 47.80 -19.93
N ALA B 562 -1.00 47.68 -21.19
CA ALA B 562 -2.19 46.94 -21.59
C ALA B 562 -1.76 45.72 -22.40
N ASN B 563 -2.27 44.55 -22.01
CA ASN B 563 -1.72 43.29 -22.49
C ASN B 563 -2.83 42.32 -22.85
N ILE B 564 -2.56 41.51 -23.87
CA ILE B 564 -3.44 40.40 -24.24
C ILE B 564 -2.96 39.16 -23.50
N THR B 565 -3.88 38.51 -22.78
CA THR B 565 -3.55 37.31 -22.05
C THR B 565 -4.52 36.19 -22.43
N PHE B 566 -4.07 34.95 -22.22
CA PHE B 566 -4.90 33.80 -22.53
C PHE B 566 -5.94 33.58 -21.43
N TYR B 567 -6.89 32.68 -21.73
CA TYR B 567 -7.91 32.35 -20.73
C TYR B 567 -7.31 31.60 -19.55
N THR B 568 -6.26 30.81 -19.79
CA THR B 568 -5.58 30.12 -18.71
C THR B 568 -4.82 31.09 -17.80
N GLY B 569 -4.36 32.21 -18.35
CA GLY B 569 -3.63 33.19 -17.57
C GLY B 569 -2.21 33.40 -18.05
N VAL B 570 -1.92 32.95 -19.26
CA VAL B 570 -0.60 33.11 -19.88
C VAL B 570 -0.57 34.42 -20.64
N PRO B 571 0.48 35.22 -20.53
CA PRO B 571 0.56 36.47 -21.29
C PRO B 571 0.90 36.21 -22.75
N LYS B 572 0.33 37.04 -23.62
CA LYS B 572 0.58 36.96 -25.06
C LYS B 572 1.42 38.14 -25.52
N ALA B 573 0.90 39.36 -25.49
CA ALA B 573 1.63 40.51 -25.98
C ALA B 573 1.14 41.77 -25.29
N GLU B 574 1.97 42.81 -25.36
CA GLU B 574 1.63 44.15 -24.91
C GLU B 574 1.16 44.95 -26.12
N PHE B 575 -0.09 45.43 -26.07
CA PHE B 575 -0.64 46.17 -27.19
C PHE B 575 -0.69 47.67 -26.97
N LYS B 576 -0.41 48.16 -25.77
CA LYS B 576 -0.39 49.59 -25.52
C LYS B 576 0.52 49.89 -24.33
N LYS B 577 1.38 50.89 -24.49
CA LYS B 577 2.25 51.36 -23.42
C LYS B 577 2.20 52.87 -23.43
N GLU B 578 1.81 53.46 -22.30
CA GLU B 578 1.60 54.90 -22.21
C GLU B 578 2.08 55.41 -20.88
N THR B 579 3.04 56.33 -20.91
CA THR B 579 3.46 57.08 -19.72
C THR B 579 2.87 58.48 -19.77
N PHE B 580 2.54 59.01 -18.60
CA PHE B 580 1.92 60.32 -18.53
C PHE B 580 2.21 60.97 -17.19
N ASP B 581 2.12 62.30 -17.16
CA ASP B 581 2.34 63.08 -15.96
C ASP B 581 1.14 63.96 -15.72
N VAL B 582 0.57 63.89 -14.52
CA VAL B 582 -0.62 64.65 -14.16
C VAL B 582 -0.39 65.32 -12.82
N THR B 583 -1.02 66.48 -12.65
CA THR B 583 -0.97 67.20 -11.39
C THR B 583 -2.25 66.88 -10.60
N LEU B 584 -2.07 66.62 -9.31
CA LEU B 584 -3.16 66.18 -8.45
C LEU B 584 -3.41 67.30 -7.43
N GLU B 585 -4.48 68.05 -7.65
CA GLU B 585 -4.81 69.13 -6.74
C GLU B 585 -5.26 68.59 -5.39
N PRO B 586 -5.06 69.35 -4.31
CA PRO B 586 -5.43 68.86 -2.99
C PRO B 586 -6.94 68.69 -2.84
N LEU B 587 -7.31 67.65 -2.08
CA LEU B 587 -8.70 67.32 -1.80
C LEU B 587 -9.52 67.25 -3.10
N SER B 588 -9.04 66.41 -4.02
CA SER B 588 -9.64 66.38 -5.35
C SER B 588 -9.47 64.99 -5.97
N PHE B 589 -10.50 64.58 -6.71
CA PHE B 589 -10.43 63.42 -7.59
C PHE B 589 -9.94 63.85 -8.97
N LYS B 590 -9.06 63.05 -9.56
CA LYS B 590 -8.57 63.28 -10.91
C LYS B 590 -8.77 61.99 -11.70
N LYS B 591 -9.49 62.09 -12.80
CA LYS B 591 -9.86 60.92 -13.60
C LYS B 591 -9.18 61.03 -14.96
N GLU B 592 -7.88 60.74 -14.99
CA GLU B 592 -7.19 60.59 -16.27
C GLU B 592 -7.77 59.36 -16.97
N ALA B 593 -8.28 59.56 -18.18
CA ALA B 593 -9.01 58.51 -18.89
C ALA B 593 -8.26 58.18 -20.16
N VAL B 594 -7.66 56.99 -20.19
CA VAL B 594 -6.96 56.51 -21.38
C VAL B 594 -7.97 55.79 -22.25
N LEU B 595 -8.03 56.19 -23.53
CA LEU B 595 -8.95 55.59 -24.49
C LEU B 595 -8.15 54.60 -25.33
N ILE B 596 -8.40 53.31 -25.11
CA ILE B 596 -7.78 52.27 -25.92
C ILE B 596 -8.56 52.17 -27.22
N GLN B 597 -7.93 52.55 -28.32
CA GLN B 597 -8.58 52.46 -29.62
C GLN B 597 -8.58 51.02 -30.10
N ALA B 598 -9.60 50.67 -30.90
CA ALA B 598 -9.76 49.29 -31.33
C ALA B 598 -8.56 48.82 -32.15
N GLY B 599 -8.03 49.69 -33.02
CA GLY B 599 -6.88 49.32 -33.83
C GLY B 599 -5.63 48.98 -33.03
N GLU B 600 -5.61 49.30 -31.74
CA GLU B 600 -4.43 49.03 -30.91
C GLU B 600 -4.32 47.57 -30.49
N TYR B 601 -5.45 46.87 -30.32
CA TYR B 601 -5.44 45.50 -29.83
C TYR B 601 -6.03 44.48 -30.78
N MET B 602 -6.90 44.89 -31.72
CA MET B 602 -7.54 43.94 -32.62
C MET B 602 -6.54 43.11 -33.43
N GLY B 603 -5.30 43.58 -33.56
CA GLY B 603 -4.30 42.88 -34.35
C GLY B 603 -3.66 41.67 -33.69
N GLN B 604 -3.84 41.51 -32.37
CA GLN B 604 -3.18 40.43 -31.62
C GLN B 604 -4.18 39.73 -30.72
N LEU B 605 -5.39 39.48 -31.21
CA LEU B 605 -6.43 38.86 -30.41
C LEU B 605 -6.53 37.38 -30.73
N LEU B 606 -7.01 36.61 -29.75
CA LEU B 606 -7.10 35.17 -29.85
C LEU B 606 -8.40 34.70 -29.20
N GLU B 607 -8.75 33.45 -29.48
CA GLU B 607 -9.99 32.87 -28.95
C GLU B 607 -9.99 32.88 -27.42
N GLN B 608 -11.05 33.46 -26.86
CA GLN B 608 -11.24 33.54 -25.40
C GLN B 608 -10.10 34.26 -24.71
N ALA B 609 -9.47 35.21 -25.40
CA ALA B 609 -8.43 36.02 -24.80
C ALA B 609 -9.02 37.00 -23.78
N SER B 610 -8.21 37.32 -22.77
CA SER B 610 -8.60 38.29 -21.75
C SER B 610 -7.66 39.49 -21.81
N LEU B 611 -8.00 40.52 -21.05
CA LEU B 611 -7.28 41.79 -21.05
C LEU B 611 -6.67 42.01 -19.68
N HIS B 612 -5.35 42.21 -19.64
CA HIS B 612 -4.61 42.44 -18.41
C HIS B 612 -3.96 43.81 -18.47
N PHE B 613 -4.09 44.58 -17.38
CA PHE B 613 -3.61 45.96 -17.35
C PHE B 613 -2.68 46.17 -16.16
N PHE B 614 -1.62 46.94 -16.40
CA PHE B 614 -0.67 47.37 -15.37
C PHE B 614 -0.68 48.88 -15.28
N VAL B 615 -0.85 49.41 -14.08
CA VAL B 615 -0.77 50.86 -13.84
C VAL B 615 0.04 51.09 -12.58
N THR B 616 1.12 51.87 -12.70
CA THR B 616 1.96 52.23 -11.57
C THR B 616 2.20 53.73 -11.61
N ALA B 617 1.82 54.42 -10.52
CA ALA B 617 1.92 55.87 -10.44
C ALA B 617 2.79 56.25 -9.26
N ARG B 618 3.70 57.21 -9.48
CA ARG B 618 4.57 57.71 -8.43
C ARG B 618 4.18 59.15 -8.09
N ILE B 619 3.89 59.39 -6.81
CA ILE B 619 3.80 60.76 -6.31
C ILE B 619 5.22 61.34 -6.33
N ASN B 620 5.48 62.21 -7.31
CA ASN B 620 6.86 62.65 -7.57
C ASN B 620 7.48 63.34 -6.36
N GLU B 621 6.68 64.07 -5.59
CA GLU B 621 7.24 64.88 -4.51
C GLU B 621 7.70 64.02 -3.34
N THR B 622 6.97 62.94 -3.06
CA THR B 622 7.25 62.10 -1.90
C THR B 622 7.83 60.74 -2.26
N ARG B 623 8.05 60.47 -3.54
CA ARG B 623 8.62 59.20 -4.02
C ARG B 623 7.79 57.98 -3.59
N ASP B 624 6.52 58.19 -3.26
CA ASP B 624 5.62 57.08 -3.00
C ASP B 624 5.11 56.48 -4.30
N VAL B 625 4.93 55.16 -4.29
CA VAL B 625 4.52 54.41 -5.47
C VAL B 625 3.31 53.57 -5.11
N LEU B 626 2.25 53.69 -5.91
CA LEU B 626 1.05 52.86 -5.77
C LEU B 626 0.81 52.14 -7.09
N ALA B 627 0.80 50.81 -7.04
CA ALA B 627 0.69 49.97 -8.23
C ALA B 627 -0.49 49.04 -8.09
N LYS B 628 -1.34 48.99 -9.12
CA LYS B 628 -2.45 48.06 -9.20
C LYS B 628 -2.40 47.33 -10.54
N GLN B 629 -2.97 46.12 -10.56
CA GLN B 629 -3.12 45.36 -11.78
C GLN B 629 -4.46 44.64 -11.75
N LYS B 630 -5.09 44.54 -12.92
CA LYS B 630 -6.42 43.95 -13.01
C LYS B 630 -6.58 43.28 -14.38
N SER B 631 -7.45 42.27 -14.42
CA SER B 631 -7.78 41.57 -15.65
C SER B 631 -9.26 41.76 -15.95
N THR B 632 -9.59 41.87 -17.23
CA THR B 632 -10.97 41.95 -17.70
C THR B 632 -11.15 41.02 -18.88
N VAL B 633 -12.28 40.33 -18.91
CA VAL B 633 -12.60 39.41 -19.99
C VAL B 633 -13.26 40.19 -21.13
N LEU B 634 -12.79 39.96 -22.34
CA LEU B 634 -13.26 40.67 -23.52
C LEU B 634 -14.51 39.99 -24.07
N THR B 635 -15.59 40.74 -24.18
CA THR B 635 -16.82 40.22 -24.77
C THR B 635 -16.63 40.07 -26.28
N ILE B 636 -16.61 38.83 -26.75
CA ILE B 636 -16.32 38.55 -28.16
C ILE B 636 -17.60 38.10 -28.86
N PRO B 637 -18.28 38.99 -29.59
CA PRO B 637 -19.49 38.59 -30.29
C PRO B 637 -19.18 37.62 -31.43
N GLU B 638 -20.18 36.81 -31.77
CA GLU B 638 -20.01 35.80 -32.81
C GLU B 638 -21.30 35.69 -33.62
N ILE B 639 -21.15 35.19 -34.84
CA ILE B 639 -22.26 34.98 -35.76
C ILE B 639 -22.67 33.52 -35.67
N ILE B 640 -23.96 33.26 -35.53
CA ILE B 640 -24.48 31.90 -35.39
C ILE B 640 -24.88 31.38 -36.76
N ILE B 641 -24.34 30.22 -37.13
CA ILE B 641 -24.62 29.58 -38.42
C ILE B 641 -25.29 28.24 -38.15
N LYS B 642 -26.46 28.05 -38.74
CA LYS B 642 -27.19 26.79 -38.68
C LYS B 642 -27.35 26.23 -40.09
N VAL B 643 -27.54 24.91 -40.18
CA VAL B 643 -27.85 24.24 -41.44
C VAL B 643 -28.99 23.27 -41.20
N ARG B 644 -30.03 23.36 -42.03
CA ARG B 644 -31.24 22.56 -41.90
C ARG B 644 -31.54 21.83 -43.20
N GLY B 645 -32.02 20.59 -43.08
CA GLY B 645 -32.39 19.80 -44.23
C GLY B 645 -31.57 18.54 -44.41
N THR B 646 -30.54 18.60 -45.26
CA THR B 646 -29.64 17.46 -45.44
C THR B 646 -28.31 17.96 -45.96
N GLN B 647 -27.25 17.21 -45.65
CA GLN B 647 -25.91 17.58 -46.06
C GLN B 647 -25.21 16.42 -46.77
N MET B 653 -29.30 22.44 -49.50
CA MET B 653 -29.53 22.64 -48.08
C MET B 653 -29.70 24.13 -47.76
N THR B 654 -30.26 24.42 -46.59
CA THR B 654 -30.57 25.78 -46.18
C THR B 654 -29.60 26.21 -45.09
N VAL B 655 -28.82 27.25 -45.37
CA VAL B 655 -27.92 27.84 -44.39
C VAL B 655 -28.58 29.08 -43.79
N ILE B 656 -28.67 29.12 -42.46
CA ILE B 656 -29.30 30.22 -41.74
C ILE B 656 -28.20 30.97 -40.99
N VAL B 657 -28.10 32.26 -41.22
CA VAL B 657 -27.11 33.12 -40.58
C VAL B 657 -27.84 34.06 -39.63
N GLU B 658 -27.43 34.06 -38.37
CA GLU B 658 -28.04 34.89 -37.33
C GLU B 658 -26.98 35.80 -36.72
N PHE B 659 -27.31 37.09 -36.61
CA PHE B 659 -26.43 38.05 -35.97
C PHE B 659 -27.24 38.96 -35.06
N THR B 660 -26.77 39.10 -33.82
CA THR B 660 -27.39 39.99 -32.85
C THR B 660 -26.44 41.14 -32.55
N ASN B 661 -26.97 42.36 -32.58
CA ASN B 661 -26.17 43.54 -32.27
C ASN B 661 -25.78 43.54 -30.81
N PRO B 662 -24.49 43.47 -30.47
CA PRO B 662 -24.08 43.48 -29.05
C PRO B 662 -23.90 44.86 -28.46
N LEU B 663 -23.93 45.91 -29.27
CA LEU B 663 -23.69 47.26 -28.79
C LEU B 663 -24.99 47.95 -28.41
N LYS B 664 -24.87 48.94 -27.51
CA LYS B 664 -26.00 49.80 -27.18
C LYS B 664 -26.28 50.85 -28.25
N GLU B 665 -25.46 50.90 -29.29
CA GLU B 665 -25.68 51.84 -30.39
C GLU B 665 -26.50 51.16 -31.48
N THR B 666 -26.77 51.90 -32.55
CA THR B 666 -27.52 51.38 -33.69
C THR B 666 -26.53 51.06 -34.81
N LEU B 667 -26.36 49.77 -35.09
CA LEU B 667 -25.52 49.35 -36.21
C LEU B 667 -26.20 49.71 -37.52
N ARG B 668 -25.44 50.32 -38.43
CA ARG B 668 -25.98 50.76 -39.71
C ARG B 668 -25.07 50.32 -40.83
N ASN B 669 -25.65 50.11 -42.00
CA ASN B 669 -24.95 49.59 -43.17
C ASN B 669 -24.22 48.29 -42.83
N VAL B 670 -24.97 47.35 -42.27
CA VAL B 670 -24.41 46.08 -41.83
C VAL B 670 -24.30 45.14 -43.04
N TRP B 671 -23.14 44.50 -43.18
CA TRP B 671 -22.90 43.56 -44.27
C TRP B 671 -22.42 42.24 -43.68
N VAL B 672 -23.22 41.20 -43.85
CA VAL B 672 -22.89 39.85 -43.38
C VAL B 672 -22.45 39.02 -44.57
N HIS B 673 -21.31 38.35 -44.44
CA HIS B 673 -20.76 37.51 -45.48
C HIS B 673 -20.92 36.04 -45.11
N LEU B 674 -20.85 35.19 -46.13
CA LEU B 674 -20.94 33.74 -45.93
C LEU B 674 -20.02 33.08 -46.95
N ASP B 675 -18.94 32.48 -46.46
CA ASP B 675 -18.04 31.70 -47.28
C ASP B 675 -18.06 30.25 -46.80
N GLY B 676 -17.69 29.34 -47.70
CA GLY B 676 -17.68 27.94 -47.40
C GLY B 676 -17.25 27.13 -48.61
N PRO B 677 -15.94 26.93 -48.76
CA PRO B 677 -15.44 26.22 -49.95
C PRO B 677 -16.01 24.81 -50.03
N GLY B 678 -16.59 24.50 -51.19
CA GLY B 678 -17.22 23.23 -51.45
C GLY B 678 -18.72 23.21 -51.25
N VAL B 679 -19.28 24.20 -50.56
CA VAL B 679 -20.72 24.26 -50.32
C VAL B 679 -21.36 25.33 -51.19
N THR B 680 -21.03 26.59 -50.93
CA THR B 680 -21.61 27.70 -51.67
C THR B 680 -20.58 28.80 -51.85
N ARG B 681 -20.54 29.36 -53.06
CA ARG B 681 -19.69 30.52 -53.35
C ARG B 681 -20.01 31.67 -52.40
N PRO B 682 -19.06 32.57 -52.16
CA PRO B 682 -19.28 33.65 -51.21
C PRO B 682 -20.47 34.52 -51.59
N MET B 683 -21.20 34.99 -50.58
CA MET B 683 -22.38 35.82 -50.75
C MET B 683 -22.37 36.89 -49.66
N LYS B 684 -23.34 37.81 -49.74
CA LYS B 684 -23.42 38.92 -48.81
C LYS B 684 -24.85 39.45 -48.80
N LYS B 685 -25.23 40.01 -47.65
CA LYS B 685 -26.58 40.53 -47.46
C LYS B 685 -26.50 41.83 -46.67
N MET B 686 -26.97 42.92 -47.29
CA MET B 686 -26.92 44.22 -46.65
C MET B 686 -28.10 44.41 -45.70
N PHE B 687 -27.82 44.89 -44.49
CA PHE B 687 -28.84 45.25 -43.52
C PHE B 687 -28.64 46.72 -43.16
N ARG B 688 -29.53 47.58 -43.65
CA ARG B 688 -29.37 49.03 -43.45
C ARG B 688 -29.42 49.41 -41.98
N GLU B 689 -30.01 48.59 -41.12
CA GLU B 689 -30.11 48.94 -39.72
C GLU B 689 -30.30 47.67 -38.90
N ILE B 690 -29.64 47.63 -37.74
CA ILE B 690 -29.87 46.62 -36.71
C ILE B 690 -29.95 47.36 -35.38
N ARG B 691 -31.11 47.30 -34.74
CA ARG B 691 -31.30 47.98 -33.48
C ARG B 691 -30.42 47.35 -32.40
N PRO B 692 -30.10 48.09 -31.35
CA PRO B 692 -29.31 47.51 -30.26
C PRO B 692 -30.00 46.28 -29.69
N ASN B 693 -29.20 45.24 -29.45
CA ASN B 693 -29.70 43.95 -28.92
C ASN B 693 -30.80 43.36 -29.80
N SER B 694 -30.80 43.69 -31.08
CA SER B 694 -31.74 43.14 -32.05
C SER B 694 -31.03 42.16 -32.97
N THR B 695 -31.72 41.09 -33.34
CA THR B 695 -31.15 40.02 -34.14
C THR B 695 -31.70 40.06 -35.57
N VAL B 696 -30.85 39.68 -36.52
CA VAL B 696 -31.21 39.58 -37.93
C VAL B 696 -30.93 38.16 -38.39
N GLN B 697 -31.77 37.67 -39.30
CA GLN B 697 -31.65 36.30 -39.82
C GLN B 697 -31.58 36.34 -41.34
N TRP B 698 -30.66 35.55 -41.90
CA TRP B 698 -30.44 35.47 -43.34
C TRP B 698 -30.44 34.00 -43.75
N GLU B 699 -31.38 33.64 -44.61
CA GLU B 699 -31.50 32.28 -45.13
C GLU B 699 -31.09 32.23 -46.59
N GLU B 700 -30.39 31.16 -46.97
CA GLU B 700 -29.99 30.97 -48.36
C GLU B 700 -29.83 29.49 -48.63
N VAL B 701 -30.08 29.09 -49.88
CA VAL B 701 -30.07 27.69 -50.28
C VAL B 701 -28.93 27.48 -51.27
N CYS B 702 -28.44 26.24 -51.31
CA CYS B 702 -27.33 25.86 -52.19
C CYS B 702 -27.22 24.35 -52.23
N ARG B 703 -26.59 23.85 -53.29
CA ARG B 703 -26.25 22.44 -53.38
C ARG B 703 -24.73 22.31 -53.32
N PRO B 704 -24.17 21.73 -52.26
CA PRO B 704 -22.71 21.60 -52.15
C PRO B 704 -22.11 20.86 -53.35
N TRP B 705 -20.84 21.13 -53.60
CA TRP B 705 -20.10 20.50 -54.69
C TRP B 705 -19.36 19.27 -54.19
N ARG B 710 -17.98 20.40 -44.81
CA ARG B 710 -16.80 21.23 -44.61
C ARG B 710 -17.05 22.28 -43.54
N LYS B 711 -16.60 23.51 -43.80
CA LYS B 711 -16.74 24.62 -42.87
C LYS B 711 -17.45 25.78 -43.57
N LEU B 712 -18.45 26.33 -42.90
CA LEU B 712 -19.05 27.60 -43.30
C LEU B 712 -18.50 28.68 -42.38
N ILE B 713 -18.09 29.81 -42.98
CA ILE B 713 -17.48 30.90 -42.24
C ILE B 713 -18.22 32.18 -42.57
N ALA B 714 -18.66 32.91 -41.55
CA ALA B 714 -19.37 34.16 -41.72
C ALA B 714 -18.55 35.31 -41.14
N SER B 715 -18.82 36.50 -41.63
CA SER B 715 -18.14 37.72 -41.19
C SER B 715 -19.07 38.89 -41.41
N MET B 716 -19.24 39.72 -40.37
CA MET B 716 -20.05 40.92 -40.47
C MET B 716 -19.17 42.16 -40.45
N SER B 717 -19.72 43.25 -40.98
CA SER B 717 -19.02 44.53 -40.98
C SER B 717 -20.07 45.63 -41.10
N SER B 718 -20.11 46.51 -40.10
CA SER B 718 -21.00 47.66 -40.13
C SER B 718 -20.19 48.95 -40.18
N ASP B 719 -20.81 50.06 -39.82
CA ASP B 719 -20.10 51.34 -39.79
C ASP B 719 -19.38 51.58 -38.47
N SER B 720 -19.90 51.04 -37.37
CA SER B 720 -19.28 51.23 -36.06
C SER B 720 -18.83 49.92 -35.43
N LEU B 721 -18.94 48.79 -36.12
CA LEU B 721 -18.54 47.51 -35.55
C LEU B 721 -18.29 46.52 -36.67
N ARG B 722 -17.06 46.02 -36.76
CA ARG B 722 -16.70 45.09 -37.82
C ARG B 722 -15.68 44.10 -37.26
N HIS B 723 -15.25 43.18 -38.11
CA HIS B 723 -14.39 42.07 -37.74
C HIS B 723 -15.00 41.26 -36.60
N VAL B 724 -16.27 40.87 -36.78
CA VAL B 724 -16.96 39.92 -35.92
C VAL B 724 -17.37 38.74 -36.78
N TYR B 725 -16.99 37.53 -36.38
CA TYR B 725 -17.04 36.39 -37.27
C TYR B 725 -17.94 35.29 -36.70
N GLY B 726 -18.20 34.29 -37.55
CA GLY B 726 -18.85 33.06 -37.13
C GLY B 726 -18.40 31.92 -38.01
N GLU B 727 -18.58 30.71 -37.50
CA GLU B 727 -18.16 29.52 -38.24
C GLU B 727 -19.05 28.34 -37.88
N LEU B 728 -18.99 27.30 -38.72
CA LEU B 728 -19.77 26.08 -38.50
C LEU B 728 -19.19 24.99 -39.38
N ASP B 729 -18.82 23.87 -38.77
CA ASP B 729 -18.34 22.69 -39.50
C ASP B 729 -19.53 21.79 -39.85
N VAL B 730 -19.65 21.45 -41.13
CA VAL B 730 -20.72 20.60 -41.63
C VAL B 730 -20.11 19.42 -42.35
N GLN B 731 -20.70 18.24 -42.16
CA GLN B 731 -20.24 17.03 -42.82
C GLN B 731 -21.10 16.75 -44.05
N ILE B 732 -20.47 16.31 -45.13
CA ILE B 732 -21.15 16.06 -46.39
C ILE B 732 -20.70 14.74 -47.00
NG TRM C 1 28.54 -23.85 20.98
CD1 TRM C 1 27.29 -23.37 21.13
NE1 TRM C 1 26.42 -23.92 20.31
CE2 TRM C 1 27.16 -24.85 19.57
CZ2 TRM C 1 26.76 -25.75 18.57
CH2 TRM C 1 27.71 -26.59 18.03
CZ3 TRM C 1 29.04 -26.54 18.44
CE3 TRM C 1 29.45 -25.66 19.43
CD2 TRM C 1 28.49 -24.82 19.98
C TRM C 1 26.94 -22.34 22.15
O TRM C 1 27.13 -21.15 21.95
C 1TX C 2 26.59 -21.39 25.26
C21 1TX C 2 24.45 -22.72 24.83
C22 1TX C 2 23.49 -23.34 23.81
C24 1TX C 2 21.50 -22.78 25.31
C26 1TX C 2 20.50 -22.77 28.86
O 1TX C 2 26.84 -22.01 26.29
CA 1TX C 2 25.65 -21.98 24.21
N 1TX C 2 26.36 -22.82 23.27
C23 1TX C 2 22.13 -23.83 24.38
C25 1TX C 2 21.42 -23.23 26.75
O13 1TX C 2 21.86 -24.27 27.17
O14 1TX C 2 20.77 -22.35 27.50
N LEU C 3 27.11 -20.18 24.99
CA LEU C 3 27.96 -19.48 25.94
C LEU C 3 27.17 -18.45 26.74
N ILE C 4 27.52 -18.28 28.03
CA ILE C 4 27.07 -17.14 28.79
C ILE C 4 27.85 -15.91 28.33
N LEU C 5 27.16 -14.80 28.14
CA LEU C 5 27.73 -13.64 27.47
C LEU C 5 27.93 -12.49 28.46
N PRO C 6 29.06 -11.78 28.40
CA PRO C 6 29.32 -10.65 29.30
C PRO C 6 28.24 -9.57 29.14
N TRP C 7 27.75 -9.06 30.27
CA TRP C 7 26.58 -8.20 30.29
C TRP C 7 26.82 -6.91 29.51
N PRO C 8 25.75 -6.15 29.19
NG TRM D 1 34.69 31.69 -17.18
CD1 TRM D 1 33.59 31.34 -16.45
NE1 TRM D 1 33.09 30.16 -16.78
CE2 TRM D 1 33.93 29.70 -17.80
CZ2 TRM D 1 33.89 28.51 -18.53
CH2 TRM D 1 34.86 28.30 -19.51
CZ3 TRM D 1 35.84 29.26 -19.76
CE3 TRM D 1 35.88 30.43 -19.04
CD2 TRM D 1 34.91 30.64 -18.06
C TRM D 1 33.06 32.27 -15.39
O TRM D 1 33.46 33.43 -15.31
C 1TX D 2 32.58 33.10 -12.57
C21 1TX D 2 30.45 31.75 -12.77
C22 1TX D 2 29.38 31.16 -13.70
C24 1TX D 2 27.51 31.96 -12.17
C26 1TX D 2 26.67 32.21 -8.60
O 1TX D 2 33.38 32.35 -12.01
CA 1TX D 2 31.51 32.55 -13.52
N 1TX D 2 32.12 31.76 -14.58
C23 1TX D 2 28.04 30.80 -13.04
C25 1TX D 2 27.53 31.65 -10.70
O13 1TX D 2 28.07 30.69 -10.20
O14 1TX D 2 26.82 32.52 -10.00
N LEU D 3 32.60 34.43 -12.42
CA LEU D 3 33.63 35.10 -11.64
C LEU D 3 33.16 36.47 -11.15
N ILE D 4 33.37 36.74 -9.86
CA ILE D 4 33.02 38.02 -9.26
C ILE D 4 33.77 39.16 -9.94
N LEU D 5 33.05 40.25 -10.24
CA LEU D 5 33.60 41.36 -11.01
C LEU D 5 33.81 42.57 -10.10
N PRO D 6 34.96 43.25 -10.18
CA PRO D 6 35.23 44.43 -9.37
C PRO D 6 34.19 45.53 -9.57
N TRP D 7 33.71 46.10 -8.45
CA TRP D 7 32.69 47.13 -8.49
C TRP D 7 33.21 48.37 -9.21
N PRO D 8 32.38 49.05 -10.01
CA PRO D 8 32.79 50.34 -10.55
C PRO D 8 32.89 51.41 -9.48
N NH2 D 9 31.88 51.49 -8.63
CA CA E . 12.92 -33.27 34.21
CA CA F . 15.94 -10.46 37.03
CA CA G . 13.26 -5.05 24.15
S SO4 H . -3.61 -57.90 8.00
O1 SO4 H . -3.80 -57.62 9.42
O2 SO4 H . -4.89 -57.85 7.31
O3 SO4 H . -2.70 -56.89 7.44
O4 SO4 H . -3.01 -59.22 7.84
CA CA I . 19.96 21.22 -2.67
CA CA J . 21.81 44.70 -0.82
CA CA K . 18.71 49.44 -13.89
S SO4 L . 3.69 -4.69 -27.68
O1 SO4 L . 4.33 -6.00 -27.46
O2 SO4 L . 2.35 -4.90 -28.21
O3 SO4 L . 4.48 -3.93 -28.64
O4 SO4 L . 3.62 -3.97 -26.42
S SO4 M . -29.98 54.89 -44.97
O1 SO4 M . -30.69 56.17 -44.91
O2 SO4 M . -30.92 53.80 -44.71
O3 SO4 M . -28.92 54.87 -43.98
O4 SO4 M . -29.40 54.72 -46.30
#